data_1HWI
#
_entry.id   1HWI
#
_cell.length_a   74.765
_cell.length_b   175.059
_cell.length_c   74.838
_cell.angle_alpha   90.00
_cell.angle_beta   118.25
_cell.angle_gamma   90.00
#
_symmetry.space_group_name_H-M   'P 1 21 1'
#
loop_
_entity.id
_entity.type
_entity.pdbx_description
1 polymer 'HMG-COA REDUCTASE'
2 non-polymer '(3R,5S,6E)-7-[3-(4-fluorophenyl)-1-(propan-2-yl)-1H-indol-2-yl]-3,5-dihydroxyhept-6-enoic acid'
3 non-polymer "ADENOSINE-5'-DIPHOSPHATE"
4 water water
#
_entity_poly.entity_id   1
_entity_poly.type   'polypeptide(L)'
_entity_poly.pdbx_seq_one_letter_code
;GAMASSVLVTQEPEIELPREPRPNEECLQILGNAEKGAKFLSDAEIIQLVNAKHIPAYKLETLIETHERGVSIRRQLLSK
KLSEPSSLQYLPYRDYNYSLVMGACCENVIGYMPIPVGVAGPLCLDEKEFQVPMATTEGCLVASTNRGCRAIGLGGGASS
RVLADGMTRGPVVRLPRACDSAEVKAWLETSEGFAVIKEAFDSTSRFARLQKLHTSIAGRNLYIRFQSRSGDAMGMNMIS
KGTEKALSKLHEYFPEMQILAVSGNYCTDKKPAAINWIEGRGKSVVCEAVIPAKVVREVLKTTTEAMIEVNINKNLVGSA
MAGSIGGYNAHAANIVTAIYIACGQDAAQNVGSSNCITLMEASGPTNEDLYISCTMPSIEIGTVGGGTNLLPQQACLQML
GVQGACKDNPGENARQLARIVCGTVMAGELSLMAALAAGHLVKSHMIHNRSKINLQDLQGACTKKTA
;
_entity_poly.pdbx_strand_id   A,B,C,D
#
loop_
_chem_comp.id
_chem_comp.type
_chem_comp.name
_chem_comp.formula
115 non-polymer '(3R,5S,6E)-7-[3-(4-fluorophenyl)-1-(propan-2-yl)-1H-indol-2-yl]-3,5-dihydroxyhept-6-enoic acid' 'C24 H26 F N O4'
ADP non-polymer ADENOSINE-5'-DIPHOSPHATE 'C10 H15 N5 O10 P2'
#
# COMPACT_ATOMS: atom_id res chain seq x y z
N LEU A 41 -47.30 -11.10 -35.40
CA LEU A 41 -45.97 -11.25 -36.06
C LEU A 41 -45.18 -12.42 -35.47
N SER A 42 -44.44 -13.11 -36.33
CA SER A 42 -43.62 -14.25 -35.89
C SER A 42 -42.21 -13.75 -35.60
N ASP A 43 -41.38 -14.60 -34.99
CA ASP A 43 -40.00 -14.23 -34.66
C ASP A 43 -39.21 -13.81 -35.91
N ALA A 44 -39.31 -14.62 -36.98
CA ALA A 44 -38.62 -14.32 -38.22
C ALA A 44 -39.07 -12.99 -38.84
N GLU A 45 -40.33 -12.62 -38.58
CA GLU A 45 -40.87 -11.37 -39.11
C GLU A 45 -40.41 -10.15 -38.32
N ILE A 46 -40.31 -10.30 -37.00
CA ILE A 46 -39.85 -9.22 -36.13
C ILE A 46 -38.37 -8.91 -36.40
N ILE A 47 -37.60 -9.97 -36.67
CA ILE A 47 -36.16 -9.84 -36.95
C ILE A 47 -35.90 -8.98 -38.21
N GLN A 48 -36.66 -9.22 -39.27
CA GLN A 48 -36.50 -8.46 -40.52
C GLN A 48 -36.83 -6.98 -40.32
N LEU A 49 -37.73 -6.71 -39.37
CA LEU A 49 -38.12 -5.34 -39.07
C LEU A 49 -36.97 -4.64 -38.34
N VAL A 50 -36.19 -5.44 -37.59
CA VAL A 50 -35.04 -4.93 -36.84
C VAL A 50 -33.89 -4.62 -37.81
N ASN A 51 -33.52 -5.62 -38.61
CA ASN A 51 -32.43 -5.47 -39.58
C ASN A 51 -32.76 -4.40 -40.63
N LEU A 60 -36.29 -3.44 -27.49
CA LEU A 60 -37.15 -4.56 -27.83
C LEU A 60 -38.24 -4.80 -26.79
N GLU A 61 -37.94 -4.52 -25.53
CA GLU A 61 -38.90 -4.70 -24.44
C GLU A 61 -40.11 -3.79 -24.60
N THR A 62 -39.90 -2.65 -25.25
CA THR A 62 -40.95 -1.67 -25.49
C THR A 62 -41.80 -2.06 -26.72
N LEU A 63 -41.13 -2.63 -27.72
CA LEU A 63 -41.77 -3.06 -28.96
C LEU A 63 -42.66 -4.30 -28.74
N ILE A 64 -42.02 -5.40 -28.34
CA ILE A 64 -42.69 -6.68 -28.09
C ILE A 64 -43.52 -6.65 -26.80
N GLU A 65 -44.38 -7.66 -26.62
CA GLU A 65 -45.23 -7.77 -25.45
C GLU A 65 -44.42 -8.20 -24.22
N THR A 66 -44.38 -9.50 -23.98
CA THR A 66 -43.64 -10.07 -22.84
C THR A 66 -42.12 -9.84 -22.93
N HIS A 67 -41.46 -9.88 -21.78
CA HIS A 67 -40.01 -9.68 -21.73
C HIS A 67 -39.24 -10.89 -22.23
N GLU A 68 -39.70 -12.09 -21.89
CA GLU A 68 -39.03 -13.32 -22.30
C GLU A 68 -38.87 -13.41 -23.82
N ARG A 69 -39.82 -12.87 -24.56
CA ARG A 69 -39.76 -12.91 -26.01
C ARG A 69 -38.76 -11.88 -26.52
N GLY A 70 -38.67 -10.74 -25.83
CA GLY A 70 -37.72 -9.72 -26.22
C GLY A 70 -36.32 -10.32 -26.12
N VAL A 71 -36.08 -11.03 -25.01
CA VAL A 71 -34.81 -11.70 -24.76
C VAL A 71 -34.55 -12.76 -25.83
N SER A 72 -35.58 -13.54 -26.15
CA SER A 72 -35.47 -14.59 -27.18
C SER A 72 -35.08 -14.01 -28.54
N ILE A 73 -35.69 -12.90 -28.93
CA ILE A 73 -35.37 -12.27 -30.20
C ILE A 73 -33.93 -11.76 -30.21
N ARG A 74 -33.54 -11.07 -29.13
CA ARG A 74 -32.20 -10.53 -28.97
C ARG A 74 -31.17 -11.64 -29.10
N ARG A 75 -31.47 -12.80 -28.51
CA ARG A 75 -30.58 -13.96 -28.56
C ARG A 75 -30.43 -14.44 -29.99
N GLN A 76 -31.55 -14.48 -30.72
CA GLN A 76 -31.53 -14.91 -32.12
C GLN A 76 -30.72 -13.96 -32.98
N LEU A 77 -30.84 -12.65 -32.71
CA LEU A 77 -30.10 -11.64 -33.45
C LEU A 77 -28.60 -11.74 -33.17
N LEU A 78 -28.25 -11.89 -31.89
CA LEU A 78 -26.87 -12.00 -31.47
C LEU A 78 -26.19 -13.21 -32.11
N SER A 79 -26.92 -14.33 -32.17
CA SER A 79 -26.42 -15.58 -32.75
C SER A 79 -25.77 -15.40 -34.11
N LYS A 80 -26.36 -14.54 -34.94
CA LYS A 80 -25.85 -14.28 -36.28
C LYS A 80 -24.43 -13.69 -36.25
N LYS A 81 -24.15 -12.88 -35.24
CA LYS A 81 -22.84 -12.26 -35.10
C LYS A 81 -21.79 -13.18 -34.46
N LEU A 82 -22.18 -14.41 -34.13
CA LEU A 82 -21.25 -15.34 -33.51
C LEU A 82 -20.56 -16.26 -34.51
N SER A 83 -19.28 -16.52 -34.28
CA SER A 83 -18.51 -17.39 -35.17
C SER A 83 -18.92 -18.84 -34.91
N GLU A 84 -19.59 -19.05 -33.77
CA GLU A 84 -20.11 -20.35 -33.37
C GLU A 84 -21.55 -20.04 -32.94
N PRO A 85 -22.48 -20.00 -33.93
CA PRO A 85 -23.91 -19.70 -33.79
C PRO A 85 -24.72 -20.40 -32.68
N SER A 86 -24.32 -21.60 -32.30
CA SER A 86 -25.05 -22.34 -31.27
C SER A 86 -24.49 -22.15 -29.86
N SER A 87 -23.68 -21.09 -29.66
CA SER A 87 -23.08 -20.80 -28.35
C SER A 87 -24.12 -20.67 -27.23
N LEU A 88 -25.19 -19.91 -27.50
CA LEU A 88 -26.25 -19.63 -26.55
C LEU A 88 -27.17 -20.77 -26.10
N GLN A 89 -27.04 -21.93 -26.73
CA GLN A 89 -27.88 -23.10 -26.42
C GLN A 89 -28.01 -23.42 -24.94
N TYR A 90 -26.88 -23.47 -24.24
CA TYR A 90 -26.89 -23.79 -22.83
C TYR A 90 -26.94 -22.60 -21.87
N LEU A 91 -27.19 -21.41 -22.41
CA LEU A 91 -27.33 -20.20 -21.58
C LEU A 91 -28.83 -20.07 -21.37
N PRO A 92 -29.32 -20.37 -20.17
CA PRO A 92 -30.75 -20.29 -19.85
C PRO A 92 -31.32 -18.88 -19.86
N TYR A 93 -32.61 -18.78 -20.13
CA TYR A 93 -33.31 -17.50 -20.17
C TYR A 93 -34.81 -17.62 -19.85
N ARG A 94 -35.37 -18.82 -19.97
CA ARG A 94 -36.79 -19.05 -19.71
C ARG A 94 -37.16 -19.15 -18.24
N ASP A 95 -38.44 -18.88 -17.95
CA ASP A 95 -39.00 -18.95 -16.60
C ASP A 95 -38.35 -18.01 -15.60
N TYR A 96 -37.96 -16.83 -16.08
CA TYR A 96 -37.34 -15.85 -15.21
C TYR A 96 -38.10 -14.53 -15.29
N ASN A 97 -38.30 -13.94 -14.12
CA ASN A 97 -39.02 -12.68 -13.99
C ASN A 97 -38.11 -11.50 -14.35
N TYR A 98 -38.18 -11.08 -15.60
CA TYR A 98 -37.37 -9.97 -16.08
C TYR A 98 -37.91 -8.58 -15.76
N SER A 99 -39.15 -8.50 -15.25
CA SER A 99 -39.76 -7.20 -14.94
C SER A 99 -39.02 -6.40 -13.87
N LEU A 100 -38.41 -7.11 -12.92
CA LEU A 100 -37.64 -6.48 -11.85
C LEU A 100 -36.21 -6.18 -12.33
N VAL A 101 -35.78 -6.86 -13.39
CA VAL A 101 -34.45 -6.71 -13.97
C VAL A 101 -34.35 -5.60 -15.01
N MET A 102 -35.29 -5.57 -15.95
CA MET A 102 -35.28 -4.58 -17.00
C MET A 102 -35.46 -3.17 -16.45
N GLY A 103 -34.54 -2.28 -16.80
CA GLY A 103 -34.60 -0.90 -16.34
C GLY A 103 -34.28 -0.73 -14.87
N ALA A 104 -33.33 -1.50 -14.35
CA ALA A 104 -32.96 -1.41 -12.93
C ALA A 104 -31.67 -2.14 -12.57
N CYS A 105 -31.50 -3.35 -13.09
CA CYS A 105 -30.33 -4.17 -12.78
C CYS A 105 -29.40 -4.52 -13.93
N CYS A 106 -29.92 -4.59 -15.16
CA CYS A 106 -29.10 -4.99 -16.30
C CYS A 106 -29.74 -4.56 -17.62
N GLU A 107 -28.93 -4.41 -18.67
CA GLU A 107 -29.41 -4.02 -20.00
C GLU A 107 -28.95 -5.04 -21.04
N ASN A 108 -29.54 -5.00 -22.23
CA ASN A 108 -29.21 -5.92 -23.32
C ASN A 108 -29.16 -7.35 -22.82
N VAL A 109 -30.16 -7.70 -22.03
CA VAL A 109 -30.26 -9.02 -21.42
C VAL A 109 -30.49 -10.15 -22.41
N ILE A 110 -29.68 -11.20 -22.28
CA ILE A 110 -29.76 -12.38 -23.14
C ILE A 110 -30.00 -13.65 -22.33
N GLY A 111 -30.24 -13.50 -21.03
CA GLY A 111 -30.48 -14.66 -20.18
C GLY A 111 -29.99 -14.45 -18.76
N TYR A 112 -29.65 -15.54 -18.10
CA TYR A 112 -29.14 -15.47 -16.73
C TYR A 112 -28.09 -16.54 -16.50
N MET A 113 -27.21 -16.31 -15.53
CA MET A 113 -26.14 -17.24 -15.21
C MET A 113 -26.40 -17.84 -13.84
N PRO A 114 -26.63 -19.16 -13.77
CA PRO A 114 -26.90 -19.84 -12.50
C PRO A 114 -25.60 -20.10 -11.73
N ILE A 115 -25.55 -19.65 -10.48
CA ILE A 115 -24.38 -19.89 -9.64
C ILE A 115 -24.84 -20.81 -8.50
N PRO A 116 -24.22 -21.99 -8.35
CA PRO A 116 -24.62 -22.92 -7.28
C PRO A 116 -24.60 -22.25 -5.90
N VAL A 117 -25.63 -22.54 -5.09
CA VAL A 117 -25.73 -21.98 -3.74
C VAL A 117 -25.68 -23.12 -2.72
N GLY A 118 -24.73 -23.01 -1.81
CA GLY A 118 -24.57 -23.99 -0.75
C GLY A 118 -24.84 -23.33 0.59
N VAL A 119 -24.99 -24.12 1.65
CA VAL A 119 -25.26 -23.54 2.96
C VAL A 119 -24.23 -23.96 3.98
N ALA A 120 -23.77 -22.99 4.77
CA ALA A 120 -22.80 -23.26 5.84
C ALA A 120 -23.46 -22.87 7.16
N GLY A 121 -23.35 -23.75 8.15
CA GLY A 121 -23.95 -23.43 9.44
C GLY A 121 -24.34 -24.63 10.29
N PRO A 122 -24.96 -24.40 11.46
CA PRO A 122 -25.29 -23.06 11.96
C PRO A 122 -24.10 -22.24 12.45
N LEU A 123 -24.16 -20.94 12.20
CA LEU A 123 -23.11 -20.02 12.66
C LEU A 123 -23.66 -19.44 13.95
N CYS A 124 -23.07 -19.83 15.07
CA CYS A 124 -23.50 -19.34 16.38
C CYS A 124 -22.86 -17.99 16.63
N LEU A 125 -23.65 -16.94 16.44
CA LEU A 125 -23.18 -15.57 16.58
C LEU A 125 -24.11 -14.73 17.44
N ASP A 126 -23.54 -14.12 18.48
CA ASP A 126 -24.29 -13.27 19.40
C ASP A 126 -25.58 -13.91 19.94
N GLU A 127 -25.46 -15.18 20.36
CA GLU A 127 -26.58 -15.94 20.91
C GLU A 127 -27.68 -16.32 19.91
N LYS A 128 -27.35 -16.23 18.63
CA LYS A 128 -28.29 -16.58 17.56
C LYS A 128 -27.61 -17.59 16.64
N GLU A 129 -28.41 -18.33 15.87
CA GLU A 129 -27.87 -19.31 14.94
C GLU A 129 -28.29 -18.92 13.54
N PHE A 130 -27.31 -18.87 12.63
CA PHE A 130 -27.58 -18.49 11.25
C PHE A 130 -27.19 -19.61 10.28
N GLN A 131 -27.97 -19.72 9.21
CA GLN A 131 -27.73 -20.69 8.15
C GLN A 131 -27.31 -19.78 7.02
N VAL A 132 -26.02 -19.78 6.70
CA VAL A 132 -25.46 -18.87 5.70
C VAL A 132 -25.39 -19.39 4.26
N PRO A 133 -26.06 -18.70 3.34
CA PRO A 133 -26.05 -19.10 1.92
C PRO A 133 -24.78 -18.57 1.28
N MET A 134 -24.14 -19.41 0.45
CA MET A 134 -22.92 -19.05 -0.24
C MET A 134 -22.97 -19.49 -1.70
N ALA A 135 -22.92 -18.51 -2.60
CA ALA A 135 -22.95 -18.78 -4.04
C ALA A 135 -21.51 -18.90 -4.53
N THR A 136 -21.10 -20.09 -4.93
CA THR A 136 -19.73 -20.31 -5.38
C THR A 136 -19.54 -21.46 -6.36
N THR A 137 -18.45 -21.40 -7.12
CA THR A 137 -18.07 -22.47 -8.05
C THR A 137 -16.73 -23.05 -7.62
N GLU A 138 -16.27 -22.68 -6.42
CA GLU A 138 -15.00 -23.19 -5.91
C GLU A 138 -15.20 -24.39 -4.99
N GLY A 139 -14.70 -25.54 -5.41
CA GLY A 139 -14.82 -26.76 -4.61
C GLY A 139 -14.20 -26.66 -3.23
N CYS A 140 -14.89 -27.23 -2.24
CA CYS A 140 -14.47 -27.27 -0.84
C CYS A 140 -14.63 -25.98 -0.04
N LEU A 141 -15.00 -24.88 -0.70
CA LEU A 141 -15.17 -23.62 0.03
C LEU A 141 -16.30 -23.72 1.06
N VAL A 142 -17.48 -24.16 0.63
CA VAL A 142 -18.62 -24.31 1.54
C VAL A 142 -18.35 -25.34 2.65
N ALA A 143 -17.78 -26.50 2.30
CA ALA A 143 -17.48 -27.56 3.28
C ALA A 143 -16.50 -27.08 4.33
N SER A 144 -15.44 -26.41 3.87
CA SER A 144 -14.41 -25.87 4.73
C SER A 144 -14.99 -24.82 5.71
N THR A 145 -15.81 -23.91 5.19
CA THR A 145 -16.44 -22.87 6.01
C THR A 145 -17.36 -23.53 7.04
N ASN A 146 -18.07 -24.58 6.61
CA ASN A 146 -18.98 -25.34 7.47
C ASN A 146 -18.21 -25.93 8.64
N ARG A 147 -16.98 -26.41 8.38
CA ARG A 147 -16.15 -26.98 9.44
C ARG A 147 -15.78 -25.90 10.46
N GLY A 148 -15.50 -24.70 9.96
CA GLY A 148 -15.14 -23.59 10.84
C GLY A 148 -16.30 -23.20 11.75
N CYS A 149 -17.53 -23.24 11.21
CA CYS A 149 -18.74 -22.93 11.98
C CYS A 149 -18.90 -23.95 13.10
N ARG A 150 -18.65 -25.22 12.78
CA ARG A 150 -18.76 -26.31 13.74
C ARG A 150 -17.82 -26.05 14.92
N ALA A 151 -16.56 -25.71 14.63
CA ALA A 151 -15.59 -25.44 15.67
C ALA A 151 -16.04 -24.29 16.56
N ILE A 152 -16.56 -23.24 15.94
CA ILE A 152 -17.05 -22.07 16.67
C ILE A 152 -18.25 -22.44 17.56
N GLY A 153 -19.16 -23.22 17.00
CA GLY A 153 -20.34 -23.65 17.74
C GLY A 153 -19.99 -24.50 18.95
N LEU A 154 -19.04 -25.41 18.77
CA LEU A 154 -18.60 -26.28 19.87
C LEU A 154 -17.85 -25.50 20.95
N GLY A 155 -17.43 -24.28 20.60
CA GLY A 155 -16.71 -23.43 21.55
C GLY A 155 -17.58 -22.40 22.26
N GLY A 156 -18.90 -22.51 22.10
CA GLY A 156 -19.77 -21.56 22.76
C GLY A 156 -20.22 -20.36 21.92
N GLY A 157 -19.83 -20.32 20.65
CA GLY A 157 -20.25 -19.22 19.80
C GLY A 157 -19.30 -18.04 19.70
N ALA A 158 -19.62 -17.16 18.76
CA ALA A 158 -18.83 -15.97 18.50
C ALA A 158 -19.59 -14.73 18.93
N SER A 159 -18.85 -13.65 19.19
CA SER A 159 -19.41 -12.36 19.59
C SER A 159 -18.94 -11.33 18.57
N SER A 160 -19.80 -10.38 18.23
CA SER A 160 -19.43 -9.35 17.27
C SER A 160 -19.96 -7.98 17.67
N ARG A 161 -19.36 -6.95 17.10
CA ARG A 161 -19.75 -5.57 17.36
C ARG A 161 -19.53 -4.73 16.12
N VAL A 162 -20.46 -3.81 15.86
CA VAL A 162 -20.34 -2.88 14.75
C VAL A 162 -19.72 -1.64 15.39
N LEU A 163 -18.54 -1.24 14.90
CA LEU A 163 -17.79 -0.11 15.43
C LEU A 163 -18.07 1.23 14.76
N ALA A 164 -18.49 1.18 13.50
CA ALA A 164 -18.77 2.39 12.74
C ALA A 164 -19.68 2.04 11.58
N ASP A 165 -20.42 3.02 11.08
CA ASP A 165 -21.36 2.83 9.98
C ASP A 165 -21.46 4.11 9.16
N GLY A 166 -21.01 4.06 7.91
CA GLY A 166 -21.10 5.22 7.05
C GLY A 166 -20.46 5.05 5.69
N MET A 167 -21.30 5.12 4.66
CA MET A 167 -20.86 5.02 3.29
C MET A 167 -20.25 6.37 2.93
N THR A 168 -19.33 6.38 1.96
CA THR A 168 -18.67 7.62 1.55
C THR A 168 -18.67 7.89 0.05
N ARG A 169 -18.36 9.14 -0.29
CA ARG A 169 -18.25 9.61 -1.67
C ARG A 169 -17.16 10.68 -1.55
N GLY A 170 -16.14 10.61 -2.41
CA GLY A 170 -15.05 11.57 -2.33
C GLY A 170 -14.79 12.37 -3.59
N PRO A 171 -15.59 13.43 -3.85
CA PRO A 171 -15.41 14.27 -5.04
C PRO A 171 -14.15 15.10 -5.01
N VAL A 172 -13.78 15.61 -6.17
CA VAL A 172 -12.63 16.48 -6.27
C VAL A 172 -13.09 17.80 -6.92
N VAL A 173 -12.78 18.91 -6.25
CA VAL A 173 -13.12 20.24 -6.79
C VAL A 173 -11.81 21.03 -6.89
N ARG A 174 -11.80 22.09 -7.69
CA ARG A 174 -10.60 22.90 -7.85
C ARG A 174 -10.89 24.38 -7.68
N LEU A 175 -9.94 25.11 -7.10
CA LEU A 175 -10.03 26.55 -6.94
C LEU A 175 -8.91 27.14 -7.80
N PRO A 176 -8.94 28.46 -8.05
CA PRO A 176 -7.89 29.08 -8.88
C PRO A 176 -6.48 28.96 -8.27
N ARG A 177 -6.37 28.98 -6.95
CA ARG A 177 -5.08 28.86 -6.28
C ARG A 177 -5.19 27.97 -5.05
N ALA A 178 -4.05 27.49 -4.57
CA ALA A 178 -3.99 26.64 -3.38
C ALA A 178 -4.39 27.45 -2.16
N CYS A 179 -4.10 28.74 -2.17
CA CYS A 179 -4.47 29.60 -1.07
C CYS A 179 -5.99 29.68 -0.95
N ASP A 180 -6.68 29.53 -2.10
CA ASP A 180 -8.14 29.54 -2.11
C ASP A 180 -8.70 28.20 -1.63
N SER A 181 -8.10 27.10 -2.07
CA SER A 181 -8.59 25.79 -1.63
C SER A 181 -8.36 25.63 -0.12
N ALA A 182 -7.28 26.22 0.37
CA ALA A 182 -6.97 26.20 1.80
C ALA A 182 -8.08 26.96 2.57
N GLU A 183 -8.56 28.05 2.00
CA GLU A 183 -9.64 28.84 2.61
C GLU A 183 -10.92 28.01 2.66
N VAL A 184 -11.23 27.29 1.57
CA VAL A 184 -12.42 26.44 1.53
C VAL A 184 -12.32 25.33 2.55
N LYS A 185 -11.12 24.73 2.68
CA LYS A 185 -10.89 23.66 3.64
C LYS A 185 -11.18 24.18 5.06
N ALA A 186 -10.63 25.36 5.37
CA ALA A 186 -10.81 26.00 6.67
C ALA A 186 -12.28 26.32 6.90
N TRP A 187 -12.96 26.78 5.85
CA TRP A 187 -14.38 27.10 5.95
C TRP A 187 -15.19 25.85 6.29
N LEU A 188 -14.89 24.73 5.62
CA LEU A 188 -15.63 23.48 5.88
C LEU A 188 -15.34 22.94 7.27
N GLU A 189 -14.24 23.38 7.87
CA GLU A 189 -13.87 22.92 9.22
C GLU A 189 -14.53 23.71 10.34
N THR A 190 -15.31 24.72 9.98
CA THR A 190 -16.02 25.52 10.98
C THR A 190 -17.36 24.86 11.26
N SER A 191 -17.90 25.08 12.45
CA SER A 191 -19.19 24.52 12.84
C SER A 191 -20.28 25.07 11.94
N GLU A 192 -20.20 26.35 11.61
CA GLU A 192 -21.18 26.97 10.73
C GLU A 192 -21.06 26.46 9.29
N GLY A 193 -19.82 26.31 8.81
CA GLY A 193 -19.59 25.82 7.47
C GLY A 193 -20.16 24.42 7.29
N PHE A 194 -19.85 23.53 8.24
CA PHE A 194 -20.34 22.16 8.21
C PHE A 194 -21.86 22.10 8.37
N ALA A 195 -22.40 23.05 9.15
CA ALA A 195 -23.84 23.12 9.40
C ALA A 195 -24.61 23.32 8.11
N VAL A 196 -24.17 24.27 7.30
CA VAL A 196 -24.85 24.55 6.04
C VAL A 196 -24.75 23.40 5.03
N ILE A 197 -23.58 22.75 4.96
CA ILE A 197 -23.37 21.63 4.04
C ILE A 197 -24.23 20.44 4.45
N LYS A 198 -24.28 20.17 5.75
CA LYS A 198 -25.07 19.07 6.29
C LYS A 198 -26.55 19.29 5.98
N GLU A 199 -27.00 20.53 6.09
CA GLU A 199 -28.38 20.88 5.82
C GLU A 199 -28.73 20.57 4.37
N ALA A 200 -27.87 20.99 3.45
CA ALA A 200 -28.09 20.74 2.02
C ALA A 200 -28.02 19.25 1.71
N PHE A 201 -27.01 18.59 2.28
CA PHE A 201 -26.81 17.15 2.10
C PHE A 201 -28.03 16.35 2.58
N ASP A 202 -28.44 16.60 3.83
CA ASP A 202 -29.54 15.89 4.46
C ASP A 202 -30.92 16.05 3.85
N SER A 203 -31.14 17.16 3.15
CA SER A 203 -32.44 17.43 2.54
C SER A 203 -32.81 16.50 1.38
N THR A 204 -31.86 15.70 0.92
CA THR A 204 -32.11 14.81 -0.21
C THR A 204 -32.80 13.49 0.10
N SER A 205 -32.88 13.15 1.38
CA SER A 205 -33.50 11.89 1.81
C SER A 205 -33.68 11.85 3.31
N ARG A 206 -34.65 11.04 3.75
CA ARG A 206 -34.96 10.87 5.17
C ARG A 206 -33.85 10.11 5.89
N PHE A 207 -33.17 9.22 5.17
CA PHE A 207 -32.11 8.39 5.75
C PHE A 207 -30.70 8.95 5.60
N ALA A 208 -30.58 10.03 4.83
CA ALA A 208 -29.29 10.66 4.58
C ALA A 208 -28.89 11.63 5.69
N ARG A 209 -28.01 11.17 6.58
CA ARG A 209 -27.52 11.98 7.69
C ARG A 209 -25.98 12.09 7.68
N LEU A 210 -25.48 13.22 7.18
CA LEU A 210 -24.04 13.48 7.10
C LEU A 210 -23.41 13.44 8.50
N GLN A 211 -22.45 12.54 8.69
CA GLN A 211 -21.77 12.39 9.96
C GLN A 211 -20.50 13.19 10.04
N LYS A 212 -19.71 13.16 8.97
CA LYS A 212 -18.47 13.93 8.97
C LYS A 212 -17.88 14.20 7.60
N LEU A 213 -16.87 15.05 7.62
CA LEU A 213 -16.16 15.49 6.44
C LEU A 213 -14.67 15.32 6.68
N HIS A 214 -13.98 14.82 5.67
CA HIS A 214 -12.54 14.67 5.75
C HIS A 214 -12.06 15.30 4.45
N THR A 215 -11.33 16.39 4.54
CA THR A 215 -10.84 17.06 3.36
C THR A 215 -9.34 16.96 3.24
N SER A 216 -8.86 16.90 2.01
CA SER A 216 -7.45 16.82 1.73
C SER A 216 -7.12 17.69 0.52
N ILE A 217 -6.02 18.42 0.61
CA ILE A 217 -5.59 19.31 -0.44
C ILE A 217 -4.41 18.77 -1.26
N ALA A 218 -4.40 19.05 -2.56
CA ALA A 218 -3.30 18.71 -3.43
C ALA A 218 -3.18 19.93 -4.32
N GLY A 219 -2.42 20.92 -3.86
CA GLY A 219 -2.26 22.15 -4.62
C GLY A 219 -3.61 22.85 -4.66
N ARG A 220 -4.07 23.22 -5.84
CA ARG A 220 -5.36 23.92 -5.96
C ARG A 220 -6.58 22.97 -5.96
N ASN A 221 -6.30 21.67 -5.85
CA ASN A 221 -7.33 20.63 -5.81
C ASN A 221 -7.73 20.40 -4.37
N LEU A 222 -9.01 20.09 -4.14
CA LEU A 222 -9.49 19.79 -2.80
C LEU A 222 -10.33 18.54 -2.91
N TYR A 223 -9.98 17.51 -2.15
CA TYR A 223 -10.73 16.26 -2.12
C TYR A 223 -11.55 16.27 -0.84
N ILE A 224 -12.84 16.04 -0.96
CA ILE A 224 -13.75 16.06 0.18
C ILE A 224 -14.43 14.72 0.32
N ARG A 225 -14.21 14.07 1.46
CA ARG A 225 -14.80 12.78 1.70
C ARG A 225 -16.04 12.93 2.58
N PHE A 226 -17.22 12.79 1.97
CA PHE A 226 -18.48 12.87 2.70
C PHE A 226 -18.79 11.50 3.24
N GLN A 227 -19.17 11.42 4.51
CA GLN A 227 -19.53 10.14 5.10
C GLN A 227 -20.91 10.24 5.75
N SER A 228 -21.78 9.28 5.45
CA SER A 228 -23.13 9.30 5.99
C SER A 228 -23.79 7.95 6.15
N ARG A 229 -24.77 7.89 7.05
CA ARG A 229 -25.57 6.69 7.30
C ARG A 229 -26.53 6.64 6.12
N SER A 230 -27.16 5.48 5.91
CA SER A 230 -28.08 5.36 4.78
C SER A 230 -29.15 4.32 5.04
N GLY A 231 -29.59 4.22 6.29
CA GLY A 231 -30.61 3.24 6.61
C GLY A 231 -30.08 1.85 6.33
N ASP A 232 -30.90 1.01 5.69
CA ASP A 232 -30.49 -0.35 5.37
C ASP A 232 -29.94 -0.49 3.95
N ALA A 233 -29.79 0.63 3.25
CA ALA A 233 -29.25 0.60 1.89
C ALA A 233 -27.72 0.71 1.92
N MET A 234 -27.07 0.14 0.91
CA MET A 234 -25.60 0.22 0.82
C MET A 234 -25.29 1.73 0.76
N GLY A 235 -26.17 2.47 0.10
CA GLY A 235 -26.08 3.91 0.07
C GLY A 235 -25.35 4.70 -0.98
N MET A 236 -24.71 4.04 -1.95
CA MET A 236 -23.97 4.78 -2.97
C MET A 236 -24.80 5.82 -3.72
N ASN A 237 -26.02 5.45 -4.14
CA ASN A 237 -26.87 6.39 -4.87
C ASN A 237 -27.32 7.56 -4.01
N MET A 238 -27.79 7.26 -2.81
CA MET A 238 -28.24 8.27 -1.84
C MET A 238 -27.10 9.25 -1.53
N ILE A 239 -25.94 8.70 -1.16
CA ILE A 239 -24.77 9.50 -0.83
C ILE A 239 -24.30 10.36 -2.00
N SER A 240 -24.37 9.82 -3.22
CA SER A 240 -23.96 10.57 -4.41
C SER A 240 -24.89 11.76 -4.65
N LYS A 241 -26.20 11.55 -4.46
CA LYS A 241 -27.18 12.64 -4.64
C LYS A 241 -26.96 13.71 -3.58
N GLY A 242 -26.78 13.29 -2.33
CA GLY A 242 -26.52 14.25 -1.27
C GLY A 242 -25.23 15.03 -1.54
N THR A 243 -24.20 14.35 -2.05
CA THR A 243 -22.92 15.00 -2.37
C THR A 243 -23.13 16.09 -3.42
N GLU A 244 -23.88 15.77 -4.46
CA GLU A 244 -24.17 16.72 -5.53
C GLU A 244 -24.85 17.98 -4.97
N LYS A 245 -25.83 17.78 -4.08
CA LYS A 245 -26.54 18.90 -3.47
C LYS A 245 -25.60 19.73 -2.59
N ALA A 246 -24.78 19.07 -1.79
CA ALA A 246 -23.85 19.77 -0.92
C ALA A 246 -22.83 20.58 -1.73
N LEU A 247 -22.37 20.05 -2.86
CA LEU A 247 -21.41 20.79 -3.69
C LEU A 247 -22.05 22.01 -4.36
N SER A 248 -23.35 21.94 -4.69
CA SER A 248 -24.05 23.10 -5.27
C SER A 248 -24.11 24.22 -4.24
N LYS A 249 -24.45 23.86 -3.00
CA LYS A 249 -24.54 24.81 -1.91
C LYS A 249 -23.16 25.44 -1.69
N LEU A 250 -22.12 24.60 -1.66
CA LEU A 250 -20.75 25.10 -1.48
C LEU A 250 -20.41 26.11 -2.58
N HIS A 251 -20.85 25.84 -3.80
CA HIS A 251 -20.60 26.71 -4.92
C HIS A 251 -21.22 28.13 -4.74
N GLU A 252 -22.29 28.23 -3.95
CA GLU A 252 -22.94 29.52 -3.70
C GLU A 252 -22.03 30.42 -2.87
N TYR A 253 -21.26 29.79 -2.00
CA TYR A 253 -20.31 30.49 -1.13
C TYR A 253 -18.97 30.74 -1.82
N PHE A 254 -18.64 29.88 -2.78
CA PHE A 254 -17.38 30.00 -3.54
C PHE A 254 -17.66 29.76 -5.02
N PRO A 255 -18.14 30.79 -5.72
CA PRO A 255 -18.46 30.69 -7.15
C PRO A 255 -17.26 30.43 -8.07
N GLU A 256 -16.04 30.69 -7.59
CA GLU A 256 -14.85 30.43 -8.41
C GLU A 256 -14.47 28.94 -8.40
N MET A 257 -15.16 28.15 -7.59
CA MET A 257 -14.89 26.72 -7.49
C MET A 257 -15.44 25.89 -8.65
N GLN A 258 -14.60 25.01 -9.17
CA GLN A 258 -14.99 24.13 -10.26
C GLN A 258 -15.16 22.72 -9.72
N ILE A 259 -16.29 22.08 -10.06
CA ILE A 259 -16.53 20.71 -9.64
C ILE A 259 -15.96 19.84 -10.76
N LEU A 260 -14.81 19.22 -10.49
CA LEU A 260 -14.15 18.38 -11.49
C LEU A 260 -14.83 17.05 -11.70
N ALA A 261 -15.16 16.36 -10.60
CA ALA A 261 -15.81 15.07 -10.69
C ALA A 261 -16.47 14.72 -9.36
N VAL A 262 -17.71 14.23 -9.42
CA VAL A 262 -18.45 13.85 -8.22
C VAL A 262 -17.69 12.76 -7.46
N SER A 263 -16.85 12.01 -8.18
CA SER A 263 -15.99 11.03 -7.55
C SER A 263 -14.56 11.30 -8.01
N GLY A 264 -13.70 11.65 -7.06
CA GLY A 264 -12.31 11.92 -7.35
C GLY A 264 -11.44 10.79 -6.82
N ASN A 265 -12.04 9.62 -6.63
CA ASN A 265 -11.33 8.42 -6.15
C ASN A 265 -10.89 8.51 -4.68
N TYR A 266 -11.45 9.48 -3.98
CA TYR A 266 -11.13 9.68 -2.57
C TYR A 266 -12.17 9.00 -1.67
N CYS A 267 -13.11 8.26 -2.27
CA CYS A 267 -14.16 7.58 -1.50
C CYS A 267 -13.64 6.53 -0.49
N THR A 268 -12.95 5.46 -0.92
CA THR A 268 -12.64 5.14 -2.32
C THR A 268 -13.51 3.93 -2.67
N ASP A 269 -14.10 3.96 -3.86
CA ASP A 269 -15.02 2.90 -4.27
C ASP A 269 -14.45 1.92 -5.30
N LYS A 270 -14.41 0.64 -4.92
CA LYS A 270 -13.94 -0.42 -5.81
C LYS A 270 -12.47 -0.41 -6.26
N LYS A 271 -11.61 0.22 -5.47
CA LYS A 271 -10.18 0.27 -5.73
C LYS A 271 -9.52 0.09 -4.38
N PRO A 272 -8.39 -0.65 -4.31
CA PRO A 272 -7.74 -0.80 -2.99
C PRO A 272 -7.23 0.57 -2.56
N ALA A 273 -7.47 0.92 -1.31
CA ALA A 273 -7.05 2.23 -0.83
C ALA A 273 -6.80 2.22 0.67
N ALA A 274 -5.71 2.84 1.08
CA ALA A 274 -5.34 2.93 2.48
C ALA A 274 -6.39 3.74 3.26
N ILE A 275 -7.02 4.71 2.62
CA ILE A 275 -8.03 5.51 3.32
C ILE A 275 -9.20 4.68 3.85
N ASN A 276 -9.60 3.65 3.12
CA ASN A 276 -10.70 2.78 3.54
C ASN A 276 -10.31 1.90 4.72
N TRP A 277 -9.06 1.44 4.69
CA TRP A 277 -8.50 0.60 5.73
C TRP A 277 -8.32 1.39 7.04
N ILE A 278 -7.86 2.63 6.92
CA ILE A 278 -7.59 3.48 8.07
C ILE A 278 -8.78 4.25 8.65
N GLU A 279 -9.64 4.78 7.77
CA GLU A 279 -10.82 5.52 8.23
C GLU A 279 -12.12 4.74 8.16
N GLY A 280 -12.09 3.58 7.48
CA GLY A 280 -13.28 2.78 7.34
C GLY A 280 -14.19 3.28 6.23
N ARG A 281 -15.09 2.42 5.77
CA ARG A 281 -16.07 2.74 4.74
C ARG A 281 -17.20 1.74 4.92
N GLY A 282 -18.44 2.20 4.94
CA GLY A 282 -19.55 1.30 5.15
C GLY A 282 -19.54 0.89 6.62
N LYS A 283 -19.58 -0.42 6.89
CA LYS A 283 -19.56 -0.92 8.26
C LYS A 283 -18.23 -1.47 8.72
N SER A 284 -17.81 -1.07 9.91
CA SER A 284 -16.58 -1.54 10.52
C SER A 284 -17.05 -2.51 11.59
N VAL A 285 -16.57 -3.74 11.51
CA VAL A 285 -16.99 -4.79 12.41
C VAL A 285 -15.81 -5.60 12.97
N VAL A 286 -16.02 -6.12 14.17
CA VAL A 286 -15.03 -6.98 14.81
C VAL A 286 -15.80 -8.18 15.38
N CYS A 287 -15.22 -9.37 15.25
CA CYS A 287 -15.84 -10.56 15.81
C CYS A 287 -14.76 -11.40 16.45
N GLU A 288 -15.14 -12.23 17.41
CA GLU A 288 -14.17 -13.04 18.14
C GLU A 288 -14.79 -14.34 18.65
N ALA A 289 -13.92 -15.29 19.00
CA ALA A 289 -14.34 -16.58 19.52
C ALA A 289 -13.15 -17.25 20.19
N VAL A 290 -13.46 -18.22 21.06
CA VAL A 290 -12.45 -18.99 21.74
C VAL A 290 -12.76 -20.45 21.39
N ILE A 291 -11.79 -21.14 20.81
CA ILE A 291 -11.96 -22.54 20.44
C ILE A 291 -11.21 -23.42 21.46
N PRO A 292 -11.94 -24.28 22.20
CA PRO A 292 -11.33 -25.16 23.20
C PRO A 292 -10.26 -26.06 22.58
N ALA A 293 -9.21 -26.36 23.34
CA ALA A 293 -8.11 -27.21 22.88
C ALA A 293 -8.61 -28.51 22.25
N LYS A 294 -9.60 -29.14 22.87
CA LYS A 294 -10.16 -30.41 22.39
C LYS A 294 -10.78 -30.26 21.01
N VAL A 295 -11.43 -29.13 20.77
CA VAL A 295 -12.05 -28.85 19.48
C VAL A 295 -10.99 -28.58 18.40
N VAL A 296 -9.91 -27.90 18.77
CA VAL A 296 -8.83 -27.62 17.83
C VAL A 296 -8.22 -28.94 17.36
N ARG A 297 -8.07 -29.87 18.31
CA ARG A 297 -7.50 -31.18 18.00
C ARG A 297 -8.42 -32.08 17.19
N GLU A 298 -9.65 -32.27 17.67
CA GLU A 298 -10.62 -33.15 17.03
C GLU A 298 -11.38 -32.64 15.81
N VAL A 299 -11.72 -31.36 15.79
CA VAL A 299 -12.45 -30.79 14.66
C VAL A 299 -11.52 -30.18 13.60
N LEU A 300 -10.55 -29.39 14.05
CA LEU A 300 -9.61 -28.74 13.14
C LEU A 300 -8.38 -29.58 12.80
N LYS A 301 -8.16 -30.66 13.54
CA LYS A 301 -7.04 -31.60 13.32
C LYS A 301 -5.65 -30.98 13.44
N THR A 302 -5.46 -30.07 14.39
CA THR A 302 -4.17 -29.43 14.56
C THR A 302 -4.02 -29.01 16.03
N THR A 303 -3.07 -28.13 16.33
CA THR A 303 -2.87 -27.66 17.69
C THR A 303 -2.93 -26.15 17.69
N THR A 304 -3.19 -25.57 18.85
CA THR A 304 -3.28 -24.13 19.03
C THR A 304 -1.96 -23.46 18.64
N GLU A 305 -0.86 -24.09 19.04
CA GLU A 305 0.49 -23.60 18.76
C GLU A 305 0.77 -23.52 17.25
N ALA A 306 0.41 -24.57 16.51
CA ALA A 306 0.62 -24.59 15.06
C ALA A 306 -0.23 -23.49 14.37
N MET A 307 -1.46 -23.30 14.83
CA MET A 307 -2.35 -22.28 14.28
C MET A 307 -1.78 -20.87 14.46
N ILE A 308 -1.29 -20.57 15.66
CA ILE A 308 -0.72 -19.27 15.97
C ILE A 308 0.55 -18.99 15.15
N GLU A 309 1.41 -19.98 15.02
CA GLU A 309 2.65 -19.83 14.26
C GLU A 309 2.35 -19.54 12.79
N VAL A 310 1.36 -20.23 12.24
CA VAL A 310 0.96 -20.00 10.86
C VAL A 310 0.31 -18.61 10.71
N ASN A 311 -0.52 -18.22 11.67
CA ASN A 311 -1.17 -16.91 11.57
C ASN A 311 -0.19 -15.75 11.56
N ILE A 312 0.79 -15.79 12.45
CA ILE A 312 1.80 -14.75 12.52
C ILE A 312 2.71 -14.69 11.29
N ASN A 313 3.17 -15.85 10.84
CA ASN A 313 4.10 -15.91 9.72
C ASN A 313 3.50 -15.81 8.32
N LYS A 314 2.19 -16.05 8.23
CA LYS A 314 1.45 -15.95 6.98
C LYS A 314 0.65 -14.65 6.90
N ASN A 315 -0.29 -14.47 7.82
CA ASN A 315 -1.16 -13.31 7.84
C ASN A 315 -0.56 -11.98 8.24
N LEU A 316 0.52 -12.03 9.03
CA LEU A 316 1.21 -10.81 9.46
C LEU A 316 2.51 -10.63 8.68
N VAL A 317 3.50 -11.48 8.95
CA VAL A 317 4.81 -11.38 8.28
C VAL A 317 4.73 -11.57 6.76
N GLY A 318 4.02 -12.59 6.29
CA GLY A 318 3.92 -12.82 4.85
C GLY A 318 3.27 -11.66 4.10
N SER A 319 2.15 -11.17 4.62
CA SER A 319 1.45 -10.04 4.03
C SER A 319 2.34 -8.78 4.07
N ALA A 320 3.13 -8.63 5.13
CA ALA A 320 4.05 -7.48 5.22
C ALA A 320 5.13 -7.59 4.13
N MET A 321 5.66 -8.79 3.92
CA MET A 321 6.70 -9.00 2.90
C MET A 321 6.16 -8.72 1.49
N ALA A 322 4.88 -9.02 1.28
CA ALA A 322 4.20 -8.81 0.00
C ALA A 322 3.78 -7.36 -0.22
N GLY A 323 3.96 -6.50 0.78
CA GLY A 323 3.57 -5.10 0.65
C GLY A 323 2.07 -4.93 0.56
N SER A 324 1.36 -5.59 1.46
CA SER A 324 -0.09 -5.51 1.49
C SER A 324 -0.63 -4.44 2.43
N ILE A 325 -1.71 -3.78 2.01
CA ILE A 325 -2.40 -2.79 2.84
C ILE A 325 -3.80 -3.39 3.00
N GLY A 326 -4.12 -3.86 4.19
CA GLY A 326 -5.44 -4.44 4.41
C GLY A 326 -5.62 -5.93 4.13
N GLY A 327 -4.58 -6.59 3.64
CA GLY A 327 -4.68 -8.01 3.34
C GLY A 327 -4.00 -8.93 4.36
N TYR A 328 -4.28 -8.71 5.64
CA TYR A 328 -3.69 -9.50 6.72
C TYR A 328 -4.60 -10.64 7.17
N ASN A 329 -4.99 -11.46 6.20
CA ASN A 329 -5.90 -12.58 6.41
C ASN A 329 -5.59 -13.69 5.38
N ALA A 330 -6.20 -14.85 5.54
CA ALA A 330 -5.98 -15.97 4.63
C ALA A 330 -6.85 -15.92 3.37
N HIS A 331 -8.16 -15.77 3.54
CA HIS A 331 -9.05 -15.72 2.37
C HIS A 331 -10.42 -15.07 2.60
N ALA A 332 -10.43 -13.95 3.29
CA ALA A 332 -11.67 -13.23 3.56
C ALA A 332 -12.47 -12.97 2.27
N ALA A 333 -11.76 -12.67 1.18
CA ALA A 333 -12.40 -12.40 -0.12
C ALA A 333 -13.29 -13.54 -0.63
N ASN A 334 -12.93 -14.79 -0.36
CA ASN A 334 -13.75 -15.93 -0.78
C ASN A 334 -15.11 -15.93 -0.11
N ILE A 335 -15.13 -15.72 1.21
CA ILE A 335 -16.37 -15.71 1.96
C ILE A 335 -17.22 -14.51 1.59
N VAL A 336 -16.60 -13.33 1.59
CA VAL A 336 -17.30 -12.10 1.25
C VAL A 336 -17.95 -12.23 -0.13
N THR A 337 -17.18 -12.72 -1.11
CA THR A 337 -17.72 -12.86 -2.46
C THR A 337 -18.88 -13.84 -2.56
N ALA A 338 -18.76 -14.99 -1.90
CA ALA A 338 -19.81 -16.02 -1.92
C ALA A 338 -21.13 -15.50 -1.33
N ILE A 339 -21.02 -14.80 -0.20
CA ILE A 339 -22.20 -14.23 0.44
C ILE A 339 -22.78 -13.10 -0.37
N TYR A 340 -21.92 -12.26 -0.93
CA TYR A 340 -22.37 -11.13 -1.74
C TYR A 340 -23.19 -11.52 -2.95
N ILE A 341 -22.74 -12.54 -3.65
CA ILE A 341 -23.44 -13.01 -4.86
C ILE A 341 -24.78 -13.64 -4.49
N ALA A 342 -24.81 -14.41 -3.41
CA ALA A 342 -26.05 -15.04 -2.98
C ALA A 342 -27.09 -14.02 -2.49
N CYS A 343 -26.63 -12.97 -1.81
CA CYS A 343 -27.51 -11.95 -1.24
C CYS A 343 -27.77 -10.68 -2.01
N GLY A 344 -27.44 -10.68 -3.31
CA GLY A 344 -27.69 -9.51 -4.12
C GLY A 344 -26.84 -8.28 -3.85
N GLN A 345 -25.65 -8.46 -3.29
CA GLN A 345 -24.78 -7.31 -3.03
C GLN A 345 -23.98 -7.00 -4.30
N ASP A 346 -23.17 -5.96 -4.24
CA ASP A 346 -22.35 -5.60 -5.38
C ASP A 346 -21.03 -6.36 -5.20
N ALA A 347 -20.85 -7.43 -5.99
CA ALA A 347 -19.66 -8.27 -5.88
C ALA A 347 -18.35 -7.55 -6.19
N ALA A 348 -18.41 -6.50 -6.99
CA ALA A 348 -17.23 -5.71 -7.33
C ALA A 348 -16.69 -5.00 -6.06
N GLN A 349 -17.56 -4.83 -5.06
CA GLN A 349 -17.15 -4.19 -3.81
C GLN A 349 -16.32 -5.10 -2.90
N ASN A 350 -16.09 -6.32 -3.36
CA ASN A 350 -15.28 -7.28 -2.64
C ASN A 350 -13.85 -6.71 -2.49
N VAL A 351 -13.44 -5.82 -3.39
CA VAL A 351 -12.13 -5.21 -3.35
C VAL A 351 -11.83 -4.60 -1.97
N GLY A 352 -12.67 -3.68 -1.51
CA GLY A 352 -12.47 -3.08 -0.20
C GLY A 352 -13.19 -3.81 0.93
N SER A 353 -14.34 -4.41 0.65
CA SER A 353 -15.08 -5.14 1.67
C SER A 353 -14.30 -6.29 2.28
N SER A 354 -13.34 -6.82 1.51
CA SER A 354 -12.50 -7.94 1.94
C SER A 354 -11.38 -7.56 2.91
N ASN A 355 -11.13 -6.27 3.10
CA ASN A 355 -10.08 -5.81 4.03
C ASN A 355 -10.29 -6.50 5.36
N CYS A 356 -9.26 -7.14 5.89
CA CYS A 356 -9.41 -7.88 7.12
C CYS A 356 -8.08 -8.21 7.80
N ILE A 357 -8.05 -8.14 9.12
CA ILE A 357 -6.86 -8.55 9.87
C ILE A 357 -7.31 -9.66 10.83
N THR A 358 -6.70 -10.82 10.69
CA THR A 358 -7.00 -12.00 11.49
C THR A 358 -5.92 -12.19 12.53
N LEU A 359 -6.33 -12.26 13.79
CA LEU A 359 -5.38 -12.43 14.89
C LEU A 359 -5.73 -13.64 15.75
N MET A 360 -4.70 -14.36 16.17
CA MET A 360 -4.87 -15.55 16.99
C MET A 360 -3.91 -15.54 18.14
N GLU A 361 -4.34 -16.10 19.26
CA GLU A 361 -3.49 -16.20 20.43
C GLU A 361 -3.96 -17.31 21.36
N ALA A 362 -3.04 -17.80 22.17
CA ALA A 362 -3.32 -18.86 23.14
C ALA A 362 -4.22 -18.27 24.23
N SER A 363 -5.11 -19.11 24.77
CA SER A 363 -6.05 -18.66 25.79
C SER A 363 -6.36 -19.77 26.80
N GLY A 364 -7.10 -19.43 27.84
CA GLY A 364 -7.46 -20.40 28.86
C GLY A 364 -6.43 -20.57 29.97
N PRO A 365 -6.83 -21.24 31.06
CA PRO A 365 -5.97 -21.50 32.23
C PRO A 365 -4.64 -22.14 31.88
N THR A 366 -4.63 -22.97 30.84
CA THR A 366 -3.43 -23.67 30.42
C THR A 366 -2.76 -23.13 29.15
N ASN A 367 -3.34 -22.08 28.54
CA ASN A 367 -2.81 -21.50 27.30
C ASN A 367 -2.89 -22.55 26.17
N GLU A 368 -3.93 -23.37 26.26
CA GLU A 368 -4.20 -24.48 25.34
C GLU A 368 -5.29 -24.16 24.31
N ASP A 369 -6.19 -23.26 24.69
CA ASP A 369 -7.33 -22.88 23.86
C ASP A 369 -6.93 -21.83 22.83
N LEU A 370 -7.71 -21.71 21.76
CA LEU A 370 -7.42 -20.76 20.70
C LEU A 370 -8.36 -19.57 20.65
N TYR A 371 -7.80 -18.38 20.88
CA TYR A 371 -8.58 -17.15 20.77
C TYR A 371 -8.36 -16.63 19.36
N ILE A 372 -9.45 -16.30 18.67
CA ILE A 372 -9.36 -15.76 17.31
C ILE A 372 -10.27 -14.54 17.17
N SER A 373 -9.83 -13.57 16.37
CA SER A 373 -10.63 -12.38 16.09
C SER A 373 -10.36 -11.94 14.67
N CYS A 374 -11.40 -11.39 14.03
CA CYS A 374 -11.28 -10.85 12.67
C CYS A 374 -11.84 -9.44 12.72
N THR A 375 -11.10 -8.49 12.17
CA THR A 375 -11.51 -7.08 12.16
C THR A 375 -11.58 -6.64 10.71
N MET A 376 -12.77 -6.18 10.30
CA MET A 376 -13.04 -5.74 8.95
C MET A 376 -13.60 -4.31 9.02
N PRO A 377 -12.76 -3.32 8.71
CA PRO A 377 -13.15 -1.91 8.76
C PRO A 377 -13.97 -1.37 7.61
N SER A 378 -14.10 -2.12 6.52
CA SER A 378 -14.84 -1.57 5.39
C SER A 378 -15.79 -2.48 4.63
N ILE A 379 -16.79 -3.00 5.33
CA ILE A 379 -17.80 -3.86 4.74
C ILE A 379 -18.91 -2.99 4.11
N GLU A 380 -18.99 -3.01 2.78
CA GLU A 380 -19.98 -2.22 2.03
C GLU A 380 -21.14 -3.16 1.72
N ILE A 381 -22.24 -2.95 2.44
CA ILE A 381 -23.37 -3.86 2.33
C ILE A 381 -24.74 -3.18 2.57
N GLY A 382 -25.82 -3.85 2.13
CA GLY A 382 -27.16 -3.32 2.28
C GLY A 382 -28.21 -4.39 2.10
N THR A 383 -29.42 -4.15 2.61
CA THR A 383 -30.50 -5.14 2.50
C THR A 383 -31.68 -4.64 1.69
N VAL A 384 -31.57 -3.40 1.19
CA VAL A 384 -32.59 -2.79 0.35
C VAL A 384 -31.90 -2.18 -0.88
N GLY A 385 -32.57 -2.23 -2.03
CA GLY A 385 -32.02 -1.67 -3.25
C GLY A 385 -31.13 -2.57 -4.09
N GLY A 386 -30.94 -2.17 -5.35
CA GLY A 386 -30.09 -2.90 -6.27
C GLY A 386 -30.45 -4.36 -6.45
N GLY A 387 -29.44 -5.23 -6.35
CA GLY A 387 -29.67 -6.66 -6.50
C GLY A 387 -30.57 -7.27 -5.43
N THR A 388 -30.70 -6.61 -4.29
CA THR A 388 -31.55 -7.15 -3.22
C THR A 388 -33.04 -7.00 -3.54
N ASN A 389 -33.37 -6.39 -4.68
CA ASN A 389 -34.76 -6.22 -5.11
C ASN A 389 -35.24 -7.44 -5.89
N LEU A 390 -34.31 -8.31 -6.28
CA LEU A 390 -34.65 -9.52 -7.05
C LEU A 390 -35.08 -10.62 -6.09
N LEU A 391 -36.05 -11.42 -6.51
CA LEU A 391 -36.62 -12.48 -5.66
C LEU A 391 -35.68 -13.57 -5.17
N PRO A 392 -34.86 -14.15 -6.06
CA PRO A 392 -33.96 -15.20 -5.57
C PRO A 392 -33.00 -14.67 -4.49
N GLN A 393 -32.47 -13.45 -4.69
CA GLN A 393 -31.56 -12.92 -3.68
C GLN A 393 -32.27 -12.50 -2.39
N GLN A 394 -33.56 -12.16 -2.48
CA GLN A 394 -34.35 -11.83 -1.30
C GLN A 394 -34.57 -13.10 -0.48
N ALA A 395 -34.63 -14.24 -1.17
CA ALA A 395 -34.82 -15.52 -0.48
C ALA A 395 -33.63 -15.81 0.44
N CYS A 396 -32.43 -15.48 -0.03
CA CYS A 396 -31.21 -15.69 0.76
C CYS A 396 -31.15 -14.71 1.92
N LEU A 397 -31.57 -13.47 1.70
CA LEU A 397 -31.60 -12.47 2.77
C LEU A 397 -32.62 -12.90 3.84
N GLN A 398 -33.75 -13.46 3.40
CA GLN A 398 -34.80 -13.93 4.32
C GLN A 398 -34.29 -15.11 5.14
N MET A 399 -33.48 -15.97 4.55
CA MET A 399 -32.91 -17.12 5.25
C MET A 399 -32.16 -16.61 6.48
N LEU A 400 -31.51 -15.46 6.32
CA LEU A 400 -30.74 -14.85 7.40
C LEU A 400 -31.58 -13.95 8.30
N GLY A 401 -32.81 -13.67 7.88
CA GLY A 401 -33.71 -12.82 8.64
C GLY A 401 -33.39 -11.34 8.55
N VAL A 402 -32.80 -10.91 7.44
CA VAL A 402 -32.42 -9.50 7.27
C VAL A 402 -32.92 -8.84 5.99
N GLN A 403 -33.88 -9.45 5.31
CA GLN A 403 -34.37 -8.90 4.06
C GLN A 403 -35.15 -7.60 4.22
N GLY A 404 -34.86 -6.64 3.35
CA GLY A 404 -35.53 -5.36 3.36
C GLY A 404 -35.19 -4.42 4.49
N ALA A 405 -36.02 -3.38 4.62
CA ALA A 405 -35.85 -2.36 5.65
C ALA A 405 -36.27 -2.83 7.02
N CYS A 406 -35.67 -2.23 8.04
CA CYS A 406 -36.04 -2.51 9.43
C CYS A 406 -36.79 -1.24 9.80
N LYS A 407 -38.12 -1.31 9.75
CA LYS A 407 -38.98 -0.17 10.05
C LYS A 407 -38.80 0.35 11.48
N ASP A 408 -38.67 -0.56 12.44
CA ASP A 408 -38.49 -0.19 13.85
C ASP A 408 -37.17 0.50 14.13
N ASN A 409 -36.09 0.02 13.51
CA ASN A 409 -34.75 0.56 13.70
C ASN A 409 -33.97 0.54 12.38
N PRO A 410 -34.14 1.60 11.57
CA PRO A 410 -33.48 1.72 10.27
C PRO A 410 -31.98 1.47 10.33
N GLY A 411 -31.50 0.61 9.45
CA GLY A 411 -30.08 0.29 9.43
C GLY A 411 -29.73 -1.00 10.16
N GLU A 412 -30.63 -1.47 11.01
CA GLU A 412 -30.40 -2.68 11.81
C GLU A 412 -30.24 -3.95 10.97
N ASN A 413 -30.98 -4.06 9.87
CA ASN A 413 -30.86 -5.25 9.02
C ASN A 413 -29.48 -5.28 8.33
N ALA A 414 -29.03 -4.11 7.86
CA ALA A 414 -27.73 -4.00 7.20
C ALA A 414 -26.58 -4.26 8.18
N ARG A 415 -26.73 -3.79 9.42
CA ARG A 415 -25.72 -4.01 10.46
C ARG A 415 -25.64 -5.47 10.83
N GLN A 416 -26.79 -6.13 10.95
CA GLN A 416 -26.83 -7.54 11.27
C GLN A 416 -26.16 -8.36 10.16
N LEU A 417 -26.43 -8.01 8.89
CA LEU A 417 -25.82 -8.72 7.77
C LEU A 417 -24.28 -8.56 7.79
N ALA A 418 -23.82 -7.35 8.12
CA ALA A 418 -22.38 -7.10 8.20
C ALA A 418 -21.73 -7.96 9.29
N ARG A 419 -22.43 -8.17 10.40
CA ARG A 419 -21.92 -8.99 11.50
C ARG A 419 -21.84 -10.46 11.07
N ILE A 420 -22.83 -10.90 10.30
CA ILE A 420 -22.87 -12.27 9.79
C ILE A 420 -21.69 -12.52 8.84
N VAL A 421 -21.40 -11.53 8.00
CA VAL A 421 -20.28 -11.63 7.05
C VAL A 421 -18.94 -11.76 7.80
N CYS A 422 -18.76 -10.92 8.82
CA CYS A 422 -17.54 -10.94 9.61
C CYS A 422 -17.41 -12.26 10.38
N GLY A 423 -18.52 -12.77 10.91
CA GLY A 423 -18.49 -14.03 11.64
C GLY A 423 -18.23 -15.22 10.70
N THR A 424 -18.78 -15.18 9.50
CA THR A 424 -18.56 -16.26 8.52
C THR A 424 -17.11 -16.23 8.02
N VAL A 425 -16.57 -15.02 7.82
CA VAL A 425 -15.17 -14.88 7.41
C VAL A 425 -14.29 -15.53 8.49
N MET A 426 -14.57 -15.24 9.76
CA MET A 426 -13.81 -15.83 10.85
C MET A 426 -13.87 -17.37 10.81
N ALA A 427 -15.04 -17.93 10.47
CA ALA A 427 -15.20 -19.38 10.36
C ALA A 427 -14.33 -19.90 9.22
N GLY A 428 -14.29 -19.14 8.12
CA GLY A 428 -13.49 -19.51 6.96
C GLY A 428 -12.00 -19.44 7.26
N GLU A 429 -11.58 -18.40 7.99
CA GLU A 429 -10.17 -18.25 8.37
C GLU A 429 -9.71 -19.40 9.25
N LEU A 430 -10.54 -19.76 10.23
CA LEU A 430 -10.23 -20.86 11.16
C LEU A 430 -9.96 -22.15 10.41
N SER A 431 -10.89 -22.51 9.52
CA SER A 431 -10.78 -23.74 8.75
C SER A 431 -9.59 -23.81 7.80
N LEU A 432 -9.35 -22.77 7.00
CA LEU A 432 -8.24 -22.77 6.08
C LEU A 432 -6.89 -22.77 6.81
N MET A 433 -6.79 -21.97 7.87
CA MET A 433 -5.55 -21.90 8.65
C MET A 433 -5.21 -23.26 9.27
N ALA A 434 -6.24 -23.97 9.75
CA ALA A 434 -6.06 -25.29 10.35
C ALA A 434 -5.56 -26.25 9.27
N ALA A 435 -6.11 -26.16 8.07
CA ALA A 435 -5.71 -27.01 6.95
C ALA A 435 -4.25 -26.75 6.56
N LEU A 436 -3.86 -25.48 6.50
CA LEU A 436 -2.49 -25.10 6.15
C LEU A 436 -1.51 -25.52 7.24
N ALA A 437 -1.95 -25.41 8.49
CA ALA A 437 -1.11 -25.77 9.64
C ALA A 437 -0.86 -27.28 9.72
N ALA A 438 -1.92 -28.05 9.52
CA ALA A 438 -1.85 -29.50 9.58
C ALA A 438 -1.32 -30.15 8.29
N GLY A 439 -1.40 -29.42 7.18
CA GLY A 439 -0.95 -29.93 5.89
C GLY A 439 -2.03 -30.73 5.18
N HIS A 440 -3.30 -30.41 5.42
CA HIS A 440 -4.41 -31.12 4.79
C HIS A 440 -4.93 -30.39 3.55
N LEU A 441 -4.25 -30.59 2.43
CA LEU A 441 -4.64 -29.95 1.18
C LEU A 441 -5.43 -30.91 0.27
N LEU B 41 -37.78 -44.48 1.01
CA LEU B 41 -38.21 -44.22 -0.40
C LEU B 41 -38.97 -42.91 -0.62
N SER B 42 -39.50 -42.33 0.45
CA SER B 42 -40.21 -41.05 0.32
C SER B 42 -39.43 -39.98 1.08
N ASP B 43 -39.50 -38.74 0.61
CA ASP B 43 -38.79 -37.63 1.24
C ASP B 43 -39.04 -37.55 2.75
N ALA B 44 -40.28 -37.82 3.16
CA ALA B 44 -40.64 -37.79 4.58
C ALA B 44 -39.95 -38.91 5.37
N GLU B 45 -39.85 -40.09 4.76
CA GLU B 45 -39.21 -41.25 5.40
C GLU B 45 -37.71 -41.01 5.54
N ILE B 46 -37.09 -40.56 4.44
CA ILE B 46 -35.67 -40.27 4.41
C ILE B 46 -35.31 -39.23 5.49
N ILE B 47 -36.13 -38.19 5.62
CA ILE B 47 -35.93 -37.13 6.60
C ILE B 47 -36.00 -37.64 8.04
N GLN B 48 -36.97 -38.51 8.31
CA GLN B 48 -37.17 -39.10 9.64
C GLN B 48 -35.96 -39.95 10.02
N LEU B 49 -35.45 -40.68 9.03
CA LEU B 49 -34.29 -41.55 9.21
C LEU B 49 -33.05 -40.69 9.53
N VAL B 50 -32.91 -39.58 8.81
CA VAL B 50 -31.79 -38.66 9.01
C VAL B 50 -31.87 -38.01 10.40
N ASN B 51 -33.06 -37.56 10.78
CA ASN B 51 -33.27 -36.92 12.08
C ASN B 51 -33.05 -37.86 13.26
N ALA B 52 -32.98 -39.16 12.97
CA ALA B 52 -32.75 -40.18 13.99
C ALA B 52 -31.27 -40.23 14.37
N LYS B 53 -30.54 -39.15 14.05
CA LYS B 53 -29.11 -39.00 14.33
C LYS B 53 -28.25 -40.08 13.69
N HIS B 54 -28.29 -40.15 12.37
CA HIS B 54 -27.52 -41.15 11.64
C HIS B 54 -26.62 -40.54 10.56
N ILE B 55 -27.15 -39.57 9.82
CA ILE B 55 -26.39 -38.93 8.75
C ILE B 55 -26.46 -37.41 8.76
N PRO B 56 -25.31 -36.74 8.59
CA PRO B 56 -25.28 -35.27 8.56
C PRO B 56 -25.92 -34.83 7.24
N ALA B 57 -26.57 -33.68 7.25
CA ALA B 57 -27.25 -33.17 6.06
C ALA B 57 -26.37 -33.01 4.81
N TYR B 58 -25.05 -32.87 5.00
CA TYR B 58 -24.15 -32.69 3.87
C TYR B 58 -23.85 -33.91 3.01
N LYS B 59 -23.91 -35.11 3.60
CA LYS B 59 -23.65 -36.33 2.85
C LYS B 59 -24.95 -37.01 2.41
N LEU B 60 -25.89 -36.18 1.94
CA LEU B 60 -27.19 -36.65 1.47
C LEU B 60 -27.12 -37.32 0.10
N GLU B 61 -26.37 -36.72 -0.83
CA GLU B 61 -26.22 -37.25 -2.18
C GLU B 61 -25.64 -38.65 -2.25
N THR B 62 -24.73 -38.98 -1.34
CA THR B 62 -24.10 -40.30 -1.32
C THR B 62 -25.03 -41.39 -0.79
N LEU B 63 -26.32 -41.07 -0.67
CA LEU B 63 -27.32 -42.00 -0.18
C LEU B 63 -28.52 -42.13 -1.13
N ILE B 64 -28.81 -41.08 -1.89
CA ILE B 64 -29.93 -41.07 -2.83
C ILE B 64 -29.47 -41.30 -4.28
N GLU B 65 -30.36 -41.82 -5.11
CA GLU B 65 -30.05 -42.13 -6.51
C GLU B 65 -30.47 -41.04 -7.51
N THR B 66 -30.22 -39.79 -7.14
CA THR B 66 -30.52 -38.62 -7.97
C THR B 66 -30.09 -37.35 -7.23
N HIS B 67 -29.27 -36.54 -7.90
CA HIS B 67 -28.74 -35.31 -7.32
C HIS B 67 -29.80 -34.28 -6.96
N GLU B 68 -30.70 -34.00 -7.89
CA GLU B 68 -31.76 -33.02 -7.67
C GLU B 68 -32.64 -33.38 -6.48
N ARG B 69 -32.76 -34.67 -6.18
CA ARG B 69 -33.57 -35.09 -5.05
C ARG B 69 -32.83 -34.81 -3.74
N GLY B 70 -31.51 -34.99 -3.75
CA GLY B 70 -30.73 -34.71 -2.55
C GLY B 70 -30.89 -33.22 -2.22
N VAL B 71 -30.86 -32.39 -3.25
CA VAL B 71 -31.04 -30.95 -3.09
C VAL B 71 -32.43 -30.64 -2.52
N SER B 72 -33.45 -31.26 -3.10
CA SER B 72 -34.85 -31.08 -2.67
C SER B 72 -34.99 -31.43 -1.19
N ILE B 73 -34.44 -32.57 -0.80
CA ILE B 73 -34.49 -33.00 0.58
C ILE B 73 -33.71 -32.08 1.52
N ARG B 74 -32.52 -31.62 1.11
CA ARG B 74 -31.73 -30.73 1.97
C ARG B 74 -32.50 -29.43 2.23
N ARG B 75 -33.22 -28.97 1.22
CA ARG B 75 -34.03 -27.75 1.35
C ARG B 75 -35.11 -27.92 2.41
N GLN B 76 -35.78 -29.07 2.38
CA GLN B 76 -36.84 -29.38 3.36
C GLN B 76 -36.26 -29.42 4.77
N LEU B 77 -35.08 -30.05 4.92
CA LEU B 77 -34.40 -30.13 6.22
C LEU B 77 -34.02 -28.73 6.72
N LEU B 78 -33.48 -27.91 5.82
CA LEU B 78 -33.08 -26.55 6.15
C LEU B 78 -34.27 -25.69 6.55
N SER B 79 -35.39 -25.87 5.83
CA SER B 79 -36.63 -25.12 6.09
C SER B 79 -37.09 -25.12 7.54
N LYS B 80 -37.05 -26.27 8.18
CA LYS B 80 -37.49 -26.37 9.57
C LYS B 80 -36.56 -25.70 10.59
N LYS B 81 -35.38 -25.27 10.15
CA LYS B 81 -34.41 -24.61 11.02
C LYS B 81 -34.43 -23.08 10.86
N LEU B 82 -35.25 -22.58 9.95
CA LEU B 82 -35.34 -21.15 9.70
C LEU B 82 -36.46 -20.46 10.48
N SER B 83 -36.22 -19.20 10.85
CA SER B 83 -37.22 -18.41 11.57
C SER B 83 -38.42 -18.18 10.64
N GLU B 84 -38.15 -18.31 9.34
CA GLU B 84 -39.17 -18.19 8.30
C GLU B 84 -38.98 -19.38 7.33
N PRO B 85 -39.74 -20.47 7.55
CA PRO B 85 -39.71 -21.70 6.75
C PRO B 85 -39.96 -21.58 5.24
N SER B 86 -40.69 -20.55 4.84
CA SER B 86 -41.02 -20.33 3.42
C SER B 86 -39.99 -19.49 2.67
N SER B 87 -38.90 -19.10 3.34
CA SER B 87 -37.87 -18.27 2.71
C SER B 87 -37.24 -18.86 1.45
N LEU B 88 -37.11 -20.18 1.38
CA LEU B 88 -36.52 -20.86 0.22
C LEU B 88 -37.43 -20.95 -1.01
N GLN B 89 -38.67 -20.52 -0.85
CA GLN B 89 -39.67 -20.56 -1.92
C GLN B 89 -39.20 -20.05 -3.28
N TYR B 90 -38.63 -18.85 -3.31
CA TYR B 90 -38.16 -18.25 -4.54
C TYR B 90 -36.70 -18.51 -4.96
N LEU B 91 -36.03 -19.42 -4.26
CA LEU B 91 -34.66 -19.80 -4.63
C LEU B 91 -34.83 -21.02 -5.50
N PRO B 92 -34.54 -20.90 -6.81
CA PRO B 92 -34.67 -22.00 -7.78
C PRO B 92 -33.72 -23.14 -7.46
N TYR B 93 -34.04 -24.31 -7.99
CA TYR B 93 -33.23 -25.52 -7.80
C TYR B 93 -33.50 -26.57 -8.88
N ARG B 94 -34.63 -26.48 -9.56
CA ARG B 94 -34.98 -27.47 -10.59
C ARG B 94 -34.43 -27.19 -11.98
N ASP B 95 -34.33 -28.25 -12.78
CA ASP B 95 -33.84 -28.20 -14.16
C ASP B 95 -32.39 -27.74 -14.29
N TYR B 96 -31.53 -28.26 -13.41
CA TYR B 96 -30.12 -27.91 -13.41
C TYR B 96 -29.27 -29.16 -13.29
N ASN B 97 -28.19 -29.23 -14.08
CA ASN B 97 -27.29 -30.37 -14.07
C ASN B 97 -26.33 -30.30 -12.87
N TYR B 98 -26.72 -30.92 -11.77
CA TYR B 98 -25.90 -30.93 -10.56
C TYR B 98 -24.76 -31.95 -10.57
N SER B 99 -24.69 -32.81 -11.58
CA SER B 99 -23.63 -33.81 -11.64
C SER B 99 -22.26 -33.17 -11.84
N LEU B 100 -22.23 -32.03 -12.54
CA LEU B 100 -20.99 -31.31 -12.79
C LEU B 100 -20.56 -30.47 -11.58
N VAL B 101 -21.54 -30.09 -10.78
CA VAL B 101 -21.37 -29.27 -9.58
C VAL B 101 -20.94 -30.05 -8.32
N MET B 102 -21.68 -31.09 -7.97
CA MET B 102 -21.37 -31.88 -6.78
C MET B 102 -19.96 -32.47 -6.84
N GLY B 103 -19.25 -32.36 -5.73
CA GLY B 103 -17.90 -32.88 -5.62
C GLY B 103 -16.86 -32.19 -6.49
N ALA B 104 -17.19 -31.00 -7.00
CA ALA B 104 -16.27 -30.28 -7.86
C ALA B 104 -16.37 -28.76 -7.73
N CYS B 105 -17.58 -28.23 -7.63
CA CYS B 105 -17.79 -26.80 -7.54
C CYS B 105 -18.47 -26.25 -6.29
N CYS B 106 -19.28 -27.07 -5.62
CA CYS B 106 -19.99 -26.59 -4.43
C CYS B 106 -20.51 -27.78 -3.59
N GLU B 107 -20.71 -27.55 -2.30
CA GLU B 107 -21.19 -28.57 -1.38
C GLU B 107 -22.45 -28.07 -0.66
N ASN B 108 -23.20 -28.99 -0.03
CA ASN B 108 -24.42 -28.63 0.70
C ASN B 108 -25.33 -27.78 -0.16
N VAL B 109 -25.44 -28.14 -1.43
CA VAL B 109 -26.24 -27.40 -2.40
C VAL B 109 -27.74 -27.39 -2.11
N ILE B 110 -28.32 -26.19 -2.14
CA ILE B 110 -29.74 -25.98 -1.90
C ILE B 110 -30.43 -25.31 -3.09
N GLY B 111 -29.69 -25.15 -4.19
CA GLY B 111 -30.25 -24.52 -5.38
C GLY B 111 -29.21 -23.72 -6.15
N TYR B 112 -29.66 -22.71 -6.86
CA TYR B 112 -28.76 -21.85 -7.62
C TYR B 112 -29.28 -20.42 -7.63
N MET B 113 -28.36 -19.48 -7.85
CA MET B 113 -28.67 -18.07 -7.87
C MET B 113 -28.51 -17.52 -9.28
N PRO B 114 -29.62 -17.08 -9.90
CA PRO B 114 -29.58 -16.53 -11.26
C PRO B 114 -29.07 -15.09 -11.27
N ILE B 115 -28.05 -14.83 -12.07
CA ILE B 115 -27.50 -13.47 -12.20
C ILE B 115 -27.78 -13.05 -13.63
N PRO B 116 -28.49 -11.91 -13.83
CA PRO B 116 -28.80 -11.45 -15.18
C PRO B 116 -27.54 -11.28 -16.03
N VAL B 117 -27.62 -11.70 -17.30
CA VAL B 117 -26.50 -11.59 -18.23
C VAL B 117 -26.87 -10.66 -19.37
N GLY B 118 -26.06 -9.63 -19.56
CA GLY B 118 -26.28 -8.67 -20.63
C GLY B 118 -25.10 -8.75 -21.59
N VAL B 119 -25.23 -8.11 -22.76
CA VAL B 119 -24.14 -8.16 -23.72
C VAL B 119 -23.70 -6.77 -24.16
N ALA B 120 -22.39 -6.58 -24.19
CA ALA B 120 -21.82 -5.30 -24.61
C ALA B 120 -20.97 -5.56 -25.85
N GLY B 121 -21.13 -4.73 -26.88
CA GLY B 121 -20.36 -4.92 -28.08
C GLY B 121 -20.99 -4.38 -29.35
N PRO B 122 -20.35 -4.59 -30.50
CA PRO B 122 -19.07 -5.32 -30.61
C PRO B 122 -17.86 -4.57 -30.09
N LEU B 123 -16.93 -5.31 -29.49
CA LEU B 123 -15.69 -4.73 -29.00
C LEU B 123 -14.69 -5.01 -30.11
N CYS B 124 -14.26 -3.95 -30.80
CA CYS B 124 -13.30 -4.09 -31.87
C CYS B 124 -11.90 -4.12 -31.30
N LEU B 125 -11.34 -5.32 -31.22
CA LEU B 125 -10.04 -5.52 -30.62
C LEU B 125 -9.13 -6.38 -31.49
N ASP B 126 -7.95 -5.85 -31.80
CA ASP B 126 -6.97 -6.55 -32.62
C ASP B 126 -7.55 -7.11 -33.93
N GLU B 127 -8.33 -6.28 -34.62
CA GLU B 127 -8.94 -6.64 -35.90
C GLU B 127 -10.03 -7.70 -35.82
N LYS B 128 -10.55 -7.92 -34.62
CA LYS B 128 -11.62 -8.88 -34.40
C LYS B 128 -12.76 -8.17 -33.65
N GLU B 129 -13.97 -8.74 -33.72
CA GLU B 129 -15.11 -8.16 -33.05
C GLU B 129 -15.63 -9.16 -32.02
N PHE B 130 -15.82 -8.70 -30.79
CA PHE B 130 -16.31 -9.57 -29.73
C PHE B 130 -17.61 -9.07 -29.14
N GLN B 131 -18.47 -10.00 -28.76
CA GLN B 131 -19.75 -9.71 -28.12
C GLN B 131 -19.48 -10.20 -26.71
N VAL B 132 -19.30 -9.25 -25.80
CA VAL B 132 -18.95 -9.57 -24.41
C VAL B 132 -20.10 -9.77 -23.42
N PRO B 133 -20.20 -10.95 -22.82
CA PRO B 133 -21.25 -11.25 -21.84
C PRO B 133 -20.85 -10.67 -20.48
N MET B 134 -21.80 -10.05 -19.79
CA MET B 134 -21.56 -9.45 -18.49
C MET B 134 -22.68 -9.79 -17.52
N ALA B 135 -22.34 -10.54 -16.47
CA ALA B 135 -23.34 -10.90 -15.46
C ALA B 135 -23.30 -9.85 -14.36
N THR B 136 -24.39 -9.09 -14.23
CA THR B 136 -24.44 -8.04 -13.22
C THR B 136 -25.85 -7.67 -12.75
N THR B 137 -25.93 -7.06 -11.57
CA THR B 137 -27.19 -6.59 -11.00
C THR B 137 -27.10 -5.08 -10.80
N GLU B 138 -26.08 -4.47 -11.39
CA GLU B 138 -25.89 -3.02 -11.29
C GLU B 138 -26.44 -2.30 -12.53
N GLY B 139 -27.49 -1.50 -12.32
CA GLY B 139 -28.09 -0.75 -13.42
C GLY B 139 -27.14 0.18 -14.15
N CYS B 140 -27.27 0.23 -15.48
CA CYS B 140 -26.45 1.05 -16.37
C CYS B 140 -25.02 0.60 -16.63
N LEU B 141 -24.55 -0.43 -15.96
CA LEU B 141 -23.20 -0.92 -16.19
C LEU B 141 -23.03 -1.42 -17.61
N VAL B 142 -23.91 -2.33 -18.04
CA VAL B 142 -23.85 -2.88 -19.41
C VAL B 142 -24.04 -1.80 -20.48
N ALA B 143 -25.02 -0.91 -20.29
CA ALA B 143 -25.30 0.15 -21.26
C ALA B 143 -24.11 1.11 -21.40
N SER B 144 -23.55 1.48 -20.25
CA SER B 144 -22.39 2.37 -20.21
C SER B 144 -21.17 1.75 -20.92
N THR B 145 -20.91 0.48 -20.63
CA THR B 145 -19.80 -0.24 -21.26
C THR B 145 -20.02 -0.33 -22.77
N ASN B 146 -21.27 -0.56 -23.16
CA ASN B 146 -21.67 -0.67 -24.57
C ASN B 146 -21.38 0.66 -25.29
N ARG B 147 -21.59 1.78 -24.60
CA ARG B 147 -21.30 3.09 -25.18
C ARG B 147 -19.79 3.25 -25.41
N GLY B 148 -18.99 2.73 -24.49
CA GLY B 148 -17.54 2.80 -24.61
C GLY B 148 -17.05 1.99 -25.80
N CYS B 149 -17.66 0.82 -26.01
CA CYS B 149 -17.30 -0.03 -27.14
C CYS B 149 -17.61 0.68 -28.46
N ARG B 150 -18.75 1.39 -28.50
CA ARG B 150 -19.14 2.12 -29.69
C ARG B 150 -18.11 3.19 -30.03
N ALA B 151 -17.67 3.94 -29.03
CA ALA B 151 -16.66 4.98 -29.26
C ALA B 151 -15.36 4.38 -29.79
N ILE B 152 -14.96 3.24 -29.22
CA ILE B 152 -13.75 2.54 -29.64
C ILE B 152 -13.88 2.04 -31.10
N GLY B 153 -15.05 1.47 -31.42
CA GLY B 153 -15.31 0.96 -32.75
C GLY B 153 -15.29 2.07 -33.80
N LEU B 154 -15.88 3.21 -33.46
CA LEU B 154 -15.91 4.34 -34.38
C LEU B 154 -14.53 4.96 -34.56
N GLY B 155 -13.59 4.61 -33.67
CA GLY B 155 -12.24 5.14 -33.75
C GLY B 155 -11.25 4.19 -34.41
N GLY B 156 -11.74 3.11 -35.01
CA GLY B 156 -10.85 2.17 -35.66
C GLY B 156 -10.42 0.96 -34.84
N GLY B 157 -10.95 0.83 -33.64
CA GLY B 157 -10.60 -0.31 -32.80
C GLY B 157 -9.45 -0.14 -31.83
N ALA B 158 -9.30 -1.14 -30.98
CA ALA B 158 -8.26 -1.15 -29.97
C ALA B 158 -7.21 -2.20 -30.29
N SER B 159 -6.01 -2.02 -29.73
CA SER B 159 -4.90 -2.94 -29.90
C SER B 159 -4.48 -3.39 -28.51
N SER B 160 -4.05 -4.64 -28.37
CA SER B 160 -3.62 -5.14 -27.08
C SER B 160 -2.46 -6.11 -27.22
N ARG B 161 -1.75 -6.30 -26.11
CA ARG B 161 -0.60 -7.19 -26.05
C ARG B 161 -0.52 -7.83 -24.68
N VAL B 162 -0.12 -9.10 -24.66
CA VAL B 162 0.08 -9.81 -23.41
C VAL B 162 1.58 -9.67 -23.16
N LEU B 163 1.94 -9.07 -22.03
CA LEU B 163 3.35 -8.81 -21.68
C LEU B 163 4.02 -9.89 -20.84
N ALA B 164 3.22 -10.66 -20.11
CA ALA B 164 3.75 -11.72 -19.27
C ALA B 164 2.61 -12.68 -18.93
N ASP B 165 2.98 -13.91 -18.61
CA ASP B 165 2.00 -14.94 -18.28
C ASP B 165 2.60 -15.91 -17.27
N GLY B 166 2.01 -15.97 -16.08
CA GLY B 166 2.50 -16.88 -15.06
C GLY B 166 1.82 -16.75 -13.71
N MET B 167 1.14 -17.81 -13.32
CA MET B 167 0.43 -17.89 -12.06
C MET B 167 1.50 -18.15 -11.00
N THR B 168 1.24 -17.75 -9.75
CA THR B 168 2.20 -17.91 -8.68
C THR B 168 1.64 -18.54 -7.40
N ARG B 169 2.56 -19.02 -6.56
CA ARG B 169 2.26 -19.59 -5.26
C ARG B 169 3.47 -19.18 -4.43
N GLY B 170 3.23 -18.61 -3.25
CA GLY B 170 4.33 -18.17 -2.41
C GLY B 170 4.38 -18.76 -1.02
N PRO B 171 4.92 -19.98 -0.87
CA PRO B 171 5.02 -20.63 0.43
C PRO B 171 6.03 -19.99 1.35
N VAL B 172 5.92 -20.32 2.63
CA VAL B 172 6.88 -19.84 3.61
C VAL B 172 7.49 -21.05 4.32
N VAL B 173 8.81 -21.10 4.33
CA VAL B 173 9.54 -22.18 5.01
C VAL B 173 10.44 -21.53 6.06
N ARG B 174 10.86 -22.32 7.05
CA ARG B 174 11.73 -21.83 8.11
C ARG B 174 12.94 -22.70 8.34
N LEU B 175 14.08 -22.06 8.58
CA LEU B 175 15.34 -22.74 8.89
C LEU B 175 15.65 -22.41 10.36
N PRO B 176 16.58 -23.17 11.00
CA PRO B 176 16.93 -22.92 12.40
C PRO B 176 17.46 -21.51 12.65
N ARG B 177 18.24 -20.99 11.70
CA ARG B 177 18.85 -19.67 11.79
C ARG B 177 18.75 -18.88 10.49
N ALA B 178 18.82 -17.55 10.61
CA ALA B 178 18.77 -16.68 9.46
C ALA B 178 19.97 -16.96 8.55
N CYS B 179 21.08 -17.42 9.14
CA CYS B 179 22.26 -17.74 8.34
C CYS B 179 21.98 -18.97 7.46
N ASP B 180 21.12 -19.87 7.95
CA ASP B 180 20.73 -21.05 7.19
C ASP B 180 19.76 -20.66 6.06
N SER B 181 18.80 -19.79 6.36
CA SER B 181 17.84 -19.36 5.33
C SER B 181 18.58 -18.61 4.23
N ALA B 182 19.61 -17.85 4.60
CA ALA B 182 20.40 -17.11 3.59
C ALA B 182 21.09 -18.14 2.68
N GLU B 183 21.54 -19.24 3.28
CA GLU B 183 22.20 -20.32 2.54
C GLU B 183 21.23 -20.96 1.53
N VAL B 184 20.01 -21.27 1.96
CA VAL B 184 19.00 -21.84 1.05
C VAL B 184 18.74 -20.88 -0.09
N LYS B 185 18.62 -19.58 0.23
CA LYS B 185 18.38 -18.55 -0.80
C LYS B 185 19.52 -18.51 -1.83
N ALA B 186 20.77 -18.55 -1.36
CA ALA B 186 21.90 -18.55 -2.28
C ALA B 186 21.91 -19.81 -3.15
N TRP B 187 21.60 -20.96 -2.55
CA TRP B 187 21.54 -22.23 -3.29
C TRP B 187 20.48 -22.18 -4.39
N LEU B 188 19.31 -21.65 -4.09
CA LEU B 188 18.22 -21.55 -5.06
C LEU B 188 18.58 -20.63 -6.22
N GLU B 189 19.47 -19.69 -5.95
CA GLU B 189 19.89 -18.74 -6.98
C GLU B 189 20.97 -19.27 -7.92
N THR B 190 21.49 -20.47 -7.66
CA THR B 190 22.49 -21.05 -8.55
C THR B 190 21.78 -21.79 -9.69
N SER B 191 22.49 -21.99 -10.80
CA SER B 191 21.93 -22.69 -11.96
C SER B 191 21.55 -24.13 -11.61
N GLU B 192 22.40 -24.77 -10.81
CA GLU B 192 22.19 -26.15 -10.38
C GLU B 192 20.99 -26.27 -9.44
N GLY B 193 20.94 -25.39 -8.44
CA GLY B 193 19.85 -25.39 -7.48
C GLY B 193 18.50 -25.18 -8.15
N PHE B 194 18.44 -24.19 -9.04
CA PHE B 194 17.21 -23.90 -9.76
C PHE B 194 16.79 -25.08 -10.65
N ALA B 195 17.79 -25.68 -11.32
CA ALA B 195 17.54 -26.82 -12.21
C ALA B 195 16.88 -27.97 -11.47
N VAL B 196 17.39 -28.29 -10.30
CA VAL B 196 16.87 -29.37 -9.46
C VAL B 196 15.40 -29.08 -9.08
N ILE B 197 15.14 -27.85 -8.66
CA ILE B 197 13.80 -27.44 -8.24
C ILE B 197 12.83 -27.41 -9.39
N LYS B 198 13.30 -26.94 -10.53
CA LYS B 198 12.49 -26.86 -11.74
C LYS B 198 12.06 -28.26 -12.17
N GLU B 199 12.99 -29.22 -12.12
CA GLU B 199 12.74 -30.60 -12.50
C GLU B 199 11.61 -31.19 -11.66
N ALA B 200 11.66 -31.00 -10.34
CA ALA B 200 10.60 -31.51 -9.47
C ALA B 200 9.27 -30.82 -9.76
N PHE B 201 9.30 -29.49 -9.92
CA PHE B 201 8.10 -28.69 -10.20
C PHE B 201 7.43 -29.04 -11.53
N ASP B 202 8.21 -29.04 -12.61
CA ASP B 202 7.65 -29.33 -13.92
C ASP B 202 7.07 -30.74 -14.11
N SER B 203 7.57 -31.72 -13.34
CA SER B 203 7.10 -33.10 -13.46
C SER B 203 5.62 -33.33 -13.10
N THR B 204 4.97 -32.32 -12.52
CA THR B 204 3.57 -32.45 -12.14
C THR B 204 2.58 -32.36 -13.31
N SER B 205 2.98 -31.64 -14.36
CA SER B 205 2.11 -31.45 -15.52
C SER B 205 2.93 -31.07 -16.73
N ARG B 206 2.44 -31.39 -17.91
CA ARG B 206 3.18 -31.03 -19.12
C ARG B 206 2.99 -29.55 -19.47
N PHE B 207 1.98 -28.94 -18.84
CA PHE B 207 1.66 -27.52 -19.04
C PHE B 207 2.47 -26.63 -18.09
N ALA B 208 3.03 -27.25 -17.06
CA ALA B 208 3.82 -26.57 -16.05
C ALA B 208 5.25 -26.29 -16.49
N ARG B 209 5.63 -25.02 -16.47
CA ARG B 209 6.98 -24.60 -16.82
C ARG B 209 7.42 -23.51 -15.84
N LEU B 210 8.24 -23.90 -14.85
CA LEU B 210 8.74 -22.98 -13.84
C LEU B 210 9.65 -21.94 -14.48
N GLN B 211 9.15 -20.70 -14.55
CA GLN B 211 9.88 -19.59 -15.17
C GLN B 211 10.87 -18.94 -14.24
N LYS B 212 10.46 -18.69 -13.02
CA LYS B 212 11.35 -18.04 -12.07
C LYS B 212 11.02 -18.26 -10.61
N LEU B 213 11.99 -17.89 -9.79
CA LEU B 213 11.91 -18.01 -8.34
C LEU B 213 12.32 -16.69 -7.72
N HIS B 214 11.38 -16.05 -7.03
CA HIS B 214 11.69 -14.81 -6.38
C HIS B 214 11.64 -15.15 -4.88
N THR B 215 12.78 -15.04 -4.21
CA THR B 215 12.80 -15.38 -2.78
C THR B 215 13.07 -14.15 -1.94
N SER B 216 12.46 -14.12 -0.76
CA SER B 216 12.67 -13.03 0.16
C SER B 216 12.80 -13.59 1.59
N ILE B 217 13.74 -13.03 2.33
CA ILE B 217 14.03 -13.46 3.70
C ILE B 217 13.44 -12.52 4.76
N ALA B 218 13.00 -13.10 5.87
CA ALA B 218 12.52 -12.34 7.02
C ALA B 218 13.11 -13.13 8.20
N GLY B 219 14.34 -12.79 8.58
CA GLY B 219 14.99 -13.51 9.65
C GLY B 219 15.22 -14.96 9.21
N ARG B 220 14.78 -15.92 10.02
CA ARG B 220 14.98 -17.31 9.66
C ARG B 220 13.88 -17.86 8.72
N ASN B 221 12.94 -17.00 8.34
CA ASN B 221 11.85 -17.36 7.43
C ASN B 221 12.31 -17.06 5.99
N LEU B 222 11.86 -17.88 5.05
CA LEU B 222 12.18 -17.66 3.65
C LEU B 222 10.88 -17.79 2.87
N TYR B 223 10.54 -16.76 2.10
CA TYR B 223 9.34 -16.76 1.29
C TYR B 223 9.80 -17.00 -0.15
N ILE B 224 9.24 -17.99 -0.81
CA ILE B 224 9.62 -18.33 -2.17
C ILE B 224 8.42 -18.21 -3.08
N ARG B 225 8.52 -17.34 -4.07
CA ARG B 225 7.44 -17.14 -5.01
C ARG B 225 7.73 -17.92 -6.29
N PHE B 226 6.99 -19.01 -6.49
CA PHE B 226 7.12 -19.86 -7.69
C PHE B 226 6.21 -19.27 -8.76
N GLN B 227 6.71 -19.10 -9.97
CA GLN B 227 5.90 -18.57 -11.06
C GLN B 227 5.97 -19.53 -12.24
N SER B 228 4.81 -19.89 -12.78
CA SER B 228 4.76 -20.82 -13.91
C SER B 228 3.58 -20.66 -14.84
N ARG B 229 3.76 -21.11 -16.09
CA ARG B 229 2.69 -21.10 -17.10
C ARG B 229 1.80 -22.28 -16.70
N SER B 230 0.60 -22.32 -17.25
CA SER B 230 -0.32 -23.39 -16.90
C SER B 230 -1.32 -23.69 -18.01
N GLY B 231 -0.85 -23.56 -19.26
CA GLY B 231 -1.74 -23.83 -20.37
C GLY B 231 -2.90 -22.84 -20.35
N ASP B 232 -4.11 -23.32 -20.57
CA ASP B 232 -5.29 -22.46 -20.55
C ASP B 232 -6.00 -22.45 -19.20
N ALA B 233 -5.40 -23.09 -18.20
CA ALA B 233 -5.99 -23.11 -16.85
C ALA B 233 -5.52 -21.90 -16.05
N MET B 234 -6.34 -21.45 -15.10
CA MET B 234 -5.98 -20.32 -14.23
C MET B 234 -4.69 -20.79 -13.51
N GLY B 235 -4.64 -22.08 -13.22
CA GLY B 235 -3.45 -22.70 -12.66
C GLY B 235 -3.16 -22.84 -11.19
N MET B 236 -4.02 -22.33 -10.32
CA MET B 236 -3.79 -22.42 -8.89
C MET B 236 -3.55 -23.86 -8.40
N ASN B 237 -4.38 -24.80 -8.84
CA ASN B 237 -4.25 -26.20 -8.43
C ASN B 237 -2.93 -26.81 -8.90
N MET B 238 -2.66 -26.67 -10.20
CA MET B 238 -1.44 -27.18 -10.81
C MET B 238 -0.19 -26.58 -10.14
N ILE B 239 -0.15 -25.26 -10.01
CA ILE B 239 0.98 -24.57 -9.40
C ILE B 239 1.17 -24.99 -7.93
N SER B 240 0.08 -25.22 -7.20
CA SER B 240 0.19 -25.63 -5.79
C SER B 240 0.80 -27.02 -5.67
N LYS B 241 0.40 -27.92 -6.57
CA LYS B 241 0.91 -29.30 -6.61
C LYS B 241 2.40 -29.28 -6.96
N GLY B 242 2.78 -28.49 -7.96
CA GLY B 242 4.18 -28.38 -8.32
C GLY B 242 5.00 -27.78 -7.18
N THR B 243 4.43 -26.80 -6.48
CA THR B 243 5.09 -26.16 -5.33
C THR B 243 5.39 -27.21 -4.25
N GLU B 244 4.40 -28.03 -3.95
CA GLU B 244 4.55 -29.10 -2.95
C GLU B 244 5.70 -30.04 -3.33
N LYS B 245 5.74 -30.44 -4.60
CA LYS B 245 6.80 -31.33 -5.09
C LYS B 245 8.17 -30.65 -5.01
N ALA B 246 8.24 -29.38 -5.40
CA ALA B 246 9.50 -28.66 -5.36
C ALA B 246 10.00 -28.51 -3.91
N LEU B 247 9.10 -28.26 -2.98
CA LEU B 247 9.47 -28.12 -1.57
C LEU B 247 9.94 -29.44 -0.98
N SER B 248 9.32 -30.54 -1.41
CA SER B 248 9.71 -31.88 -0.95
C SER B 248 11.14 -32.14 -1.39
N LYS B 249 11.44 -31.78 -2.64
CA LYS B 249 12.77 -31.94 -3.19
C LYS B 249 13.79 -31.08 -2.43
N LEU B 250 13.46 -29.80 -2.22
CA LEU B 250 14.31 -28.87 -1.49
C LEU B 250 14.62 -29.40 -0.09
N HIS B 251 13.65 -30.05 0.52
CA HIS B 251 13.80 -30.63 1.84
C HIS B 251 14.83 -31.78 1.85
N GLU B 252 15.06 -32.39 0.69
CA GLU B 252 16.06 -33.46 0.58
C GLU B 252 17.46 -32.89 0.73
N TYR B 253 17.64 -31.65 0.24
CA TYR B 253 18.92 -30.96 0.33
C TYR B 253 19.09 -30.20 1.64
N PHE B 254 17.98 -29.85 2.29
CA PHE B 254 18.01 -29.12 3.55
C PHE B 254 17.01 -29.75 4.51
N PRO B 255 17.40 -30.87 5.11
CA PRO B 255 16.55 -31.59 6.05
C PRO B 255 16.16 -30.80 7.30
N GLU B 256 16.92 -29.75 7.61
CA GLU B 256 16.63 -28.91 8.78
C GLU B 256 15.46 -27.94 8.49
N MET B 257 15.10 -27.81 7.22
CA MET B 257 14.03 -26.93 6.79
C MET B 257 12.61 -27.37 7.15
N GLN B 258 11.83 -26.45 7.70
CA GLN B 258 10.44 -26.73 8.06
C GLN B 258 9.51 -26.01 7.09
N ILE B 259 8.56 -26.74 6.53
CA ILE B 259 7.58 -26.14 5.62
C ILE B 259 6.45 -25.66 6.51
N LEU B 260 6.37 -24.35 6.67
CA LEU B 260 5.36 -23.74 7.53
C LEU B 260 3.97 -23.73 6.89
N ALA B 261 3.89 -23.31 5.63
CA ALA B 261 2.62 -23.26 4.91
C ALA B 261 2.86 -23.19 3.42
N VAL B 262 2.12 -24.00 2.65
CA VAL B 262 2.26 -24.01 1.19
C VAL B 262 1.96 -22.62 0.63
N SER B 263 1.17 -21.85 1.37
CA SER B 263 0.92 -20.46 0.99
C SER B 263 1.25 -19.59 2.20
N GLY B 264 2.25 -18.73 2.03
CA GLY B 264 2.66 -17.82 3.09
C GLY B 264 2.25 -16.40 2.76
N ASN B 265 1.24 -16.26 1.90
CA ASN B 265 0.70 -14.96 1.46
C ASN B 265 1.64 -14.14 0.60
N TYR B 266 2.66 -14.81 0.06
CA TYR B 266 3.63 -14.15 -0.79
C TYR B 266 3.29 -14.37 -2.28
N CYS B 267 2.15 -15.00 -2.56
CA CYS B 267 1.73 -15.28 -3.94
C CYS B 267 1.52 -14.02 -4.80
N THR B 268 0.60 -13.10 -4.46
CA THR B 268 -0.31 -13.16 -3.32
C THR B 268 -1.70 -13.43 -3.90
N ASP B 269 -2.44 -14.34 -3.28
CA ASP B 269 -3.75 -14.71 -3.79
C ASP B 269 -4.95 -14.15 -3.02
N LYS B 270 -5.78 -13.38 -3.73
CA LYS B 270 -7.00 -12.81 -3.15
C LYS B 270 -6.86 -11.79 -2.02
N LYS B 271 -5.71 -11.10 -1.99
CA LYS B 271 -5.45 -10.05 -1.01
C LYS B 271 -4.72 -8.97 -1.77
N PRO B 272 -5.00 -7.69 -1.49
CA PRO B 272 -4.28 -6.63 -2.22
C PRO B 272 -2.79 -6.71 -1.83
N ALA B 273 -1.91 -6.64 -2.81
CA ALA B 273 -0.49 -6.73 -2.54
C ALA B 273 0.34 -6.03 -3.59
N ALA B 274 1.33 -5.30 -3.12
CA ALA B 274 2.21 -4.55 -4.01
C ALA B 274 3.02 -5.51 -4.88
N ILE B 275 3.32 -6.70 -4.37
CA ILE B 275 4.10 -7.65 -5.16
C ILE B 275 3.40 -8.04 -6.49
N ASN B 276 2.06 -8.15 -6.48
CA ASN B 276 1.30 -8.48 -7.70
C ASN B 276 1.31 -7.34 -8.70
N TRP B 277 1.22 -6.12 -8.18
CA TRP B 277 1.23 -4.92 -8.98
C TRP B 277 2.59 -4.69 -9.65
N ILE B 278 3.65 -4.93 -8.89
CA ILE B 278 5.03 -4.73 -9.34
C ILE B 278 5.62 -5.86 -10.18
N GLU B 279 5.41 -7.11 -9.76
CA GLU B 279 5.94 -8.26 -10.48
C GLU B 279 4.94 -8.98 -11.38
N GLY B 280 3.66 -8.64 -11.22
CA GLY B 280 2.63 -9.28 -12.01
C GLY B 280 2.22 -10.64 -11.45
N ARG B 281 1.05 -11.11 -11.85
CA ARG B 281 0.54 -12.42 -11.45
C ARG B 281 -0.48 -12.80 -12.50
N GLY B 282 -0.40 -14.03 -13.02
CA GLY B 282 -1.32 -14.42 -14.08
C GLY B 282 -0.88 -13.72 -15.35
N LYS B 283 -1.80 -13.05 -16.03
CA LYS B 283 -1.49 -12.34 -17.26
C LYS B 283 -1.37 -10.82 -17.11
N SER B 284 -0.31 -10.27 -17.69
CA SER B 284 -0.07 -8.83 -17.68
C SER B 284 -0.45 -8.41 -19.09
N VAL B 285 -1.36 -7.44 -19.18
CA VAL B 285 -1.88 -7.00 -20.45
C VAL B 285 -1.92 -5.47 -20.57
N VAL B 286 -1.77 -4.97 -21.79
CA VAL B 286 -1.90 -3.56 -22.05
C VAL B 286 -2.77 -3.42 -23.30
N CYS B 287 -3.66 -2.43 -23.30
CA CYS B 287 -4.48 -2.18 -24.48
C CYS B 287 -4.56 -0.69 -24.69
N GLU B 288 -4.85 -0.28 -25.91
CA GLU B 288 -4.90 1.14 -26.26
C GLU B 288 -5.84 1.42 -27.41
N ALA B 289 -6.21 2.69 -27.55
CA ALA B 289 -7.09 3.14 -28.62
C ALA B 289 -7.01 4.65 -28.74
N VAL B 290 -7.40 5.16 -29.91
CA VAL B 290 -7.44 6.59 -30.17
C VAL B 290 -8.88 6.90 -30.55
N ILE B 291 -9.52 7.82 -29.82
CA ILE B 291 -10.90 8.20 -30.08
C ILE B 291 -10.88 9.57 -30.79
N PRO B 292 -11.39 9.63 -32.04
CA PRO B 292 -11.41 10.90 -32.78
C PRO B 292 -12.23 11.97 -32.06
N ALA B 293 -11.80 13.21 -32.18
CA ALA B 293 -12.46 14.34 -31.56
C ALA B 293 -13.98 14.35 -31.76
N LYS B 294 -14.41 14.05 -32.98
CA LYS B 294 -15.84 14.03 -33.30
C LYS B 294 -16.60 12.97 -32.52
N VAL B 295 -15.95 11.84 -32.28
CA VAL B 295 -16.56 10.75 -31.52
C VAL B 295 -16.63 11.12 -30.03
N VAL B 296 -15.62 11.80 -29.52
CA VAL B 296 -15.61 12.22 -28.11
C VAL B 296 -16.79 13.19 -27.88
N ARG B 297 -17.01 14.06 -28.86
CA ARG B 297 -18.08 15.05 -28.80
C ARG B 297 -19.47 14.44 -28.92
N GLU B 298 -19.69 13.68 -29.98
CA GLU B 298 -20.99 13.08 -30.29
C GLU B 298 -21.40 11.81 -29.56
N VAL B 299 -20.44 10.93 -29.29
CA VAL B 299 -20.77 9.68 -28.60
C VAL B 299 -20.58 9.79 -27.07
N LEU B 300 -19.46 10.37 -26.66
CA LEU B 300 -19.16 10.51 -25.23
C LEU B 300 -19.70 11.79 -24.59
N LYS B 301 -20.14 12.73 -25.42
CA LYS B 301 -20.74 14.01 -24.99
C LYS B 301 -19.83 14.89 -24.15
N THR B 302 -18.55 14.94 -24.49
CA THR B 302 -17.60 15.74 -23.73
C THR B 302 -16.46 16.18 -24.66
N THR B 303 -15.36 16.64 -24.09
CA THR B 303 -14.21 17.06 -24.90
C THR B 303 -12.99 16.29 -24.42
N THR B 304 -11.98 16.20 -25.26
CA THR B 304 -10.75 15.51 -24.93
C THR B 304 -10.07 16.14 -23.72
N GLU B 305 -10.08 17.47 -23.69
CA GLU B 305 -9.49 18.25 -22.60
C GLU B 305 -10.15 17.93 -21.24
N ALA B 306 -11.47 17.87 -21.21
CA ALA B 306 -12.18 17.56 -19.96
C ALA B 306 -11.88 16.13 -19.50
N MET B 307 -11.78 15.20 -20.44
CA MET B 307 -11.48 13.84 -20.08
C MET B 307 -10.09 13.65 -19.50
N ILE B 308 -9.10 14.33 -20.07
CA ILE B 308 -7.73 14.26 -19.59
C ILE B 308 -7.60 14.88 -18.19
N GLU B 309 -8.26 16.02 -17.97
CA GLU B 309 -8.22 16.69 -16.67
C GLU B 309 -8.82 15.79 -15.59
N VAL B 310 -9.92 15.13 -15.90
CA VAL B 310 -10.54 14.23 -14.94
C VAL B 310 -9.65 13.00 -14.71
N ASN B 311 -9.04 12.46 -15.77
CA ASN B 311 -8.19 11.29 -15.60
C ASN B 311 -7.00 11.55 -14.68
N ILE B 312 -6.34 12.67 -14.88
CA ILE B 312 -5.18 13.02 -14.07
C ILE B 312 -5.54 13.31 -12.59
N ASN B 313 -6.61 14.05 -12.38
CA ASN B 313 -7.00 14.45 -11.04
C ASN B 313 -7.79 13.44 -10.24
N LYS B 314 -8.37 12.46 -10.93
CA LYS B 314 -9.12 11.39 -10.29
C LYS B 314 -8.31 10.10 -10.23
N ASN B 315 -7.92 9.56 -11.39
CA ASN B 315 -7.20 8.30 -11.46
C ASN B 315 -5.75 8.32 -11.01
N LEU B 316 -5.10 9.49 -11.09
CA LEU B 316 -3.72 9.61 -10.66
C LEU B 316 -3.63 10.34 -9.31
N VAL B 317 -3.94 11.63 -9.28
CA VAL B 317 -3.87 12.40 -8.03
C VAL B 317 -4.83 11.90 -6.94
N GLY B 318 -6.09 11.65 -7.29
CA GLY B 318 -7.05 11.18 -6.29
C GLY B 318 -6.65 9.86 -5.66
N SER B 319 -6.27 8.91 -6.50
CA SER B 319 -5.84 7.59 -6.02
C SER B 319 -4.57 7.73 -5.16
N ALA B 320 -3.71 8.67 -5.53
CA ALA B 320 -2.48 8.91 -4.75
C ALA B 320 -2.86 9.49 -3.35
N MET B 321 -3.82 10.40 -3.30
CA MET B 321 -4.27 10.99 -2.03
C MET B 321 -4.92 9.93 -1.12
N ALA B 322 -5.59 8.96 -1.74
CA ALA B 322 -6.25 7.88 -1.00
C ALA B 322 -5.28 6.76 -0.57
N GLY B 323 -4.02 6.86 -0.98
CA GLY B 323 -3.04 5.85 -0.61
C GLY B 323 -3.31 4.51 -1.26
N SER B 324 -3.57 4.55 -2.56
CA SER B 324 -3.85 3.35 -3.32
C SER B 324 -2.62 2.72 -3.96
N ILE B 325 -2.58 1.39 -3.98
CA ILE B 325 -1.52 0.67 -4.67
C ILE B 325 -2.27 -0.14 -5.72
N GLY B 326 -2.12 0.23 -6.98
CA GLY B 326 -2.80 -0.49 -8.05
C GLY B 326 -4.21 -0.03 -8.42
N GLY B 327 -4.76 0.94 -7.71
CA GLY B 327 -6.11 1.42 -8.00
C GLY B 327 -6.15 2.75 -8.76
N TYR B 328 -5.37 2.86 -9.83
CA TYR B 328 -5.30 4.09 -10.64
C TYR B 328 -6.23 4.02 -11.85
N ASN B 329 -7.50 3.75 -11.57
CA ASN B 329 -8.54 3.62 -12.57
C ASN B 329 -9.90 4.05 -11.97
N ALA B 330 -10.91 4.14 -12.83
CA ALA B 330 -12.24 4.54 -12.37
C ALA B 330 -13.06 3.37 -11.83
N HIS B 331 -13.21 2.29 -12.60
CA HIS B 331 -13.98 1.16 -12.12
C HIS B 331 -13.70 -0.18 -12.80
N ALA B 332 -12.41 -0.48 -12.99
CA ALA B 332 -12.02 -1.74 -13.61
C ALA B 332 -12.67 -2.95 -12.93
N ALA B 333 -12.82 -2.88 -11.60
CA ALA B 333 -13.43 -3.97 -10.84
C ALA B 333 -14.85 -4.34 -11.28
N ASN B 334 -15.63 -3.36 -11.72
CA ASN B 334 -17.00 -3.63 -12.20
C ASN B 334 -16.99 -4.52 -13.44
N ILE B 335 -16.13 -4.18 -14.40
CA ILE B 335 -16.04 -4.94 -15.65
C ILE B 335 -15.46 -6.33 -15.40
N VAL B 336 -14.35 -6.37 -14.67
CA VAL B 336 -13.69 -7.64 -14.36
C VAL B 336 -14.69 -8.58 -13.68
N THR B 337 -15.39 -8.07 -12.67
CA THR B 337 -16.36 -8.89 -11.94
C THR B 337 -17.49 -9.43 -12.80
N ALA B 338 -18.07 -8.56 -13.63
CA ALA B 338 -19.18 -8.94 -14.51
C ALA B 338 -18.77 -10.04 -15.50
N ILE B 339 -17.59 -9.89 -16.08
CA ILE B 339 -17.09 -10.89 -17.03
C ILE B 339 -16.73 -12.18 -16.31
N TYR B 340 -16.10 -12.07 -15.15
CA TYR B 340 -15.71 -13.25 -14.37
C TYR B 340 -16.89 -14.15 -13.97
N ILE B 341 -17.98 -13.53 -13.52
CA ILE B 341 -19.16 -14.29 -13.12
C ILE B 341 -19.82 -14.99 -14.31
N ALA B 342 -19.91 -14.28 -15.43
CA ALA B 342 -20.50 -14.83 -16.64
C ALA B 342 -19.68 -15.98 -17.22
N CYS B 343 -18.35 -15.87 -17.14
CA CYS B 343 -17.45 -16.87 -17.72
C CYS B 343 -16.89 -17.95 -16.82
N GLY B 344 -17.46 -18.12 -15.64
CA GLY B 344 -17.00 -19.16 -14.74
C GLY B 344 -15.63 -18.95 -14.09
N GLN B 345 -15.18 -17.71 -13.97
CA GLN B 345 -13.90 -17.43 -13.34
C GLN B 345 -14.10 -17.37 -11.82
N ASP B 346 -13.02 -17.18 -11.08
CA ASP B 346 -13.11 -17.07 -9.63
C ASP B 346 -13.32 -15.57 -9.34
N ALA B 347 -14.54 -15.20 -8.99
CA ALA B 347 -14.87 -13.81 -8.73
C ALA B 347 -14.10 -13.18 -7.57
N ALA B 348 -13.70 -14.00 -6.60
CA ALA B 348 -12.94 -13.49 -5.47
C ALA B 348 -11.56 -12.99 -5.92
N GLN B 349 -11.11 -13.43 -7.11
CA GLN B 349 -9.83 -12.98 -7.65
C GLN B 349 -9.90 -11.57 -8.24
N ASN B 350 -11.07 -10.96 -8.17
CA ASN B 350 -11.28 -9.59 -8.62
C ASN B 350 -10.37 -8.64 -7.81
N VAL B 351 -10.02 -9.05 -6.60
CA VAL B 351 -9.16 -8.24 -5.73
C VAL B 351 -7.87 -7.81 -6.46
N GLY B 352 -7.10 -8.77 -6.95
CA GLY B 352 -5.88 -8.45 -7.67
C GLY B 352 -6.06 -8.31 -9.18
N SER B 353 -6.99 -9.05 -9.75
CA SER B 353 -7.23 -8.97 -11.18
C SER B 353 -7.67 -7.57 -11.64
N SER B 354 -8.28 -6.81 -10.72
CA SER B 354 -8.75 -5.46 -11.03
C SER B 354 -7.66 -4.37 -11.02
N ASN B 355 -6.43 -4.73 -10.61
CA ASN B 355 -5.31 -3.76 -10.62
C ASN B 355 -5.23 -3.16 -12.02
N CYS B 356 -5.21 -1.84 -12.10
CA CYS B 356 -5.19 -1.19 -13.40
C CYS B 356 -4.79 0.28 -13.35
N ILE B 357 -4.03 0.71 -14.34
CA ILE B 357 -3.68 2.13 -14.44
C ILE B 357 -4.20 2.62 -15.79
N THR B 358 -5.07 3.61 -15.74
CA THR B 358 -5.70 4.21 -16.92
C THR B 358 -5.02 5.53 -17.24
N LEU B 359 -4.52 5.66 -18.47
CA LEU B 359 -3.85 6.89 -18.89
C LEU B 359 -4.50 7.47 -20.15
N MET B 360 -4.62 8.79 -20.17
CA MET B 360 -5.22 9.50 -21.30
C MET B 360 -4.32 10.65 -21.70
N GLU B 361 -4.28 10.92 -23.00
CA GLU B 361 -3.42 11.97 -23.51
C GLU B 361 -4.08 12.59 -24.74
N ALA B 362 -3.73 13.84 -25.03
CA ALA B 362 -4.26 14.54 -26.18
C ALA B 362 -3.43 14.00 -27.36
N SER B 363 -4.11 13.76 -28.48
CA SER B 363 -3.44 13.20 -29.65
C SER B 363 -3.96 13.85 -30.92
N GLY B 364 -3.24 13.66 -32.02
CA GLY B 364 -3.69 14.21 -33.29
C GLY B 364 -3.18 15.56 -33.72
N PRO B 365 -3.62 16.02 -34.91
CA PRO B 365 -3.29 17.28 -35.59
C PRO B 365 -3.51 18.53 -34.74
N THR B 366 -4.61 18.58 -34.01
CA THR B 366 -4.93 19.75 -33.19
C THR B 366 -5.05 19.41 -31.70
N ASN B 367 -4.50 18.26 -31.32
CA ASN B 367 -4.54 17.79 -29.94
C ASN B 367 -5.95 17.62 -29.39
N GLU B 368 -6.88 17.24 -30.27
CA GLU B 368 -8.26 17.04 -29.87
C GLU B 368 -8.70 15.59 -29.89
N ASP B 369 -7.87 14.70 -30.46
CA ASP B 369 -8.23 13.30 -30.42
C ASP B 369 -7.81 12.77 -29.05
N LEU B 370 -8.45 11.71 -28.60
CA LEU B 370 -8.16 11.14 -27.30
C LEU B 370 -7.43 9.80 -27.35
N TYR B 371 -6.21 9.77 -26.84
CA TYR B 371 -5.46 8.53 -26.76
C TYR B 371 -5.71 7.97 -25.37
N ILE B 372 -6.09 6.70 -25.27
CA ILE B 372 -6.32 6.05 -24.00
C ILE B 372 -5.64 4.69 -23.96
N SER B 373 -5.16 4.31 -22.78
CA SER B 373 -4.53 3.01 -22.57
C SER B 373 -4.84 2.52 -21.16
N CYS B 374 -4.98 1.20 -21.01
CA CYS B 374 -5.22 0.57 -19.73
C CYS B 374 -4.18 -0.52 -19.58
N THR B 375 -3.50 -0.55 -18.43
CA THR B 375 -2.48 -1.54 -18.17
C THR B 375 -2.87 -2.31 -16.92
N MET B 376 -3.03 -3.62 -17.07
CA MET B 376 -3.43 -4.52 -15.99
C MET B 376 -2.37 -5.62 -15.88
N PRO B 377 -1.50 -5.51 -14.87
CA PRO B 377 -0.43 -6.48 -14.64
C PRO B 377 -0.78 -7.79 -13.98
N SER B 378 -2.00 -7.91 -13.44
CA SER B 378 -2.33 -9.16 -12.76
C SER B 378 -3.70 -9.78 -12.97
N ILE B 379 -4.02 -10.08 -14.24
CA ILE B 379 -5.30 -10.72 -14.59
C ILE B 379 -5.19 -12.25 -14.37
N GLU B 380 -5.91 -12.76 -13.40
CA GLU B 380 -5.91 -14.21 -13.06
C GLU B 380 -7.12 -14.81 -13.74
N ILE B 381 -6.87 -15.54 -14.82
CA ILE B 381 -7.94 -16.06 -15.65
C ILE B 381 -7.61 -17.43 -16.30
N GLY B 382 -8.65 -18.13 -16.74
CA GLY B 382 -8.48 -19.42 -17.38
C GLY B 382 -9.72 -19.85 -18.16
N THR B 383 -9.56 -20.75 -19.11
CA THR B 383 -10.70 -21.21 -19.92
C THR B 383 -11.00 -22.70 -19.76
N VAL B 384 -10.25 -23.34 -18.85
CA VAL B 384 -10.37 -24.77 -18.54
C VAL B 384 -10.36 -24.92 -17.02
N GLY B 385 -11.18 -25.82 -16.49
CA GLY B 385 -11.24 -26.06 -15.06
C GLY B 385 -12.16 -25.19 -14.23
N GLY B 386 -12.39 -25.59 -12.98
CA GLY B 386 -13.25 -24.83 -12.09
C GLY B 386 -14.64 -24.57 -12.62
N GLY B 387 -15.09 -23.32 -12.49
CA GLY B 387 -16.41 -22.93 -12.96
C GLY B 387 -16.57 -22.98 -14.47
N THR B 388 -15.47 -23.02 -15.22
CA THR B 388 -15.56 -23.09 -16.67
C THR B 388 -15.99 -24.48 -17.16
N ASN B 389 -16.16 -25.42 -16.23
CA ASN B 389 -16.59 -26.78 -16.57
C ASN B 389 -18.13 -26.87 -16.62
N LEU B 390 -18.81 -25.84 -16.11
CA LEU B 390 -20.27 -25.81 -16.10
C LEU B 390 -20.77 -25.32 -17.45
N LEU B 391 -21.89 -25.88 -17.91
CA LEU B 391 -22.45 -25.55 -19.21
C LEU B 391 -22.87 -24.11 -19.48
N PRO B 392 -23.59 -23.48 -18.55
CA PRO B 392 -23.96 -22.09 -18.85
C PRO B 392 -22.72 -21.19 -18.98
N GLN B 393 -21.71 -21.40 -18.14
CA GLN B 393 -20.51 -20.56 -18.26
C GLN B 393 -19.69 -20.87 -19.51
N GLN B 394 -19.77 -22.12 -19.99
CA GLN B 394 -19.09 -22.51 -21.23
C GLN B 394 -19.76 -21.82 -22.41
N ALA B 395 -21.06 -21.57 -22.29
CA ALA B 395 -21.80 -20.88 -23.36
C ALA B 395 -21.26 -19.46 -23.54
N CYS B 396 -20.93 -18.80 -22.43
CA CYS B 396 -20.39 -17.44 -22.49
C CYS B 396 -18.96 -17.43 -23.03
N LEU B 397 -18.17 -18.44 -22.66
CA LEU B 397 -16.81 -18.57 -23.17
C LEU B 397 -16.87 -18.85 -24.69
N GLN B 398 -17.84 -19.66 -25.13
CA GLN B 398 -18.00 -19.97 -26.56
C GLN B 398 -18.40 -18.72 -27.32
N MET B 399 -19.24 -17.88 -26.71
CA MET B 399 -19.66 -16.63 -27.34
C MET B 399 -18.42 -15.80 -27.74
N LEU B 400 -17.37 -15.89 -26.92
CA LEU B 400 -16.12 -15.17 -27.15
C LEU B 400 -15.13 -15.97 -27.98
N GLY B 401 -15.43 -17.25 -28.21
CA GLY B 401 -14.57 -18.11 -28.99
C GLY B 401 -13.32 -18.58 -28.25
N VAL B 402 -13.41 -18.68 -26.92
CA VAL B 402 -12.25 -19.11 -26.12
C VAL B 402 -12.51 -20.24 -25.16
N GLN B 403 -13.60 -20.98 -25.35
CA GLN B 403 -13.93 -22.06 -24.45
C GLN B 403 -12.97 -23.26 -24.54
N GLY B 404 -12.57 -23.77 -23.38
CA GLY B 404 -11.68 -24.91 -23.31
C GLY B 404 -10.24 -24.69 -23.70
N ALA B 405 -9.54 -25.81 -23.88
CA ALA B 405 -8.13 -25.81 -24.26
C ALA B 405 -7.90 -25.42 -25.71
N CYS B 406 -6.79 -24.73 -25.97
CA CYS B 406 -6.44 -24.38 -27.34
C CYS B 406 -5.50 -25.52 -27.77
N LYS B 407 -6.06 -26.45 -28.54
CA LYS B 407 -5.36 -27.63 -29.03
C LYS B 407 -4.00 -27.41 -29.69
N ASP B 408 -3.92 -26.46 -30.61
CA ASP B 408 -2.69 -26.18 -31.34
C ASP B 408 -1.70 -25.19 -30.71
N ASN B 409 -2.15 -24.46 -29.69
CA ASN B 409 -1.29 -23.48 -29.00
C ASN B 409 -1.78 -23.31 -27.57
N PRO B 410 -1.38 -24.22 -26.67
CA PRO B 410 -1.78 -24.20 -25.25
C PRO B 410 -1.58 -22.82 -24.61
N GLY B 411 -2.63 -22.32 -23.95
CA GLY B 411 -2.55 -21.03 -23.30
C GLY B 411 -3.12 -19.88 -24.13
N GLU B 412 -3.30 -20.11 -25.42
CA GLU B 412 -3.82 -19.08 -26.31
C GLU B 412 -5.26 -18.64 -26.02
N ASN B 413 -6.11 -19.57 -25.59
CA ASN B 413 -7.49 -19.21 -25.27
C ASN B 413 -7.51 -18.32 -24.00
N ALA B 414 -6.69 -18.66 -23.01
CA ALA B 414 -6.62 -17.89 -21.77
C ALA B 414 -6.04 -16.49 -22.03
N ARG B 415 -5.03 -16.41 -22.91
CA ARG B 415 -4.43 -15.13 -23.24
C ARG B 415 -5.41 -14.24 -24.00
N GLN B 416 -6.17 -14.85 -24.91
CA GLN B 416 -7.17 -14.11 -25.67
C GLN B 416 -8.24 -13.55 -24.72
N LEU B 417 -8.70 -14.36 -23.77
CA LEU B 417 -9.71 -13.91 -22.80
C LEU B 417 -9.16 -12.74 -21.95
N ALA B 418 -7.88 -12.80 -21.56
CA ALA B 418 -7.27 -11.73 -20.79
C ALA B 418 -7.26 -10.42 -21.58
N ARG B 419 -7.01 -10.52 -22.89
CA ARG B 419 -7.00 -9.34 -23.76
C ARG B 419 -8.40 -8.74 -23.88
N ILE B 420 -9.40 -9.60 -23.93
CA ILE B 420 -10.79 -9.18 -24.02
C ILE B 420 -11.19 -8.42 -22.74
N VAL B 421 -10.76 -8.92 -21.58
CA VAL B 421 -11.05 -8.29 -20.30
C VAL B 421 -10.42 -6.90 -20.25
N CYS B 422 -9.16 -6.78 -20.65
CA CYS B 422 -8.47 -5.50 -20.64
C CYS B 422 -9.10 -4.52 -21.62
N GLY B 423 -9.52 -4.99 -22.79
CA GLY B 423 -10.17 -4.14 -23.77
C GLY B 423 -11.55 -3.68 -23.29
N THR B 424 -12.29 -4.56 -22.62
CA THR B 424 -13.61 -4.23 -22.11
C THR B 424 -13.50 -3.22 -20.94
N VAL B 425 -12.48 -3.40 -20.11
CA VAL B 425 -12.22 -2.49 -19.00
C VAL B 425 -11.97 -1.09 -19.61
N MET B 426 -11.15 -1.02 -20.66
CA MET B 426 -10.88 0.25 -21.31
C MET B 426 -12.16 0.90 -21.83
N ALA B 427 -13.09 0.10 -22.36
CA ALA B 427 -14.37 0.63 -22.86
C ALA B 427 -15.16 1.18 -21.66
N GLY B 428 -15.12 0.45 -20.54
CA GLY B 428 -15.80 0.89 -19.32
C GLY B 428 -15.22 2.17 -18.76
N GLU B 429 -13.90 2.30 -18.76
CA GLU B 429 -13.21 3.50 -18.28
C GLU B 429 -13.59 4.71 -19.10
N LEU B 430 -13.57 4.54 -20.42
CA LEU B 430 -13.90 5.62 -21.35
C LEU B 430 -15.30 6.18 -21.07
N SER B 431 -16.27 5.28 -20.96
CA SER B 431 -17.64 5.69 -20.73
C SER B 431 -17.90 6.38 -19.38
N LEU B 432 -17.40 5.80 -18.29
CA LEU B 432 -17.61 6.41 -16.97
C LEU B 432 -16.88 7.74 -16.84
N MET B 433 -15.67 7.82 -17.37
CA MET B 433 -14.90 9.06 -17.30
C MET B 433 -15.60 10.17 -18.06
N ALA B 434 -16.18 9.82 -19.21
CA ALA B 434 -16.90 10.80 -20.02
C ALA B 434 -18.12 11.32 -19.25
N ALA B 435 -18.81 10.40 -18.57
CA ALA B 435 -19.99 10.78 -17.77
C ALA B 435 -19.60 11.69 -16.60
N LEU B 436 -18.49 11.38 -15.94
CA LEU B 436 -18.01 12.20 -14.82
C LEU B 436 -17.54 13.56 -15.29
N ALA B 437 -16.90 13.59 -16.46
CA ALA B 437 -16.39 14.84 -17.04
C ALA B 437 -17.51 15.77 -17.50
N ALA B 438 -18.54 15.20 -18.12
CA ALA B 438 -19.68 15.94 -18.63
C ALA B 438 -20.70 16.32 -17.53
N GLY B 439 -20.64 15.64 -16.38
CA GLY B 439 -21.56 15.92 -15.30
C GLY B 439 -22.98 15.37 -15.49
N GLU C 68 39.10 29.81 2.38
CA GLU C 68 38.56 30.31 3.69
C GLU C 68 38.30 31.81 3.67
N ARG C 69 39.03 32.53 2.82
CA ARG C 69 38.85 33.98 2.72
C ARG C 69 37.57 34.25 1.91
N GLY C 70 37.31 33.38 0.93
CA GLY C 70 36.12 33.51 0.11
C GLY C 70 34.91 33.24 0.98
N VAL C 71 35.06 32.31 1.92
CA VAL C 71 34.00 31.94 2.84
C VAL C 71 33.69 33.12 3.78
N SER C 72 34.74 33.73 4.32
CA SER C 72 34.63 34.87 5.23
C SER C 72 33.92 36.06 4.57
N ILE C 73 34.22 36.26 3.29
CA ILE C 73 33.63 37.34 2.50
C ILE C 73 32.16 37.06 2.16
N ARG C 74 31.87 35.80 1.81
CA ARG C 74 30.49 35.42 1.49
C ARG C 74 29.66 35.66 2.75
N ARG C 75 30.21 35.32 3.92
CA ARG C 75 29.55 35.53 5.20
C ARG C 75 29.29 37.02 5.45
N GLN C 76 30.26 37.86 5.08
CA GLN C 76 30.15 39.30 5.24
C GLN C 76 29.04 39.86 4.34
N LEU C 77 29.01 39.42 3.08
CA LEU C 77 27.97 39.85 2.15
C LEU C 77 26.62 39.34 2.65
N LEU C 78 26.57 38.07 3.04
CA LEU C 78 25.32 37.46 3.52
C LEU C 78 24.73 38.17 4.73
N SER C 79 25.58 38.50 5.71
CA SER C 79 25.11 39.16 6.93
C SER C 79 24.34 40.48 6.71
N LYS C 80 24.62 41.18 5.61
CA LYS C 80 23.94 42.44 5.32
C LYS C 80 22.48 42.27 4.87
N LYS C 81 22.13 41.06 4.47
CA LYS C 81 20.77 40.76 4.01
C LYS C 81 19.91 40.14 5.10
N LEU C 82 20.46 40.01 6.30
CA LEU C 82 19.73 39.40 7.41
C LEU C 82 19.03 40.41 8.32
N SER C 83 17.92 40.01 8.91
CA SER C 83 17.16 40.85 9.84
C SER C 83 17.97 41.00 11.12
N GLU C 84 18.82 40.02 11.38
CA GLU C 84 19.72 39.98 12.53
C GLU C 84 21.10 39.75 11.91
N PRO C 85 21.85 40.84 11.63
CA PRO C 85 23.19 40.76 11.02
C PRO C 85 24.20 39.96 11.83
N SER C 86 23.93 39.74 13.12
CA SER C 86 24.82 39.01 13.99
C SER C 86 24.54 37.49 14.05
N SER C 87 23.52 37.04 13.32
CA SER C 87 23.13 35.62 13.28
C SER C 87 24.31 34.65 13.11
N LEU C 88 25.17 34.94 12.13
CA LEU C 88 26.31 34.10 11.81
C LEU C 88 27.43 33.99 12.85
N GLN C 89 27.37 34.79 13.91
CA GLN C 89 28.40 34.79 14.95
C GLN C 89 28.79 33.40 15.48
N TYR C 90 27.79 32.59 15.83
CA TYR C 90 28.06 31.27 16.35
C TYR C 90 28.10 30.13 15.33
N LEU C 91 28.11 30.47 14.04
CA LEU C 91 28.21 29.46 13.00
C LEU C 91 29.68 29.44 12.64
N PRO C 92 30.40 28.38 13.04
CA PRO C 92 31.84 28.24 12.78
C PRO C 92 32.19 28.08 11.31
N TYR C 93 33.41 28.48 10.98
CA TYR C 93 33.92 28.41 9.62
C TYR C 93 35.44 28.31 9.54
N ARG C 94 36.13 28.70 10.61
CA ARG C 94 37.59 28.67 10.65
C ARG C 94 38.19 27.29 10.92
N ASP C 95 39.44 27.14 10.50
CA ASP C 95 40.22 25.91 10.70
C ASP C 95 39.62 24.67 10.03
N TYR C 96 39.01 24.88 8.86
CA TYR C 96 38.40 23.77 8.13
C TYR C 96 38.95 23.75 6.69
N ASN C 97 39.21 22.57 6.16
CA ASN C 97 39.74 22.47 4.80
C ASN C 97 38.63 22.43 3.75
N TYR C 98 38.39 23.57 3.11
CA TYR C 98 37.34 23.69 2.08
C TYR C 98 37.75 23.24 0.69
N SER C 99 39.04 22.96 0.49
CA SER C 99 39.53 22.54 -0.82
C SER C 99 38.87 21.21 -1.24
N LEU C 100 38.52 20.41 -0.24
CA LEU C 100 37.87 19.13 -0.47
C LEU C 100 36.35 19.30 -0.72
N VAL C 101 35.76 20.33 -0.11
CA VAL C 101 34.33 20.59 -0.24
C VAL C 101 33.96 21.35 -1.52
N MET C 102 34.70 22.41 -1.82
CA MET C 102 34.49 23.25 -2.99
C MET C 102 34.46 22.49 -4.32
N GLY C 103 33.33 22.60 -5.03
CA GLY C 103 33.20 21.94 -6.32
C GLY C 103 33.04 20.43 -6.26
N ALA C 104 32.67 19.90 -5.10
CA ALA C 104 32.49 18.46 -4.96
C ALA C 104 31.41 18.07 -3.95
N CYS C 105 31.32 18.79 -2.83
CA CYS C 105 30.35 18.46 -1.80
C CYS C 105 29.31 19.54 -1.45
N CYS C 106 29.62 20.81 -1.67
CA CYS C 106 28.70 21.89 -1.33
C CYS C 106 29.08 23.19 -2.05
N GLU C 107 28.09 24.07 -2.24
CA GLU C 107 28.30 25.36 -2.90
C GLU C 107 27.82 26.49 -1.99
N ASN C 108 28.21 27.73 -2.31
CA ASN C 108 27.84 28.92 -1.52
C ASN C 108 28.07 28.68 -0.04
N VAL C 109 29.22 28.09 0.27
CA VAL C 109 29.60 27.73 1.63
C VAL C 109 29.82 28.93 2.54
N ILE C 110 29.20 28.89 3.73
CA ILE C 110 29.30 29.94 4.71
C ILE C 110 29.83 29.41 6.05
N GLY C 111 30.23 28.15 6.07
CA GLY C 111 30.76 27.55 7.28
C GLY C 111 30.46 26.07 7.37
N TYR C 112 30.36 25.55 8.58
CA TYR C 112 30.06 24.15 8.81
C TYR C 112 29.22 23.97 10.07
N MET C 113 28.47 22.89 10.11
CA MET C 113 27.61 22.58 11.25
C MET C 113 28.15 21.38 12.01
N PRO C 114 28.57 21.58 13.27
CA PRO C 114 29.11 20.50 14.10
C PRO C 114 28.00 19.63 14.68
N ILE C 115 28.09 18.32 14.44
CA ILE C 115 27.09 17.38 14.98
C ILE C 115 27.85 16.50 15.98
N PRO C 116 27.41 16.47 17.25
CA PRO C 116 28.08 15.66 18.27
C PRO C 116 28.19 14.19 17.83
N VAL C 117 29.35 13.58 18.08
CA VAL C 117 29.61 12.19 17.73
C VAL C 117 29.86 11.38 18.98
N GLY C 118 29.03 10.35 19.19
CA GLY C 118 29.16 9.47 20.33
C GLY C 118 29.54 8.08 19.84
N VAL C 119 29.97 7.20 20.75
CA VAL C 119 30.35 5.85 20.35
C VAL C 119 29.56 4.79 21.07
N ALA C 120 29.09 3.80 20.33
CA ALA C 120 28.35 2.68 20.91
C ALA C 120 29.14 1.40 20.63
N GLY C 121 29.30 0.57 21.64
CA GLY C 121 30.04 -0.67 21.44
C GLY C 121 30.71 -1.24 22.68
N PRO C 122 31.47 -2.33 22.53
CA PRO C 122 31.70 -3.01 21.25
C PRO C 122 30.50 -3.78 20.72
N LEU C 123 30.35 -3.76 19.41
CA LEU C 123 29.27 -4.50 18.75
C LEU C 123 29.93 -5.80 18.30
N CYS C 124 29.56 -6.91 18.94
CA CYS C 124 30.13 -8.21 18.60
C CYS C 124 29.36 -8.79 17.41
N LEU C 125 29.97 -8.69 16.25
CA LEU C 125 29.34 -9.13 15.01
C LEU C 125 30.27 -9.99 14.18
N ASP C 126 29.79 -11.19 13.83
CA ASP C 126 30.56 -12.13 13.02
C ASP C 126 31.99 -12.37 13.55
N GLU C 127 32.10 -12.58 14.86
CA GLU C 127 33.37 -12.83 15.53
C GLU C 127 34.35 -11.66 15.54
N LYS C 128 33.82 -10.46 15.31
CA LYS C 128 34.62 -9.23 15.34
C LYS C 128 33.95 -8.25 16.29
N GLU C 129 34.72 -7.26 16.76
CA GLU C 129 34.18 -6.26 17.66
C GLU C 129 34.32 -4.89 17.00
N PHE C 130 33.22 -4.14 16.97
CA PHE C 130 33.23 -2.83 16.36
C PHE C 130 32.85 -1.73 17.34
N GLN C 131 33.47 -0.58 17.17
CA GLN C 131 33.19 0.60 17.99
C GLN C 131 32.48 1.50 16.99
N VAL C 132 31.16 1.63 17.16
CA VAL C 132 30.35 2.38 16.21
C VAL C 132 30.13 3.87 16.49
N PRO C 133 30.59 4.73 15.57
CA PRO C 133 30.40 6.18 15.74
C PRO C 133 28.98 6.58 15.30
N MET C 134 28.34 7.43 16.11
CA MET C 134 26.98 7.88 15.84
C MET C 134 26.87 9.39 16.03
N ALA C 135 26.56 10.09 14.94
CA ALA C 135 26.39 11.54 14.99
C ALA C 135 24.93 11.86 15.25
N THR C 136 24.62 12.40 16.42
CA THR C 136 23.25 12.71 16.75
C THR C 136 23.07 13.83 17.79
N THR C 137 21.87 14.42 17.78
CA THR C 137 21.50 15.48 18.72
C THR C 137 20.32 15.00 19.56
N GLU C 138 20.01 13.71 19.48
CA GLU C 138 18.91 13.13 20.24
C GLU C 138 19.40 12.46 21.53
N GLY C 139 19.01 13.01 22.67
CA GLY C 139 19.41 12.46 23.96
C GLY C 139 19.01 11.01 24.17
N CYS C 140 19.91 10.24 24.78
CA CYS C 140 19.72 8.83 25.09
C CYS C 140 19.81 7.83 23.93
N LEU C 141 19.93 8.32 22.70
CA LEU C 141 20.03 7.41 21.56
C LEU C 141 21.32 6.58 21.65
N VAL C 142 22.47 7.23 21.82
CA VAL C 142 23.74 6.51 21.93
C VAL C 142 23.79 5.59 23.14
N ALA C 143 23.34 6.06 24.30
CA ALA C 143 23.34 5.25 25.52
C ALA C 143 22.45 4.01 25.38
N SER C 144 21.27 4.21 24.81
CA SER C 144 20.30 3.13 24.59
C SER C 144 20.88 2.08 23.63
N THR C 145 21.49 2.52 22.55
CA THR C 145 22.09 1.63 21.56
C THR C 145 23.24 0.84 22.21
N ASN C 146 24.01 1.54 23.04
CA ASN C 146 25.14 0.95 23.76
C ASN C 146 24.63 -0.19 24.67
N ARG C 147 23.48 0.00 25.29
CA ARG C 147 22.90 -1.03 26.15
C ARG C 147 22.52 -2.27 25.30
N GLY C 148 22.04 -2.04 24.08
CA GLY C 148 21.67 -3.14 23.21
C GLY C 148 22.89 -3.94 22.80
N CYS C 149 24.00 -3.25 22.56
CA CYS C 149 25.26 -3.90 22.17
C CYS C 149 25.74 -4.80 23.31
N ARG C 150 25.60 -4.30 24.54
CA ARG C 150 26.00 -5.02 25.74
C ARG C 150 25.22 -6.35 25.83
N ALA C 151 23.91 -6.28 25.65
CA ALA C 151 23.08 -7.49 25.70
C ALA C 151 23.50 -8.49 24.63
N ILE C 152 23.79 -7.99 23.43
CA ILE C 152 24.22 -8.85 22.33
C ILE C 152 25.57 -9.50 22.62
N GLY C 153 26.50 -8.70 23.16
CA GLY C 153 27.82 -9.20 23.50
C GLY C 153 27.78 -10.27 24.58
N LEU C 154 26.93 -10.06 25.59
CA LEU C 154 26.79 -11.03 26.68
C LEU C 154 26.11 -12.31 26.20
N GLY C 155 25.49 -12.26 25.03
CA GLY C 155 24.81 -13.42 24.47
C GLY C 155 25.63 -14.17 23.43
N GLY C 156 26.91 -13.84 23.30
CA GLY C 156 27.75 -14.53 22.33
C GLY C 156 27.90 -13.86 20.98
N GLY C 157 27.30 -12.69 20.80
CA GLY C 157 27.43 -11.99 19.53
C GLY C 157 26.33 -12.21 18.52
N ALA C 158 26.40 -11.44 17.45
CA ALA C 158 25.42 -11.49 16.38
C ALA C 158 26.06 -12.02 15.12
N SER C 159 25.23 -12.55 14.22
CA SER C 159 25.69 -13.08 12.93
C SER C 159 24.93 -12.32 11.84
N SER C 160 25.58 -12.07 10.73
CA SER C 160 24.93 -11.37 9.64
C SER C 160 25.34 -11.93 8.28
N ARG C 161 24.53 -11.62 7.27
CA ARG C 161 24.79 -12.06 5.91
C ARG C 161 24.26 -11.02 4.92
N VAL C 162 25.00 -10.81 3.84
CA VAL C 162 24.57 -9.91 2.79
C VAL C 162 23.91 -10.84 1.78
N LEU C 163 22.63 -10.58 1.50
CA LEU C 163 21.82 -11.39 0.59
C LEU C 163 21.83 -10.94 -0.85
N ALA C 164 22.06 -9.65 -1.09
CA ALA C 164 22.08 -9.10 -2.43
C ALA C 164 22.82 -7.77 -2.39
N ASP C 165 23.32 -7.37 -3.55
CA ASP C 165 24.08 -6.13 -3.68
C ASP C 165 23.90 -5.54 -5.06
N GLY C 166 23.28 -4.36 -5.13
CA GLY C 166 23.08 -3.73 -6.42
C GLY C 166 22.27 -2.45 -6.36
N MET C 167 22.91 -1.35 -6.74
CA MET C 167 22.28 -0.05 -6.77
C MET C 167 21.45 0.00 -8.05
N THR C 168 20.40 0.81 -8.06
CA THR C 168 19.53 0.91 -9.24
C THR C 168 19.25 2.33 -9.73
N ARG C 169 18.77 2.41 -10.95
CA ARG C 169 18.35 3.65 -11.58
C ARG C 169 17.18 3.21 -12.46
N GLY C 170 16.06 3.92 -12.36
CA GLY C 170 14.89 3.54 -13.12
C GLY C 170 14.34 4.60 -14.06
N PRO C 171 14.92 4.76 -15.25
CA PRO C 171 14.44 5.76 -16.21
C PRO C 171 13.11 5.43 -16.82
N VAL C 172 12.50 6.43 -17.44
CA VAL C 172 11.25 6.24 -18.13
C VAL C 172 11.42 6.69 -19.59
N VAL C 173 11.08 5.81 -20.52
CA VAL C 173 11.14 6.14 -21.94
C VAL C 173 9.75 5.94 -22.54
N ARG C 174 9.48 6.59 -23.67
CA ARG C 174 8.20 6.41 -24.31
C ARG C 174 8.30 6.13 -25.80
N LEU C 175 7.39 5.28 -26.26
CA LEU C 175 7.28 4.89 -27.66
C LEU C 175 5.99 5.48 -28.20
N PRO C 176 5.82 5.51 -29.54
CA PRO C 176 4.58 6.07 -30.10
C PRO C 176 3.32 5.36 -29.65
N ARG C 177 3.41 4.04 -29.48
CA ARG C 177 2.26 3.24 -29.08
C ARG C 177 2.64 2.18 -28.05
N ALA C 178 1.64 1.72 -27.31
CA ALA C 178 1.83 0.69 -26.29
C ALA C 178 2.32 -0.60 -26.95
N CYS C 179 1.92 -0.83 -28.19
CA CYS C 179 2.34 -2.01 -28.92
C CYS C 179 3.86 -1.94 -29.18
N ASP C 180 4.38 -0.72 -29.36
CA ASP C 180 5.81 -0.51 -29.58
C ASP C 180 6.58 -0.71 -28.27
N SER C 181 6.04 -0.17 -27.16
CA SER C 181 6.72 -0.33 -25.88
C SER C 181 6.75 -1.81 -25.48
N ALA C 182 5.70 -2.54 -25.81
CA ALA C 182 5.66 -3.98 -25.52
C ALA C 182 6.79 -4.66 -26.29
N GLU C 183 7.00 -4.20 -27.53
CA GLU C 183 8.06 -4.73 -28.39
C GLU C 183 9.45 -4.50 -27.77
N VAL C 184 9.70 -3.28 -27.29
CA VAL C 184 10.99 -2.97 -26.67
C VAL C 184 11.18 -3.87 -25.45
N LYS C 185 10.12 -4.05 -24.66
CA LYS C 185 10.14 -4.89 -23.46
C LYS C 185 10.54 -6.34 -23.80
N ALA C 186 9.91 -6.93 -24.83
CA ALA C 186 10.24 -8.30 -25.21
C ALA C 186 11.72 -8.37 -25.62
N TRP C 187 12.21 -7.34 -26.30
CA TRP C 187 13.59 -7.26 -26.75
C TRP C 187 14.57 -7.23 -25.59
N LEU C 188 14.29 -6.40 -24.58
CA LEU C 188 15.15 -6.28 -23.42
C LEU C 188 15.20 -7.58 -22.62
N GLU C 189 14.20 -8.44 -22.83
CA GLU C 189 14.09 -9.72 -22.15
C GLU C 189 14.73 -10.93 -22.85
N THR C 190 15.27 -10.72 -24.04
CA THR C 190 15.96 -11.81 -24.74
C THR C 190 17.43 -11.73 -24.28
N SER C 191 18.14 -12.85 -24.39
CA SER C 191 19.55 -12.91 -24.00
C SER C 191 20.42 -11.99 -24.86
N GLU C 192 20.06 -11.87 -26.14
CA GLU C 192 20.81 -11.02 -27.07
C GLU C 192 20.56 -9.54 -26.77
N GLY C 193 19.32 -9.22 -26.38
CA GLY C 193 18.96 -7.86 -26.05
C GLY C 193 19.68 -7.40 -24.82
N PHE C 194 19.64 -8.22 -23.78
CA PHE C 194 20.32 -7.92 -22.53
C PHE C 194 21.84 -7.82 -22.68
N ALA C 195 22.43 -8.69 -23.50
CA ALA C 195 23.88 -8.69 -23.71
C ALA C 195 24.34 -7.39 -24.35
N VAL C 196 23.57 -6.87 -25.29
CA VAL C 196 23.89 -5.62 -25.97
C VAL C 196 23.82 -4.44 -24.99
N ILE C 197 22.75 -4.40 -24.19
CA ILE C 197 22.56 -3.34 -23.21
C ILE C 197 23.64 -3.40 -22.13
N LYS C 198 23.95 -4.62 -21.67
CA LYS C 198 24.96 -4.82 -20.65
C LYS C 198 26.37 -4.40 -21.12
N GLU C 199 26.66 -4.61 -22.40
CA GLU C 199 27.95 -4.24 -22.98
C GLU C 199 28.12 -2.72 -22.95
N ALA C 200 27.07 -1.99 -23.34
CA ALA C 200 27.12 -0.55 -23.34
C ALA C 200 27.19 -0.01 -21.91
N PHE C 201 26.44 -0.64 -21.01
CA PHE C 201 26.39 -0.22 -19.61
C PHE C 201 27.71 -0.42 -18.89
N ASP C 202 28.32 -1.57 -19.07
CA ASP C 202 29.58 -1.90 -18.41
C ASP C 202 30.84 -1.21 -18.94
N SER C 203 30.76 -0.58 -20.12
CA SER C 203 31.92 0.10 -20.68
C SER C 203 32.21 1.45 -20.03
N THR C 204 31.26 1.96 -19.25
CA THR C 204 31.43 3.26 -18.59
C THR C 204 32.34 3.25 -17.36
N SER C 205 32.56 2.06 -16.79
CA SER C 205 33.42 1.93 -15.60
C SER C 205 33.86 0.51 -15.39
N ARG C 206 35.02 0.36 -14.74
CA ARG C 206 35.58 -0.96 -14.43
C ARG C 206 34.74 -1.67 -13.37
N PHE C 207 34.16 -0.89 -12.46
CA PHE C 207 33.34 -1.43 -11.38
C PHE C 207 31.85 -1.56 -11.67
N ALA C 208 31.40 -1.10 -12.83
CA ALA C 208 29.98 -1.16 -13.19
C ALA C 208 29.64 -2.42 -13.96
N ARG C 209 28.96 -3.35 -13.31
CA ARG C 209 28.54 -4.60 -13.93
C ARG C 209 27.03 -4.84 -13.80
N LEU C 210 26.31 -4.67 -14.89
CA LEU C 210 24.85 -4.85 -14.92
C LEU C 210 24.47 -6.28 -14.57
N GLN C 211 23.67 -6.43 -13.52
CA GLN C 211 23.22 -7.73 -13.05
C GLN C 211 21.89 -8.11 -13.65
N LYS C 212 20.94 -7.17 -13.66
CA LYS C 212 19.63 -7.45 -14.19
C LYS C 212 18.81 -6.23 -14.59
N LEU C 213 17.71 -6.53 -15.27
CA LEU C 213 16.78 -5.54 -15.76
C LEU C 213 15.38 -5.94 -15.32
N HIS C 214 14.61 -4.96 -14.90
CA HIS C 214 13.23 -5.19 -14.50
C HIS C 214 12.48 -4.10 -15.24
N THR C 215 11.62 -4.50 -16.16
CA THR C 215 10.88 -3.52 -16.94
C THR C 215 9.41 -3.56 -16.60
N SER C 216 8.77 -2.41 -16.70
CA SER C 216 7.35 -2.29 -16.40
C SER C 216 6.74 -1.31 -17.40
N ILE C 217 5.58 -1.68 -17.93
CA ILE C 217 4.87 -0.85 -18.89
C ILE C 217 3.64 -0.14 -18.32
N ALA C 218 3.42 1.10 -18.77
CA ALA C 218 2.23 1.86 -18.39
C ALA C 218 1.82 2.50 -19.72
N GLY C 219 1.00 1.79 -20.49
CA GLY C 219 0.59 2.29 -21.79
C GLY C 219 1.82 2.37 -22.70
N ARG C 220 2.03 3.53 -23.32
CA ARG C 220 3.18 3.68 -24.20
C ARG C 220 4.49 4.00 -23.47
N ASN C 221 4.41 4.11 -22.15
CA ASN C 221 5.59 4.38 -21.30
C ASN C 221 6.23 3.05 -20.90
N LEU C 222 7.54 3.05 -20.77
CA LEU C 222 8.25 1.86 -20.32
C LEU C 222 9.24 2.30 -19.25
N TYR C 223 9.15 1.68 -18.08
CA TYR C 223 10.05 1.98 -16.97
C TYR C 223 11.04 0.83 -16.90
N ILE C 224 12.32 1.15 -16.93
CA ILE C 224 13.38 0.16 -16.90
C ILE C 224 14.26 0.34 -15.68
N ARG C 225 14.28 -0.68 -14.82
CA ARG C 225 15.07 -0.61 -13.62
C ARG C 225 16.40 -1.34 -13.84
N PHE C 226 17.47 -0.58 -13.97
CA PHE C 226 18.82 -1.13 -14.15
C PHE C 226 19.40 -1.39 -12.77
N GLN C 227 19.97 -2.57 -12.55
CA GLN C 227 20.59 -2.89 -11.27
C GLN C 227 22.02 -3.35 -11.49
N SER C 228 22.95 -2.78 -10.73
CA SER C 228 24.35 -3.12 -10.89
C SER C 228 25.20 -2.98 -9.63
N ARG C 229 26.30 -3.73 -9.59
CA ARG C 229 27.28 -3.64 -8.50
C ARG C 229 28.05 -2.36 -8.79
N SER C 230 28.79 -1.87 -7.80
CA SER C 230 29.53 -0.63 -7.98
C SER C 230 30.77 -0.57 -7.12
N GLY C 231 31.40 -1.72 -6.88
CA GLY C 231 32.58 -1.73 -6.04
C GLY C 231 32.21 -1.28 -4.65
N ASP C 232 33.03 -0.41 -4.06
CA ASP C 232 32.76 0.09 -2.72
C ASP C 232 32.02 1.44 -2.72
N ALA C 233 31.62 1.89 -3.90
CA ALA C 233 30.89 3.16 -4.02
C ALA C 233 29.39 2.93 -3.86
N MET C 234 28.67 3.94 -3.36
CA MET C 234 27.20 3.81 -3.21
C MET C 234 26.69 3.57 -4.63
N GLY C 235 27.35 4.20 -5.60
CA GLY C 235 27.05 3.97 -7.01
C GLY C 235 26.07 4.77 -7.82
N MET C 236 25.40 5.75 -7.24
CA MET C 236 24.42 6.53 -8.00
C MET C 236 24.98 7.19 -9.25
N ASN C 237 26.15 7.79 -9.14
CA ASN C 237 26.78 8.45 -10.29
C ASN C 237 27.16 7.45 -11.38
N MET C 238 27.88 6.40 -10.98
CA MET C 238 28.30 5.34 -11.90
C MET C 238 27.11 4.72 -12.62
N ILE C 239 26.11 4.31 -11.84
CA ILE C 239 24.90 3.69 -12.38
C ILE C 239 24.15 4.63 -13.33
N SER C 240 24.09 5.92 -13.00
CA SER C 240 23.40 6.90 -13.86
C SER C 240 24.11 7.05 -15.20
N LYS C 241 25.45 7.06 -15.17
CA LYS C 241 26.28 7.16 -16.39
C LYS C 241 26.04 5.92 -17.26
N GLY C 242 26.13 4.75 -16.64
CA GLY C 242 25.89 3.51 -17.37
C GLY C 242 24.49 3.49 -17.97
N THR C 243 23.50 3.96 -17.21
CA THR C 243 22.11 4.01 -17.68
C THR C 243 21.99 4.86 -18.94
N GLU C 244 22.64 6.03 -18.92
CA GLU C 244 22.65 6.95 -20.07
C GLU C 244 23.22 6.26 -21.31
N LYS C 245 24.33 5.56 -21.12
CA LYS C 245 24.96 4.86 -22.23
C LYS C 245 24.09 3.73 -22.75
N ALA C 246 23.48 2.97 -21.84
CA ALA C 246 22.60 1.87 -22.25
C ALA C 246 21.40 2.38 -23.03
N LEU C 247 20.82 3.51 -22.59
CA LEU C 247 19.67 4.09 -23.28
C LEU C 247 20.03 4.62 -24.67
N SER C 248 21.25 5.17 -24.79
CA SER C 248 21.75 5.71 -26.05
C SER C 248 21.85 4.55 -27.04
N LYS C 249 22.35 3.41 -26.54
CA LYS C 249 22.48 2.22 -27.35
C LYS C 249 21.08 1.68 -27.75
N LEU C 250 20.16 1.61 -26.80
CA LEU C 250 18.79 1.13 -27.05
C LEU C 250 18.13 2.00 -28.11
N HIS C 251 18.44 3.29 -28.09
CA HIS C 251 17.87 4.22 -29.06
C HIS C 251 18.36 3.94 -30.49
N GLU C 252 19.50 3.25 -30.62
CA GLU C 252 20.04 2.90 -31.93
C GLU C 252 19.16 1.82 -32.54
N TYR C 253 18.59 0.96 -31.70
CA TYR C 253 17.71 -0.11 -32.16
C TYR C 253 16.26 0.34 -32.28
N PHE C 254 15.89 1.37 -31.53
CA PHE C 254 14.53 1.90 -31.54
C PHE C 254 14.59 3.42 -31.63
N PRO C 255 14.83 3.95 -32.84
CA PRO C 255 14.91 5.39 -33.08
C PRO C 255 13.64 6.17 -32.77
N GLU C 256 12.51 5.46 -32.71
CA GLU C 256 11.23 6.10 -32.41
C GLU C 256 11.07 6.37 -30.90
N MET C 257 11.95 5.77 -30.11
CA MET C 257 11.93 5.90 -28.66
C MET C 257 12.39 7.25 -28.12
N GLN C 258 11.60 7.81 -27.21
CA GLN C 258 11.94 9.09 -26.59
C GLN C 258 12.36 8.84 -25.14
N ILE C 259 13.51 9.40 -24.76
CA ILE C 259 13.99 9.28 -23.39
C ILE C 259 13.37 10.45 -22.63
N LEU C 260 12.37 10.14 -21.79
CA LEU C 260 11.68 11.17 -21.06
C LEU C 260 12.47 11.71 -19.86
N ALA C 261 13.06 10.80 -19.09
CA ALA C 261 13.86 11.19 -17.94
C ALA C 261 14.75 10.04 -17.50
N VAL C 262 16.03 10.34 -17.23
CA VAL C 262 16.99 9.33 -16.78
C VAL C 262 16.51 8.68 -15.47
N SER C 263 15.68 9.41 -14.73
CA SER C 263 15.07 8.86 -13.54
C SER C 263 13.57 9.08 -13.64
N GLY C 264 12.82 7.98 -13.71
CA GLY C 264 11.38 8.04 -13.80
C GLY C 264 10.74 7.61 -12.48
N ASN C 265 11.52 7.72 -11.40
CA ASN C 265 11.07 7.35 -10.05
C ASN C 265 10.85 5.86 -9.84
N TYR C 266 11.36 5.06 -10.77
CA TYR C 266 11.24 3.60 -10.69
C TYR C 266 12.50 2.98 -10.05
N CYS C 267 13.43 3.80 -9.59
CA CYS C 267 14.67 3.31 -8.96
C CYS C 267 14.44 2.46 -7.70
N THR C 268 13.85 2.97 -6.62
CA THR C 268 13.35 4.35 -6.45
C THR C 268 14.32 5.03 -5.47
N ASP C 269 14.74 6.26 -5.79
CA ASP C 269 15.69 6.96 -4.96
C ASP C 269 15.11 8.07 -4.07
N LYS C 270 15.30 7.91 -2.75
CA LYS C 270 14.85 8.90 -1.78
C LYS C 270 13.35 9.15 -1.63
N LYS C 271 12.54 8.16 -2.00
CA LYS C 271 11.09 8.23 -1.85
C LYS C 271 10.68 6.84 -1.38
N PRO C 272 9.69 6.77 -0.47
CA PRO C 272 9.25 5.44 0.00
C PRO C 272 8.64 4.70 -1.20
N ALA C 273 9.02 3.44 -1.39
CA ALA C 273 8.51 2.69 -2.52
C ALA C 273 8.50 1.19 -2.24
N ALA C 274 7.40 0.55 -2.61
CA ALA C 274 7.26 -0.89 -2.43
C ALA C 274 8.29 -1.65 -3.25
N ILE C 275 8.67 -1.11 -4.40
CA ILE C 275 9.64 -1.81 -5.24
C ILE C 275 11.00 -2.03 -4.52
N ASN C 276 11.43 -1.08 -3.70
CA ASN C 276 12.69 -1.20 -2.95
C ASN C 276 12.59 -2.25 -1.85
N TRP C 277 11.43 -2.30 -1.21
CA TRP C 277 11.16 -3.25 -0.15
C TRP C 277 11.07 -4.70 -0.68
N ILE C 278 10.44 -4.85 -1.84
CA ILE C 278 10.23 -6.15 -2.46
C ILE C 278 11.39 -6.69 -3.29
N GLU C 279 12.04 -5.83 -4.08
CA GLU C 279 13.15 -6.24 -4.92
C GLU C 279 14.52 -5.86 -4.37
N GLY C 280 14.54 -5.02 -3.35
CA GLY C 280 15.80 -4.58 -2.76
C GLY C 280 16.45 -3.47 -3.57
N ARG C 281 17.37 -2.75 -2.94
CA ARG C 281 18.13 -1.69 -3.58
C ARG C 281 19.39 -1.52 -2.75
N GLY C 282 20.55 -1.49 -3.39
CA GLY C 282 21.80 -1.38 -2.64
C GLY C 282 22.06 -2.74 -2.02
N LYS C 283 22.31 -2.78 -0.71
CA LYS C 283 22.56 -4.02 -0.01
C LYS C 283 21.39 -4.55 0.81
N SER C 284 21.11 -5.84 0.66
CA SER C 284 20.06 -6.51 1.42
C SER C 284 20.84 -7.30 2.47
N VAL C 285 20.49 -7.09 3.73
CA VAL C 285 21.20 -7.72 4.82
C VAL C 285 20.26 -8.29 5.87
N VAL C 286 20.71 -9.35 6.54
CA VAL C 286 19.96 -9.95 7.63
C VAL C 286 20.95 -10.16 8.77
N CYS C 287 20.50 -9.97 9.99
CA CYS C 287 21.36 -10.17 11.14
C CYS C 287 20.51 -10.79 12.23
N GLU C 288 21.15 -11.54 13.13
CA GLU C 288 20.42 -12.22 14.20
C GLU C 288 21.27 -12.42 15.45
N ALA C 289 20.61 -12.71 16.56
CA ALA C 289 21.27 -12.95 17.84
C ALA C 289 20.30 -13.63 18.78
N VAL C 290 20.85 -14.27 19.80
CA VAL C 290 20.06 -14.92 20.84
C VAL C 290 20.51 -14.29 22.15
N ILE C 291 19.56 -13.73 22.89
CA ILE C 291 19.86 -13.09 24.17
C ILE C 291 19.40 -14.04 25.29
N PRO C 292 20.34 -14.50 26.13
CA PRO C 292 20.02 -15.41 27.24
C PRO C 292 19.01 -14.78 28.21
N ALA C 293 18.13 -15.61 28.76
CA ALA C 293 17.10 -15.16 29.69
C ALA C 293 17.66 -14.25 30.80
N LYS C 294 18.82 -14.62 31.35
CA LYS C 294 19.41 -13.84 32.43
C LYS C 294 19.82 -12.45 31.97
N VAL C 295 20.27 -12.34 30.72
CA VAL C 295 20.66 -11.04 30.16
C VAL C 295 19.42 -10.18 29.89
N VAL C 296 18.32 -10.80 29.48
CA VAL C 296 17.08 -10.06 29.22
C VAL C 296 16.60 -9.44 30.54
N ARG C 297 16.69 -10.21 31.63
CA ARG C 297 16.27 -9.77 32.94
C ARG C 297 17.17 -8.68 33.54
N GLU C 298 18.47 -8.97 33.59
CA GLU C 298 19.45 -8.06 34.19
C GLU C 298 19.94 -6.88 33.38
N VAL C 299 20.10 -7.05 32.07
CA VAL C 299 20.57 -5.93 31.24
C VAL C 299 19.41 -5.14 30.63
N LEU C 300 18.42 -5.83 30.08
CA LEU C 300 17.28 -5.17 29.44
C LEU C 300 16.12 -4.86 30.40
N LYS C 301 16.18 -5.43 31.60
CA LYS C 301 15.17 -5.19 32.65
C LYS C 301 13.75 -5.59 32.30
N THR C 302 13.59 -6.70 31.60
CA THR C 302 12.26 -7.16 31.21
C THR C 302 12.29 -8.67 31.04
N THR C 303 11.28 -9.24 30.39
CA THR C 303 11.22 -10.68 30.16
C THR C 303 11.09 -10.93 28.67
N THR C 304 11.44 -12.14 28.25
CA THR C 304 11.36 -12.53 26.85
C THR C 304 9.92 -12.46 26.35
N GLU C 305 8.98 -12.87 27.20
CA GLU C 305 7.56 -12.86 26.88
C GLU C 305 7.04 -11.44 26.62
N ALA C 306 7.42 -10.49 27.47
CA ALA C 306 6.98 -9.09 27.30
C ALA C 306 7.55 -8.51 26.00
N MET C 307 8.81 -8.84 25.70
CA MET C 307 9.47 -8.36 24.48
C MET C 307 8.75 -8.85 23.22
N ILE C 308 8.43 -10.14 23.20
CA ILE C 308 7.74 -10.76 22.05
C ILE C 308 6.35 -10.17 21.83
N GLU C 309 5.60 -9.98 22.92
CA GLU C 309 4.27 -9.42 22.88
C GLU C 309 4.29 -8.00 22.29
N VAL C 310 5.26 -7.20 22.72
CA VAL C 310 5.40 -5.84 22.22
C VAL C 310 5.83 -5.87 20.74
N ASN C 311 6.76 -6.76 20.38
CA ASN C 311 7.21 -6.81 18.99
C ASN C 311 6.07 -7.13 18.02
N ILE C 312 5.26 -8.12 18.35
CA ILE C 312 4.16 -8.51 17.49
C ILE C 312 3.06 -7.44 17.38
N ASN C 313 2.69 -6.86 18.52
CA ASN C 313 1.63 -5.87 18.54
C ASN C 313 1.98 -4.45 18.14
N LYS C 314 3.27 -4.14 18.14
CA LYS C 314 3.78 -2.84 17.75
C LYS C 314 4.39 -2.89 16.34
N ASN C 315 5.44 -3.69 16.17
CA ASN C 315 6.14 -3.78 14.90
C ASN C 315 5.42 -4.49 13.76
N LEU C 316 4.50 -5.40 14.10
CA LEU C 316 3.74 -6.11 13.07
C LEU C 316 2.32 -5.57 12.98
N VAL C 317 1.50 -5.82 14.01
CA VAL C 317 0.11 -5.36 13.99
C VAL C 317 -0.04 -3.82 13.93
N GLY C 318 0.70 -3.08 14.76
CA GLY C 318 0.62 -1.63 14.75
C GLY C 318 1.00 -1.02 13.41
N SER C 319 2.12 -1.48 12.84
CA SER C 319 2.57 -1.02 11.52
C SER C 319 1.54 -1.38 10.44
N ALA C 320 0.90 -2.55 10.58
CA ALA C 320 -0.13 -2.95 9.63
C ALA C 320 -1.36 -2.01 9.74
N MET C 321 -1.75 -1.64 10.96
CA MET C 321 -2.88 -0.74 11.17
C MET C 321 -2.61 0.66 10.59
N ALA C 322 -1.34 1.08 10.64
CA ALA C 322 -0.90 2.37 10.14
C ALA C 322 -0.71 2.38 8.62
N GLY C 323 -0.84 1.22 7.97
CA GLY C 323 -0.68 1.15 6.52
C GLY C 323 0.76 1.42 6.11
N SER C 324 1.68 0.75 6.78
CA SER C 324 3.09 0.89 6.49
C SER C 324 3.61 -0.14 5.50
N ILE C 325 4.52 0.27 4.63
CA ILE C 325 5.18 -0.62 3.69
C ILE C 325 6.65 -0.50 4.06
N GLY C 326 7.22 -1.53 4.68
CA GLY C 326 8.62 -1.48 5.05
C GLY C 326 8.96 -0.92 6.43
N GLY C 327 7.95 -0.45 7.17
CA GLY C 327 8.20 0.12 8.50
C GLY C 327 7.83 -0.80 9.66
N TYR C 328 8.25 -2.06 9.57
CA TYR C 328 7.95 -3.07 10.61
C TYR C 328 9.07 -3.18 11.65
N ASN C 329 9.41 -2.03 12.23
CA ASN C 329 10.47 -1.90 13.22
C ASN C 329 10.16 -0.75 14.18
N ALA C 330 10.95 -0.64 15.24
CA ALA C 330 10.73 0.42 16.23
C ALA C 330 11.38 1.74 15.85
N HIS C 331 12.68 1.74 15.53
CA HIS C 331 13.34 2.98 15.16
C HIS C 331 14.64 2.82 14.36
N ALA C 332 14.61 1.95 13.36
CA ALA C 332 15.77 1.72 12.51
C ALA C 332 16.31 3.03 11.94
N ALA C 333 15.42 3.95 11.59
CA ALA C 333 15.81 5.24 11.03
C ALA C 333 16.76 6.06 11.92
N ASN C 334 16.61 5.96 13.24
CA ASN C 334 17.50 6.69 14.16
C ASN C 334 18.94 6.21 14.04
N ILE C 335 19.12 4.89 14.03
CA ILE C 335 20.45 4.30 13.94
C ILE C 335 21.07 4.56 12.58
N VAL C 336 20.31 4.29 11.53
CA VAL C 336 20.78 4.49 10.16
C VAL C 336 21.23 5.94 10.00
N THR C 337 20.39 6.88 10.42
CA THR C 337 20.72 8.29 10.27
C THR C 337 21.98 8.72 11.03
N ALA C 338 22.11 8.28 12.28
CA ALA C 338 23.27 8.62 13.10
C ALA C 338 24.58 8.09 12.49
N ILE C 339 24.55 6.86 11.98
CA ILE C 339 25.73 6.29 11.37
C ILE C 339 26.02 6.96 10.04
N TYR C 340 24.99 7.23 9.25
CA TYR C 340 25.17 7.87 7.95
C TYR C 340 25.83 9.24 8.02
N ILE C 341 25.42 10.05 9.00
CA ILE C 341 25.98 11.39 9.15
C ILE C 341 27.44 11.32 9.60
N ALA C 342 27.74 10.41 10.52
CA ALA C 342 29.10 10.25 11.01
C ALA C 342 30.05 9.74 9.93
N CYS C 343 29.56 8.83 9.08
CA CYS C 343 30.37 8.21 8.05
C CYS C 343 30.34 8.78 6.65
N GLY C 344 29.83 10.00 6.49
CA GLY C 344 29.78 10.62 5.19
C GLY C 344 28.84 10.02 4.16
N GLN C 345 27.78 9.34 4.61
CA GLN C 345 26.82 8.77 3.67
C GLN C 345 25.79 9.86 3.30
N ASP C 346 24.86 9.53 2.42
CA ASP C 346 23.82 10.46 2.01
C ASP C 346 22.67 10.26 3.00
N ALA C 347 22.52 11.19 3.93
CA ALA C 347 21.49 11.09 4.97
C ALA C 347 20.05 11.09 4.42
N ALA C 348 19.85 11.71 3.26
CA ALA C 348 18.54 11.72 2.63
C ALA C 348 18.12 10.31 2.21
N GLN C 349 19.10 9.40 2.07
CA GLN C 349 18.79 8.02 1.70
C GLN C 349 18.26 7.18 2.86
N ASN C 350 18.13 7.82 4.01
CA ASN C 350 17.56 7.18 5.18
C ASN C 350 16.11 6.75 4.88
N VAL C 351 15.46 7.43 3.93
CA VAL C 351 14.09 7.11 3.56
C VAL C 351 13.93 5.60 3.22
N GLY C 352 14.71 5.11 2.26
CA GLY C 352 14.64 3.69 1.90
C GLY C 352 15.61 2.81 2.68
N SER C 353 16.76 3.34 3.04
CA SER C 353 17.75 2.56 3.79
C SER C 353 17.22 2.08 5.14
N SER C 354 16.26 2.80 5.69
CA SER C 354 15.63 2.46 6.98
C SER C 354 14.63 1.30 6.94
N ASN C 355 14.23 0.88 5.75
CA ASN C 355 13.30 -0.25 5.60
C ASN C 355 13.80 -1.41 6.45
N CYS C 356 12.96 -1.94 7.31
CA CYS C 356 13.39 -3.01 8.18
C CYS C 356 12.24 -3.78 8.83
N ILE C 357 12.40 -5.10 8.96
CA ILE C 357 11.42 -5.90 9.67
C ILE C 357 12.15 -6.58 10.84
N THR C 358 11.67 -6.31 12.05
CA THR C 358 12.25 -6.83 13.28
C THR C 358 11.37 -7.96 13.79
N LEU C 359 11.97 -9.14 14.00
CA LEU C 359 11.23 -10.30 14.47
C LEU C 359 11.86 -10.87 15.74
N MET C 360 11.02 -11.28 16.67
CA MET C 360 11.47 -11.86 17.93
C MET C 360 10.69 -13.11 18.25
N GLU C 361 11.37 -14.06 18.90
CA GLU C 361 10.72 -15.29 19.31
C GLU C 361 11.50 -15.93 20.44
N ALA C 362 10.82 -16.79 21.20
CA ALA C 362 11.42 -17.51 22.31
C ALA C 362 12.25 -18.70 21.80
N SER C 363 13.40 -18.96 22.45
CA SER C 363 14.23 -20.11 22.09
C SER C 363 14.94 -20.65 23.34
N GLY C 364 15.76 -21.68 23.15
CA GLY C 364 16.46 -22.25 24.27
C GLY C 364 15.72 -23.41 24.90
N PRO C 365 16.35 -24.09 25.88
CA PRO C 365 15.87 -25.24 26.64
C PRO C 365 14.48 -25.09 27.26
N THR C 366 14.20 -23.91 27.80
CA THR C 366 12.92 -23.62 28.43
C THR C 366 12.13 -22.48 27.78
N ASN C 367 12.46 -22.18 26.52
CA ASN C 367 11.78 -21.11 25.78
C ASN C 367 11.80 -19.76 26.50
N GLU C 368 12.92 -19.46 27.17
CA GLU C 368 13.05 -18.21 27.91
C GLU C 368 14.09 -17.28 27.32
N ASP C 369 14.91 -17.79 26.42
CA ASP C 369 15.91 -16.96 25.77
C ASP C 369 15.20 -16.18 24.64
N LEU C 370 15.80 -15.08 24.22
CA LEU C 370 15.21 -14.24 23.19
C LEU C 370 15.97 -14.29 21.86
N TYR C 371 15.30 -14.78 20.82
CA TYR C 371 15.89 -14.80 19.50
C TYR C 371 15.39 -13.54 18.79
N ILE C 372 16.30 -12.77 18.20
CA ILE C 372 15.94 -11.57 17.47
C ILE C 372 16.65 -11.52 16.13
N SER C 373 15.98 -10.95 15.13
CA SER C 373 16.56 -10.80 13.80
C SER C 373 16.01 -9.52 13.18
N CYS C 374 16.84 -8.86 12.37
CA CYS C 374 16.46 -7.65 11.65
C CYS C 374 16.84 -7.88 10.20
N THR C 375 15.90 -7.60 9.30
CA THR C 375 16.13 -7.78 7.87
C THR C 375 15.90 -6.44 7.20
N MET C 376 16.94 -5.96 6.50
CA MET C 376 16.94 -4.69 5.82
C MET C 376 17.31 -4.93 4.37
N PRO C 377 16.31 -4.93 3.48
CA PRO C 377 16.51 -5.16 2.05
C PRO C 377 17.06 -4.03 1.22
N SER C 378 17.12 -2.83 1.76
CA SER C 378 17.60 -1.73 0.94
C SER C 378 18.54 -0.69 1.55
N ILE C 379 19.69 -1.16 2.02
CA ILE C 379 20.71 -0.28 2.60
C ILE C 379 21.58 0.32 1.48
N GLU C 380 21.46 1.63 1.26
CA GLU C 380 22.22 2.34 0.23
C GLU C 380 23.42 2.95 0.93
N ILE C 381 24.59 2.35 0.68
CA ILE C 381 25.81 2.73 1.36
C ILE C 381 27.09 2.58 0.52
N GLY C 382 28.15 3.27 0.93
CA GLY C 382 29.42 3.22 0.22
C GLY C 382 30.57 3.71 1.08
N THR C 383 31.79 3.33 0.72
CA THR C 383 32.96 3.74 1.51
C THR C 383 33.94 4.58 0.70
N VAL C 384 33.57 4.87 -0.55
CA VAL C 384 34.36 5.68 -1.46
C VAL C 384 33.43 6.69 -2.14
N GLY C 385 33.91 7.91 -2.37
CA GLY C 385 33.11 8.94 -3.02
C GLY C 385 32.22 9.78 -2.13
N GLY C 386 31.72 10.88 -2.69
CA GLY C 386 30.83 11.77 -1.96
C GLY C 386 31.39 12.29 -0.64
N GLY C 387 30.58 12.24 0.41
CA GLY C 387 31.00 12.70 1.72
C GLY C 387 32.10 11.88 2.35
N THR C 388 32.33 10.65 1.85
CA THR C 388 33.39 9.81 2.41
C THR C 388 34.78 10.29 1.99
N ASN C 389 34.84 11.33 1.15
CA ASN C 389 36.12 11.89 0.72
C ASN C 389 36.63 12.96 1.71
N LEU C 390 35.79 13.36 2.64
CA LEU C 390 36.16 14.37 3.64
C LEU C 390 36.87 13.68 4.79
N LEU C 391 37.87 14.35 5.36
CA LEU C 391 38.69 13.78 6.43
C LEU C 391 38.00 13.38 7.73
N PRO C 392 37.13 14.24 8.29
CA PRO C 392 36.48 13.82 9.53
C PRO C 392 35.62 12.56 9.32
N GLN C 393 34.91 12.47 8.19
CA GLN C 393 34.09 11.28 7.95
C GLN C 393 34.93 10.04 7.66
N GLN C 394 36.13 10.23 7.09
CA GLN C 394 37.04 9.11 6.83
C GLN C 394 37.56 8.57 8.17
N ALA C 395 37.68 9.44 9.16
CA ALA C 395 38.14 9.03 10.49
C ALA C 395 37.14 8.03 11.11
N CYS C 396 35.85 8.29 10.90
CA CYS C 396 34.81 7.40 11.42
C CYS C 396 34.78 6.07 10.65
N LEU C 397 34.99 6.12 9.35
CA LEU C 397 35.05 4.90 8.54
C LEU C 397 36.28 4.06 8.95
N GLN C 398 37.39 4.74 9.25
CA GLN C 398 38.63 4.07 9.69
C GLN C 398 38.41 3.41 11.04
N MET C 399 37.65 4.07 11.92
CA MET C 399 37.33 3.50 13.23
C MET C 399 36.71 2.11 13.07
N LEU C 400 35.91 1.95 12.00
CA LEU C 400 35.24 0.69 11.69
C LEU C 400 36.08 -0.23 10.84
N GLY C 401 37.18 0.28 10.29
CA GLY C 401 38.06 -0.51 9.44
C GLY C 401 37.55 -0.71 8.03
N VAL C 402 36.74 0.23 7.52
CA VAL C 402 36.17 0.09 6.19
C VAL C 402 36.36 1.30 5.27
N GLN C 403 37.27 2.19 5.62
CA GLN C 403 37.50 3.38 4.81
C GLN C 403 38.12 3.09 3.44
N GLY C 404 37.57 3.73 2.42
CA GLY C 404 38.07 3.58 1.06
C GLY C 404 37.78 2.26 0.37
N ALA C 405 38.46 2.07 -0.75
CA ALA C 405 38.31 0.87 -1.55
C ALA C 405 39.01 -0.34 -0.97
N CYS C 406 38.49 -1.52 -1.30
CA CYS C 406 39.12 -2.77 -0.88
C CYS C 406 39.73 -3.24 -2.19
N LYS C 407 41.03 -2.99 -2.35
CA LYS C 407 41.74 -3.35 -3.58
C LYS C 407 41.67 -4.82 -3.98
N ASP C 408 41.80 -5.71 -2.99
CA ASP C 408 41.78 -7.14 -3.25
C ASP C 408 40.41 -7.73 -3.62
N ASN C 409 39.36 -7.21 -3.00
CA ASN C 409 37.99 -7.68 -3.25
C ASN C 409 37.04 -6.48 -3.24
N PRO C 410 36.93 -5.79 -4.38
CA PRO C 410 36.09 -4.60 -4.54
C PRO C 410 34.65 -4.81 -4.08
N GLY C 411 34.21 -3.97 -3.15
CA GLY C 411 32.87 -4.06 -2.63
C GLY C 411 32.81 -4.61 -1.22
N GLU C 412 33.90 -5.21 -0.77
CA GLU C 412 33.95 -5.79 0.56
C GLU C 412 33.86 -4.78 1.70
N ASN C 413 34.41 -3.59 1.52
CA ASN C 413 34.34 -2.55 2.57
C ASN C 413 32.88 -2.06 2.70
N ALA C 414 32.21 -1.86 1.57
CA ALA C 414 30.82 -1.41 1.55
C ALA C 414 29.89 -2.47 2.14
N ARG C 415 30.16 -3.73 1.85
CA ARG C 415 29.34 -4.84 2.37
C ARG C 415 29.52 -4.95 3.88
N GLN C 416 30.76 -4.81 4.35
CA GLN C 416 31.03 -4.87 5.79
C GLN C 416 30.31 -3.72 6.51
N LEU C 417 30.35 -2.52 5.94
CA LEU C 417 29.66 -1.37 6.55
C LEU C 417 28.14 -1.61 6.64
N ALA C 418 27.57 -2.22 5.59
CA ALA C 418 26.15 -2.54 5.58
C ALA C 418 25.79 -3.53 6.69
N ARG C 419 26.68 -4.49 6.94
CA ARG C 419 26.46 -5.48 8.01
C ARG C 419 26.52 -4.81 9.38
N ILE C 420 27.42 -3.85 9.54
CA ILE C 420 27.57 -3.10 10.79
C ILE C 420 26.29 -2.29 11.06
N VAL C 421 25.74 -1.67 10.02
CA VAL C 421 24.51 -0.89 10.13
C VAL C 421 23.35 -1.75 10.59
N CYS C 422 23.22 -2.93 9.98
CA CYS C 422 22.14 -3.85 10.31
C CYS C 422 22.30 -4.39 11.73
N GLY C 423 23.54 -4.66 12.13
CA GLY C 423 23.78 -5.16 13.48
C GLY C 423 23.54 -4.08 14.53
N THR C 424 23.92 -2.83 14.22
CA THR C 424 23.69 -1.71 15.15
C THR C 424 22.19 -1.41 15.28
N VAL C 425 21.47 -1.50 14.16
CA VAL C 425 20.01 -1.31 14.16
C VAL C 425 19.40 -2.36 15.10
N MET C 426 19.85 -3.61 14.98
CA MET C 426 19.34 -4.68 15.83
C MET C 426 19.60 -4.36 17.34
N ALA C 427 20.75 -3.79 17.64
CA ALA C 427 21.09 -3.41 19.02
C ALA C 427 20.12 -2.31 19.47
N GLY C 428 19.84 -1.37 18.57
CA GLY C 428 18.90 -0.28 18.87
C GLY C 428 17.48 -0.77 19.09
N GLU C 429 17.05 -1.74 18.27
CA GLU C 429 15.71 -2.31 18.39
C GLU C 429 15.54 -3.02 19.72
N LEU C 430 16.55 -3.81 20.09
CA LEU C 430 16.54 -4.55 21.35
C LEU C 430 16.33 -3.63 22.54
N SER C 431 17.15 -2.57 22.59
CA SER C 431 17.10 -1.63 23.70
C SER C 431 15.79 -0.84 23.82
N LEU C 432 15.30 -0.28 22.71
CA LEU C 432 14.05 0.48 22.76
C LEU C 432 12.85 -0.41 23.07
N MET C 433 12.82 -1.60 22.49
CA MET C 433 11.72 -2.53 22.72
C MET C 433 11.67 -2.93 24.19
N ALA C 434 12.83 -3.15 24.79
CA ALA C 434 12.91 -3.51 26.21
C ALA C 434 12.37 -2.37 27.06
N ALA C 435 12.73 -1.14 26.69
CA ALA C 435 12.27 0.05 27.43
C ALA C 435 10.75 0.20 27.33
N LEU C 436 10.19 -0.02 26.14
CA LEU C 436 8.75 0.07 25.94
C LEU C 436 8.01 -1.04 26.66
N ALA C 437 8.63 -2.22 26.67
CA ALA C 437 8.02 -3.39 27.33
C ALA C 437 8.01 -3.25 28.86
N ALA C 438 9.11 -2.74 29.40
CA ALA C 438 9.24 -2.56 30.85
C ALA C 438 8.54 -1.30 31.36
N GLY C 439 8.16 -0.42 30.44
CA GLY C 439 7.51 0.82 30.84
C GLY C 439 8.51 1.77 31.46
N HIS C 440 9.77 1.67 31.01
CA HIS C 440 10.87 2.51 31.49
C HIS C 440 11.14 3.63 30.50
N LEU C 441 10.57 4.81 30.75
CA LEU C 441 10.76 5.95 29.86
C LEU C 441 11.63 7.03 30.52
N THR D 66 36.20 19.83 33.68
CA THR D 66 36.21 20.32 32.27
C THR D 66 35.69 19.25 31.31
N HIS D 67 34.67 19.61 30.54
CA HIS D 67 34.06 18.70 29.57
C HIS D 67 34.98 18.37 28.40
N GLU D 68 35.74 19.36 27.93
CA GLU D 68 36.66 19.16 26.81
C GLU D 68 37.75 18.13 27.12
N ARG D 69 38.18 18.08 28.37
CA ARG D 69 39.20 17.11 28.77
C ARG D 69 38.56 15.74 29.00
N GLY D 70 37.29 15.73 29.42
CA GLY D 70 36.58 14.48 29.61
C GLY D 70 36.44 13.77 28.28
N VAL D 71 36.18 14.55 27.23
CA VAL D 71 36.05 14.05 25.86
C VAL D 71 37.45 13.59 25.39
N SER D 72 38.48 14.30 25.83
CA SER D 72 39.87 13.98 25.49
C SER D 72 40.29 12.61 26.04
N ILE D 73 39.95 12.36 27.29
CA ILE D 73 40.28 11.10 27.94
C ILE D 73 39.50 9.96 27.27
N ARG D 74 38.21 10.19 27.04
CA ARG D 74 37.34 9.19 26.41
C ARG D 74 37.93 8.74 25.07
N ARG D 75 38.49 9.68 24.32
CA ARG D 75 39.13 9.38 23.03
C ARG D 75 40.39 8.53 23.24
N GLN D 76 41.11 8.79 24.33
CA GLN D 76 42.33 8.05 24.64
C GLN D 76 41.95 6.63 25.07
N LEU D 77 40.90 6.52 25.86
CA LEU D 77 40.42 5.22 26.32
C LEU D 77 39.93 4.41 25.12
N LEU D 78 39.21 5.08 24.21
CA LEU D 78 38.68 4.45 23.00
C LEU D 78 39.79 4.03 22.04
N SER D 79 40.78 4.90 21.88
CA SER D 79 41.93 4.69 21.00
C SER D 79 42.58 3.30 21.12
N LYS D 80 42.64 2.77 22.34
CA LYS D 80 43.27 1.48 22.61
C LYS D 80 42.47 0.28 22.09
N LYS D 81 41.17 0.48 21.86
CA LYS D 81 40.26 -0.55 21.37
C LYS D 81 40.16 -0.56 19.85
N LEU D 82 40.84 0.37 19.18
CA LEU D 82 40.80 0.46 17.72
C LEU D 82 41.98 -0.22 17.07
N SER D 83 41.76 -0.75 15.86
CA SER D 83 42.81 -1.40 15.08
C SER D 83 43.66 -0.35 14.36
N GLU D 84 43.09 0.86 14.24
CA GLU D 84 43.74 2.01 13.62
C GLU D 84 43.51 3.18 14.59
N PRO D 85 44.25 3.21 15.72
CA PRO D 85 44.09 4.28 16.71
C PRO D 85 44.40 5.70 16.22
N SER D 86 45.12 5.81 15.12
CA SER D 86 45.48 7.12 14.58
C SER D 86 44.34 7.77 13.79
N SER D 87 43.23 7.06 13.65
CA SER D 87 42.06 7.56 12.91
C SER D 87 41.43 8.77 13.59
N LEU D 88 41.41 8.75 14.92
CA LEU D 88 40.84 9.83 15.72
C LEU D 88 41.50 11.20 15.53
N GLN D 89 42.66 11.24 14.91
CA GLN D 89 43.36 12.51 14.70
C GLN D 89 42.62 13.45 13.78
N TYR D 90 41.80 12.89 12.89
CA TYR D 90 41.03 13.71 11.96
C TYR D 90 39.59 13.98 12.40
N LEU D 91 39.24 13.48 13.58
CA LEU D 91 37.92 13.72 14.14
C LEU D 91 38.07 14.86 15.15
N PRO D 92 37.53 16.05 14.84
CA PRO D 92 37.58 17.26 15.68
C PRO D 92 36.89 17.11 17.04
N TYR D 93 37.34 17.90 18.01
CA TYR D 93 36.76 17.88 19.34
C TYR D 93 37.07 19.15 20.14
N ARG D 94 38.17 19.81 19.78
CA ARG D 94 38.62 21.02 20.46
C ARG D 94 37.74 22.22 20.12
N ASP D 95 37.69 23.18 21.05
CA ASP D 95 36.93 24.42 20.91
C ASP D 95 35.44 24.23 20.60
N TYR D 96 34.77 23.47 21.46
CA TYR D 96 33.35 23.22 21.30
C TYR D 96 32.67 23.21 22.66
N ASN D 97 31.48 23.81 22.70
CA ASN D 97 30.65 23.93 23.89
C ASN D 97 29.91 22.65 24.28
N TYR D 98 30.58 21.73 24.98
CA TYR D 98 29.96 20.47 25.38
C TYR D 98 29.01 20.57 26.57
N SER D 99 28.83 21.78 27.08
CA SER D 99 27.95 22.02 28.22
C SER D 99 26.50 21.79 27.80
N LEU D 100 26.17 22.29 26.61
CA LEU D 100 24.83 22.17 26.04
C LEU D 100 24.57 20.75 25.50
N VAL D 101 25.63 20.08 25.07
CA VAL D 101 25.53 18.74 24.52
C VAL D 101 25.34 17.64 25.57
N MET D 102 26.32 17.46 26.43
CA MET D 102 26.27 16.43 27.46
C MET D 102 25.03 16.47 28.34
N GLY D 103 24.42 15.29 28.51
CA GLY D 103 23.23 15.17 29.33
C GLY D 103 21.98 15.73 28.69
N ALA D 104 21.98 15.83 27.36
CA ALA D 104 20.81 16.38 26.65
C ALA D 104 20.72 16.02 25.17
N CYS D 105 21.86 15.95 24.49
CA CYS D 105 21.88 15.65 23.05
C CYS D 105 22.64 14.40 22.64
N CYS D 106 23.73 14.09 23.32
CA CYS D 106 24.55 12.93 22.96
C CYS D 106 25.32 12.37 24.17
N GLU D 107 25.69 11.09 24.09
CA GLU D 107 26.43 10.40 25.15
C GLU D 107 27.69 9.77 24.55
N ASN D 108 28.62 9.39 25.42
CA ASN D 108 29.90 8.79 25.01
C ASN D 108 30.54 9.60 23.90
N VAL D 109 30.53 10.92 24.08
CA VAL D 109 31.06 11.86 23.11
C VAL D 109 32.57 11.80 22.91
N ILE D 110 32.98 11.70 21.64
CA ILE D 110 34.39 11.61 21.25
C ILE D 110 34.79 12.74 20.29
N GLY D 111 33.88 13.68 20.07
CA GLY D 111 34.15 14.78 19.16
C GLY D 111 32.91 15.28 18.43
N TYR D 112 33.10 15.85 17.25
CA TYR D 112 31.99 16.33 16.45
C TYR D 112 32.29 16.14 14.97
N MET D 113 31.22 16.08 14.18
CA MET D 113 31.34 15.88 12.73
C MET D 113 30.90 17.15 12.02
N PRO D 114 31.81 17.82 11.30
CA PRO D 114 31.50 19.05 10.58
C PRO D 114 30.81 18.75 9.26
N ILE D 115 29.64 19.36 9.04
CA ILE D 115 28.90 19.16 7.78
C ILE D 115 28.91 20.53 7.10
N PRO D 116 29.40 20.61 5.85
CA PRO D 116 29.45 21.89 5.13
C PRO D 116 28.05 22.53 5.06
N VAL D 117 28.00 23.85 5.26
CA VAL D 117 26.74 24.60 5.20
C VAL D 117 26.79 25.61 4.07
N GLY D 118 25.84 25.51 3.15
CA GLY D 118 25.75 26.41 2.03
C GLY D 118 24.46 27.22 2.13
N VAL D 119 24.33 28.25 1.33
CA VAL D 119 23.12 29.07 1.38
C VAL D 119 22.43 29.18 0.04
N ALA D 120 21.11 29.02 0.05
CA ALA D 120 20.31 29.13 -1.16
C ALA D 120 19.33 30.29 -0.95
N GLY D 121 19.21 31.15 -1.96
CA GLY D 121 18.30 32.27 -1.82
C GLY D 121 18.65 33.49 -2.64
N PRO D 122 17.86 34.57 -2.50
CA PRO D 122 16.70 34.65 -1.60
C PRO D 122 15.49 33.85 -2.06
N LEU D 123 14.78 33.27 -1.10
CA LEU D 123 13.57 32.53 -1.39
C LEU D 123 12.44 33.52 -1.12
N CYS D 124 11.79 33.96 -2.19
CA CYS D 124 10.69 34.93 -2.08
C CYS D 124 9.42 34.16 -1.74
N LEU D 125 9.04 34.22 -0.46
CA LEU D 125 7.88 33.50 0.03
C LEU D 125 6.98 34.38 0.89
N ASP D 126 5.72 34.44 0.52
CA ASP D 126 4.72 35.23 1.22
C ASP D 126 5.15 36.69 1.48
N GLU D 127 5.70 37.33 0.44
CA GLU D 127 6.14 38.73 0.51
C GLU D 127 7.39 38.96 1.36
N LYS D 128 8.10 37.89 1.69
CA LYS D 128 9.32 37.98 2.47
C LYS D 128 10.45 37.28 1.72
N GLU D 129 11.69 37.61 2.07
CA GLU D 129 12.84 36.99 1.43
C GLU D 129 13.63 36.24 2.48
N PHE D 130 13.96 34.98 2.18
CA PHE D 130 14.71 34.16 3.12
C PHE D 130 16.02 33.67 2.51
N GLN D 131 17.03 33.56 3.36
CA GLN D 131 18.35 33.06 2.97
C GLN D 131 18.36 31.72 3.68
N VAL D 132 18.24 30.65 2.91
CA VAL D 132 18.13 29.31 3.49
C VAL D 132 19.43 28.52 3.65
N PRO D 133 19.77 28.15 4.89
CA PRO D 133 21.00 27.39 5.15
C PRO D 133 20.74 25.90 4.87
N MET D 134 21.70 25.25 4.21
CA MET D 134 21.57 23.83 3.86
C MET D 134 22.87 23.10 4.16
N ALA D 135 22.80 22.16 5.10
CA ALA D 135 23.96 21.36 5.47
C ALA D 135 23.98 20.10 4.60
N THR D 136 24.96 19.98 3.70
CA THR D 136 25.01 18.83 2.83
C THR D 136 26.42 18.49 2.30
N THR D 137 26.60 17.25 1.89
CA THR D 137 27.85 16.78 1.31
C THR D 137 27.60 16.32 -0.12
N GLU D 138 26.42 16.65 -0.65
CA GLU D 138 26.05 16.28 -2.02
C GLU D 138 26.29 17.42 -2.99
N GLY D 139 27.24 17.23 -3.91
CA GLY D 139 27.57 18.26 -4.90
C GLY D 139 26.38 18.68 -5.76
N CYS D 140 26.31 19.97 -6.04
CA CYS D 140 25.27 20.59 -6.85
C CYS D 140 23.88 20.76 -6.23
N LEU D 141 23.68 20.21 -5.03
CA LEU D 141 22.38 20.32 -4.38
C LEU D 141 22.06 21.79 -4.07
N VAL D 142 22.97 22.49 -3.39
CA VAL D 142 22.77 23.89 -3.06
C VAL D 142 22.66 24.79 -4.30
N ALA D 143 23.53 24.59 -5.29
CA ALA D 143 23.51 25.38 -6.53
C ALA D 143 22.20 25.20 -7.28
N SER D 144 21.76 23.95 -7.39
CA SER D 144 20.52 23.60 -8.07
C SER D 144 19.30 24.24 -7.38
N THR D 145 19.26 24.14 -6.06
CA THR D 145 18.17 24.72 -5.27
C THR D 145 18.18 26.25 -5.44
N ASN D 146 19.38 26.83 -5.47
CA ASN D 146 19.55 28.28 -5.65
C ASN D 146 18.96 28.71 -7.00
N ARG D 147 19.13 27.88 -8.03
CA ARG D 147 18.58 28.19 -9.35
C ARG D 147 17.04 28.19 -9.30
N GLY D 148 16.47 27.27 -8.53
CA GLY D 148 15.02 27.18 -8.38
C GLY D 148 14.48 28.41 -7.69
N CYS D 149 15.20 28.91 -6.68
CA CYS D 149 14.80 30.12 -5.95
C CYS D 149 14.79 31.31 -6.91
N ARG D 150 15.81 31.38 -7.77
CA ARG D 150 15.93 32.46 -8.75
C ARG D 150 14.70 32.49 -9.67
N ALA D 151 14.31 31.32 -10.19
CA ALA D 151 13.15 31.22 -11.06
C ALA D 151 11.88 31.68 -10.34
N ILE D 152 11.74 31.27 -9.09
CA ILE D 152 10.58 31.66 -8.28
C ILE D 152 10.55 33.17 -8.03
N GLY D 153 11.72 33.73 -7.71
CA GLY D 153 11.84 35.16 -7.45
C GLY D 153 11.51 35.99 -8.68
N LEU D 154 11.97 35.53 -9.84
CA LEU D 154 11.71 36.24 -11.10
C LEU D 154 10.24 36.14 -11.51
N GLY D 155 9.52 35.19 -10.90
CA GLY D 155 8.12 35.00 -11.19
C GLY D 155 7.17 35.68 -10.19
N GLY D 156 7.71 36.52 -9.32
CA GLY D 156 6.86 37.21 -8.36
C GLY D 156 6.74 36.56 -7.00
N GLY D 157 7.46 35.47 -6.77
CA GLY D 157 7.40 34.82 -5.46
C GLY D 157 6.40 33.69 -5.31
N ALA D 158 6.51 33.01 -4.18
CA ALA D 158 5.66 31.88 -3.86
C ALA D 158 4.72 32.24 -2.71
N SER D 159 3.60 31.52 -2.62
CA SER D 159 2.63 31.70 -1.55
C SER D 159 2.48 30.35 -0.84
N SER D 160 2.30 30.38 0.47
CA SER D 160 2.13 29.15 1.22
C SER D 160 1.09 29.30 2.32
N ARG D 161 0.58 28.16 2.78
CA ARG D 161 -0.41 28.12 3.84
C ARG D 161 -0.21 26.87 4.68
N VAL D 162 -0.40 27.02 6.00
CA VAL D 162 -0.32 25.88 6.91
C VAL D 162 -1.77 25.42 7.04
N LEU D 163 -2.03 24.16 6.69
CA LEU D 163 -3.38 23.58 6.71
C LEU D 163 -3.75 22.88 7.99
N ALA D 164 -2.75 22.39 8.72
CA ALA D 164 -2.99 21.66 9.96
C ALA D 164 -1.71 21.67 10.78
N ASP D 165 -1.85 21.50 12.08
CA ASP D 165 -0.72 21.51 13.00
C ASP D 165 -1.01 20.60 14.19
N GLY D 166 -0.23 19.54 14.33
CA GLY D 166 -0.44 18.64 15.44
C GLY D 166 0.42 17.39 15.41
N MET D 167 1.33 17.29 16.39
CA MET D 167 2.21 16.15 16.53
C MET D 167 1.36 15.01 17.13
N THR D 168 1.76 13.77 16.89
CA THR D 168 0.98 12.62 17.37
C THR D 168 1.82 11.56 18.09
N ARG D 169 1.12 10.70 18.83
CA ARG D 169 1.70 9.57 19.53
C ARG D 169 0.58 8.52 19.46
N GLY D 170 0.93 7.30 19.04
CA GLY D 170 -0.09 6.28 18.90
C GLY D 170 0.14 5.01 19.69
N PRO D 171 -0.18 5.00 21.01
CA PRO D 171 0.01 3.83 21.85
C PRO D 171 -0.92 2.69 21.52
N VAL D 172 -0.58 1.51 22.03
CA VAL D 172 -1.43 0.35 21.86
C VAL D 172 -1.75 -0.21 23.25
N VAL D 173 -3.05 -0.40 23.51
CA VAL D 173 -3.49 -0.99 24.77
C VAL D 173 -4.33 -2.22 24.42
N ARG D 174 -4.53 -3.11 25.39
CA ARG D 174 -5.33 -4.29 25.13
C ARG D 174 -6.33 -4.57 26.24
N LEU D 175 -7.48 -5.09 25.84
CA LEU D 175 -8.53 -5.44 26.77
C LEU D 175 -8.71 -6.95 26.71
N PRO D 176 -9.43 -7.54 27.68
CA PRO D 176 -9.63 -8.99 27.69
C PRO D 176 -10.32 -9.53 26.43
N ARG D 177 -11.25 -8.76 25.87
CA ARG D 177 -11.99 -9.19 24.68
C ARG D 177 -12.17 -8.01 23.73
N ALA D 178 -12.49 -8.32 22.48
CA ALA D 178 -12.75 -7.32 21.44
C ALA D 178 -14.00 -6.54 21.80
N CYS D 179 -14.96 -7.22 22.42
CA CYS D 179 -16.20 -6.56 22.83
C CYS D 179 -15.87 -5.47 23.84
N ASP D 180 -14.82 -5.67 24.65
CA ASP D 180 -14.40 -4.67 25.63
C ASP D 180 -13.67 -3.52 24.97
N SER D 181 -12.78 -3.82 24.02
CA SER D 181 -12.04 -2.75 23.35
C SER D 181 -13.01 -1.89 22.53
N ALA D 182 -14.08 -2.52 22.03
CA ALA D 182 -15.10 -1.80 21.26
C ALA D 182 -15.81 -0.82 22.21
N GLU D 183 -16.06 -1.26 23.44
CA GLU D 183 -16.71 -0.40 24.45
C GLU D 183 -15.82 0.80 24.76
N VAL D 184 -14.52 0.57 24.91
CA VAL D 184 -13.57 1.66 25.17
C VAL D 184 -13.53 2.64 24.01
N LYS D 185 -13.54 2.11 22.78
CA LYS D 185 -13.52 2.95 21.59
C LYS D 185 -14.74 3.89 21.57
N ALA D 186 -15.93 3.36 21.83
CA ALA D 186 -17.15 4.16 21.84
C ALA D 186 -17.11 5.29 22.87
N TRP D 187 -16.59 4.98 24.05
CA TRP D 187 -16.44 5.94 25.14
C TRP D 187 -15.48 7.08 24.78
N LEU D 188 -14.37 6.76 24.12
CA LEU D 188 -13.38 7.78 23.71
C LEU D 188 -13.94 8.71 22.64
N GLU D 189 -14.94 8.22 21.91
CA GLU D 189 -15.57 8.98 20.85
C GLU D 189 -16.68 9.91 21.32
N THR D 190 -17.08 9.81 22.59
CA THR D 190 -18.10 10.72 23.14
C THR D 190 -17.41 12.03 23.56
N SER D 191 -18.19 13.11 23.61
CA SER D 191 -17.64 14.41 24.02
C SER D 191 -17.13 14.36 25.46
N GLU D 192 -17.84 13.64 26.32
CA GLU D 192 -17.45 13.49 27.73
C GLU D 192 -16.15 12.66 27.87
N GLY D 193 -16.05 11.54 27.16
CA GLY D 193 -14.85 10.72 27.22
C GLY D 193 -13.63 11.50 26.76
N PHE D 194 -13.77 12.20 25.64
CA PHE D 194 -12.69 13.01 25.09
C PHE D 194 -12.29 14.13 26.03
N ALA D 195 -13.28 14.82 26.61
CA ALA D 195 -13.02 15.92 27.55
C ALA D 195 -12.17 15.50 28.76
N VAL D 196 -12.47 14.36 29.36
CA VAL D 196 -11.67 13.93 30.52
C VAL D 196 -10.26 13.51 30.12
N ILE D 197 -10.14 12.87 28.96
CA ILE D 197 -8.83 12.45 28.48
C ILE D 197 -7.99 13.67 28.13
N LYS D 198 -8.64 14.69 27.57
CA LYS D 198 -7.96 15.93 27.21
C LYS D 198 -7.45 16.65 28.46
N GLU D 199 -8.28 16.69 29.51
CA GLU D 199 -7.91 17.34 30.77
C GLU D 199 -6.67 16.70 31.35
N ALA D 200 -6.64 15.37 31.33
CA ALA D 200 -5.48 14.65 31.88
C ALA D 200 -4.25 14.90 31.00
N PHE D 201 -4.43 14.84 29.68
CA PHE D 201 -3.32 15.04 28.75
C PHE D 201 -2.76 16.46 28.87
N ASP D 202 -3.64 17.45 28.82
CA ASP D 202 -3.22 18.86 28.89
C ASP D 202 -2.57 19.29 30.21
N SER D 203 -2.84 18.58 31.30
CA SER D 203 -2.27 18.93 32.61
C SER D 203 -0.75 18.67 32.76
N THR D 204 -0.12 18.09 31.74
CA THR D 204 1.31 17.80 31.82
C THR D 204 2.25 18.95 31.43
N SER D 205 1.75 19.91 30.63
CA SER D 205 2.56 21.03 30.17
C SER D 205 1.65 22.19 29.71
N ARG D 206 2.18 23.41 29.72
CA ARG D 206 1.45 24.61 29.30
C ARG D 206 1.14 24.60 27.80
N PHE D 207 2.00 23.96 27.01
CA PHE D 207 1.84 23.91 25.55
C PHE D 207 1.15 22.67 24.98
N ALA D 208 0.99 21.62 25.77
CA ALA D 208 0.36 20.38 25.29
C ALA D 208 -1.15 20.47 25.24
N ARG D 209 -1.68 20.81 24.07
CA ARG D 209 -3.12 20.93 23.92
C ARG D 209 -3.70 19.90 22.97
N LEU D 210 -4.29 18.85 23.54
CA LEU D 210 -4.89 17.77 22.77
C LEU D 210 -6.01 18.27 21.84
N GLN D 211 -5.88 17.99 20.55
CA GLN D 211 -6.85 18.42 19.54
C GLN D 211 -7.82 17.35 19.15
N LYS D 212 -7.33 16.12 18.99
CA LYS D 212 -8.20 15.02 18.63
C LYS D 212 -7.62 13.64 18.86
N LEU D 213 -8.49 12.66 18.79
CA LEU D 213 -8.14 11.26 18.97
C LEU D 213 -8.67 10.51 17.75
N HIS D 214 -7.91 9.50 17.33
CA HIS D 214 -8.31 8.64 16.23
C HIS D 214 -8.04 7.24 16.78
N THR D 215 -9.09 6.49 17.02
CA THR D 215 -8.94 5.16 17.58
C THR D 215 -9.23 4.10 16.53
N SER D 216 -8.46 3.02 16.59
CA SER D 216 -8.58 1.91 15.66
C SER D 216 -8.38 0.61 16.44
N ILE D 217 -9.20 -0.40 16.17
CA ILE D 217 -9.02 -1.66 16.87
C ILE D 217 -8.60 -2.81 15.96
N ALA D 218 -7.95 -3.79 16.57
CA ALA D 218 -7.53 -5.00 15.89
C ALA D 218 -7.83 -6.03 16.94
N GLY D 219 -9.05 -6.54 16.91
CA GLY D 219 -9.47 -7.53 17.91
C GLY D 219 -9.57 -6.87 19.28
N ARG D 220 -8.88 -7.45 20.26
CA ARG D 220 -8.90 -6.91 21.61
C ARG D 220 -7.87 -5.80 21.81
N ASN D 221 -7.09 -5.52 20.76
CA ASN D 221 -6.11 -4.45 20.80
C ASN D 221 -6.80 -3.16 20.38
N LEU D 222 -6.35 -2.05 20.93
CA LEU D 222 -6.89 -0.75 20.58
C LEU D 222 -5.71 0.18 20.36
N TYR D 223 -5.68 0.84 19.22
CA TYR D 223 -4.62 1.79 18.88
C TYR D 223 -5.25 3.18 18.99
N ILE D 224 -4.61 4.07 19.73
CA ILE D 224 -5.15 5.40 19.94
C ILE D 224 -4.16 6.41 19.47
N ARG D 225 -4.54 7.17 18.45
CA ARG D 225 -3.68 8.20 17.92
C ARG D 225 -4.04 9.52 18.59
N PHE D 226 -3.14 10.01 19.42
CA PHE D 226 -3.31 11.28 20.11
C PHE D 226 -2.68 12.36 19.25
N GLN D 227 -3.43 13.40 18.90
CA GLN D 227 -2.88 14.51 18.11
C GLN D 227 -2.99 15.79 18.92
N SER D 228 -1.87 16.50 19.08
CA SER D 228 -1.85 17.69 19.90
C SER D 228 -0.89 18.80 19.43
N ARG D 229 -1.21 20.04 19.81
CA ARG D 229 -0.36 21.19 19.51
C ARG D 229 0.78 21.11 20.52
N SER D 230 1.85 21.85 20.29
CA SER D 230 2.99 21.81 21.19
C SER D 230 3.84 23.08 21.10
N GLY D 231 3.17 24.22 20.99
CA GLY D 231 3.90 25.48 20.87
C GLY D 231 4.85 25.48 19.68
N ASP D 232 6.08 25.91 19.94
CA ASP D 232 7.10 25.98 18.90
C ASP D 232 8.00 24.73 18.92
N ALA D 233 7.64 23.75 19.74
CA ALA D 233 8.41 22.52 19.85
C ALA D 233 7.93 21.43 18.90
N MET D 234 8.85 20.60 18.44
CA MET D 234 8.52 19.48 17.55
C MET D 234 7.47 18.66 18.30
N GLY D 235 7.65 18.53 19.61
CA GLY D 235 6.65 17.90 20.46
C GLY D 235 6.70 16.47 20.91
N MET D 236 7.62 15.68 20.38
CA MET D 236 7.67 14.26 20.75
C MET D 236 7.72 13.97 22.25
N ASN D 237 8.61 14.62 22.97
CA ASN D 237 8.73 14.41 24.42
C ASN D 237 7.48 14.85 25.18
N MET D 238 7.01 16.05 24.84
CA MET D 238 5.85 16.68 25.43
C MET D 238 4.60 15.85 25.16
N ILE D 239 4.39 15.49 23.90
CA ILE D 239 3.24 14.69 23.54
C ILE D 239 3.32 13.29 24.16
N SER D 240 4.54 12.76 24.32
CA SER D 240 4.68 11.43 24.93
C SER D 240 4.32 11.47 26.42
N LYS D 241 4.74 12.53 27.10
CA LYS D 241 4.43 12.70 28.53
C LYS D 241 2.92 12.86 28.68
N GLY D 242 2.31 13.63 27.79
CA GLY D 242 0.87 13.82 27.83
C GLY D 242 0.14 12.50 27.64
N THR D 243 0.59 11.69 26.68
CA THR D 243 -0.02 10.38 26.39
C THR D 243 0.07 9.46 27.62
N GLU D 244 1.22 9.43 28.29
CA GLU D 244 1.38 8.59 29.48
C GLU D 244 0.32 8.93 30.54
N LYS D 245 0.13 10.22 30.79
CA LYS D 245 -0.86 10.65 31.77
C LYS D 245 -2.30 10.35 31.35
N ALA D 246 -2.61 10.50 30.07
CA ALA D 246 -3.96 10.22 29.58
C ALA D 246 -4.26 8.72 29.63
N LEU D 247 -3.25 7.89 29.32
CA LEU D 247 -3.42 6.43 29.37
C LEU D 247 -3.63 5.99 30.83
N SER D 248 -2.97 6.69 31.76
CA SER D 248 -3.12 6.39 33.18
C SER D 248 -4.55 6.73 33.59
N LYS D 249 -5.05 7.85 33.11
CA LYS D 249 -6.42 8.26 33.42
C LYS D 249 -7.42 7.25 32.81
N LEU D 250 -7.14 6.83 31.57
CA LEU D 250 -8.00 5.87 30.88
C LEU D 250 -8.04 4.56 31.66
N HIS D 251 -6.91 4.17 32.24
CA HIS D 251 -6.80 2.94 33.04
C HIS D 251 -7.69 2.99 34.29
N GLU D 252 -7.85 4.19 34.87
CA GLU D 252 -8.72 4.35 36.04
C GLU D 252 -10.18 4.05 35.65
N TYR D 253 -10.58 4.43 34.43
CA TYR D 253 -11.95 4.15 33.96
C TYR D 253 -12.11 2.68 33.54
N PHE D 254 -11.02 2.07 33.06
CA PHE D 254 -11.05 0.69 32.60
C PHE D 254 -9.87 -0.08 33.22
N PRO D 255 -10.01 -0.53 34.49
CA PRO D 255 -8.95 -1.27 35.20
C PRO D 255 -8.47 -2.58 34.56
N GLU D 256 -9.30 -3.17 33.71
CA GLU D 256 -8.94 -4.42 33.02
C GLU D 256 -8.00 -4.16 31.85
N MET D 257 -7.84 -2.89 31.48
CA MET D 257 -6.98 -2.49 30.37
C MET D 257 -5.48 -2.56 30.64
N GLN D 258 -4.75 -3.15 29.70
CA GLN D 258 -3.31 -3.26 29.81
C GLN D 258 -2.65 -2.32 28.82
N ILE D 259 -1.70 -1.53 29.29
CA ILE D 259 -0.97 -0.63 28.43
C ILE D 259 0.21 -1.43 27.89
N LEU D 260 0.14 -1.81 26.63
CA LEU D 260 1.20 -2.61 26.02
C LEU D 260 2.45 -1.80 25.69
N ALA D 261 2.27 -0.64 25.07
CA ALA D 261 3.40 0.21 24.72
C ALA D 261 2.91 1.64 24.46
N VAL D 262 3.64 2.62 25.00
CA VAL D 262 3.28 4.03 24.82
C VAL D 262 3.29 4.39 23.33
N SER D 263 4.07 3.63 22.55
CA SER D 263 4.08 3.78 21.10
C SER D 263 3.82 2.42 20.49
N GLY D 264 2.69 2.30 19.79
CA GLY D 264 2.32 1.06 19.13
C GLY D 264 2.49 1.19 17.62
N ASN D 265 3.35 2.13 17.19
CA ASN D 265 3.62 2.40 15.78
C ASN D 265 2.45 2.99 15.00
N TYR D 266 1.46 3.50 15.72
CA TYR D 266 0.29 4.10 15.11
C TYR D 266 0.43 5.63 15.06
N CYS D 267 1.59 6.16 15.44
CA CYS D 267 1.83 7.60 15.45
C CYS D 267 1.72 8.26 14.04
N THR D 268 2.54 7.89 13.05
CA THR D 268 3.62 6.90 13.13
C THR D 268 4.93 7.68 13.08
N ASP D 269 5.88 7.35 13.96
CA ASP D 269 7.13 8.07 14.04
C ASP D 269 8.35 7.38 13.42
N LYS D 270 8.95 8.03 12.44
CA LYS D 270 10.15 7.54 11.76
C LYS D 270 10.05 6.25 10.95
N LYS D 271 8.85 5.94 10.49
CA LYS D 271 8.60 4.77 9.64
C LYS D 271 7.61 5.25 8.58
N PRO D 272 7.76 4.78 7.34
CA PRO D 272 6.80 5.21 6.30
C PRO D 272 5.42 4.66 6.69
N ALA D 273 4.39 5.49 6.59
CA ALA D 273 3.06 5.06 6.97
C ALA D 273 1.99 5.84 6.25
N ALA D 274 0.99 5.12 5.75
CA ALA D 274 -0.13 5.74 5.04
C ALA D 274 -0.92 6.67 5.97
N ILE D 275 -0.97 6.35 7.26
CA ILE D 275 -1.72 7.19 8.19
C ILE D 275 -1.19 8.63 8.26
N ASN D 276 0.13 8.81 8.14
CA ASN D 276 0.74 10.15 8.18
C ASN D 276 0.41 10.93 6.91
N TRP D 277 0.41 10.22 5.78
CA TRP D 277 0.12 10.80 4.48
C TRP D 277 -1.33 11.24 4.38
N ILE D 278 -2.23 10.40 4.89
CA ILE D 278 -3.66 10.64 4.85
C ILE D 278 -4.23 11.56 5.93
N GLU D 279 -3.77 11.39 7.18
CA GLU D 279 -4.27 12.23 8.28
C GLU D 279 -3.33 13.37 8.68
N GLY D 280 -2.09 13.32 8.18
CA GLY D 280 -1.12 14.33 8.51
C GLY D 280 -0.45 14.06 9.85
N ARG D 281 0.70 14.69 10.07
CA ARG D 281 1.44 14.59 11.32
C ARG D 281 2.33 15.84 11.37
N GLY D 282 2.33 16.53 12.50
CA GLY D 282 3.12 17.75 12.59
C GLY D 282 2.40 18.81 11.78
N LYS D 283 3.11 19.48 10.89
CA LYS D 283 2.51 20.52 10.04
C LYS D 283 2.21 20.10 8.61
N SER D 284 1.00 20.43 8.16
CA SER D 284 0.59 20.14 6.79
C SER D 284 0.67 21.49 6.11
N VAL D 285 1.42 21.55 5.02
CA VAL D 285 1.66 22.79 4.30
C VAL D 285 1.49 22.62 2.79
N VAL D 286 1.10 23.71 2.13
CA VAL D 286 0.97 23.75 0.69
C VAL D 286 1.65 25.05 0.24
N CYS D 287 2.37 24.97 -0.87
CA CYS D 287 3.09 26.11 -1.42
C CYS D 287 2.84 26.13 -2.93
N GLU D 288 2.86 27.32 -3.55
CA GLU D 288 2.63 27.42 -4.99
C GLU D 288 3.33 28.63 -5.60
N ALA D 289 3.50 28.59 -6.92
CA ALA D 289 4.13 29.68 -7.65
C ALA D 289 3.82 29.53 -9.13
N VAL D 290 3.99 30.63 -9.86
CA VAL D 290 3.78 30.64 -11.30
C VAL D 290 5.10 31.15 -11.89
N ILE D 291 5.69 30.36 -12.77
CA ILE D 291 6.96 30.74 -13.41
C ILE D 291 6.65 31.19 -14.84
N PRO D 292 6.94 32.45 -15.18
CA PRO D 292 6.69 32.99 -16.53
C PRO D 292 7.44 32.18 -17.59
N ALA D 293 6.83 32.07 -18.77
CA ALA D 293 7.42 31.33 -19.89
C ALA D 293 8.87 31.71 -20.17
N LYS D 294 9.16 33.02 -20.13
CA LYS D 294 10.50 33.54 -20.38
C LYS D 294 11.51 33.03 -19.35
N VAL D 295 11.06 32.92 -18.10
CA VAL D 295 11.93 32.43 -17.02
C VAL D 295 12.18 30.92 -17.16
N VAL D 296 11.18 30.18 -17.60
CA VAL D 296 11.32 28.73 -17.80
C VAL D 296 12.37 28.50 -18.89
N ARG D 297 12.32 29.32 -19.93
CA ARG D 297 13.26 29.21 -21.04
C ARG D 297 14.68 29.63 -20.67
N GLU D 298 14.83 30.85 -20.15
CA GLU D 298 16.13 31.41 -19.82
C GLU D 298 16.82 30.97 -18.54
N VAL D 299 16.05 30.74 -17.47
CA VAL D 299 16.65 30.32 -16.21
C VAL D 299 16.67 28.79 -16.07
N LEU D 300 15.57 28.13 -16.37
CA LEU D 300 15.48 26.68 -16.25
C LEU D 300 15.93 25.91 -17.50
N LYS D 301 16.11 26.62 -18.61
CA LYS D 301 16.58 26.05 -19.88
C LYS D 301 15.71 24.95 -20.47
N THR D 302 14.40 25.10 -20.36
CA THR D 302 13.48 24.10 -20.90
C THR D 302 12.16 24.79 -21.27
N THR D 303 11.09 24.01 -21.45
CA THR D 303 9.80 24.58 -21.79
C THR D 303 8.78 24.08 -20.78
N THR D 304 7.66 24.79 -20.68
CA THR D 304 6.60 24.44 -19.75
C THR D 304 6.03 23.07 -20.08
N GLU D 305 5.88 22.79 -21.37
CA GLU D 305 5.36 21.51 -21.85
C GLU D 305 6.25 20.34 -21.44
N ALA D 306 7.57 20.49 -21.59
CA ALA D 306 8.51 19.42 -21.20
C ALA D 306 8.47 19.17 -19.69
N MET D 307 8.35 20.25 -18.90
CA MET D 307 8.28 20.15 -17.45
C MET D 307 7.04 19.36 -16.99
N ILE D 308 5.90 19.68 -17.59
CA ILE D 308 4.64 19.03 -17.25
C ILE D 308 4.65 17.55 -17.61
N GLU D 309 5.18 17.22 -18.79
CA GLU D 309 5.25 15.84 -19.26
C GLU D 309 6.12 15.01 -18.31
N VAL D 310 7.24 15.58 -17.87
CA VAL D 310 8.13 14.88 -16.95
C VAL D 310 7.45 14.74 -15.58
N ASN D 311 6.79 15.79 -15.11
CA ASN D 311 6.13 15.73 -13.81
C ASN D 311 5.08 14.62 -13.73
N ILE D 312 4.23 14.53 -14.75
CA ILE D 312 3.19 13.52 -14.78
C ILE D 312 3.73 12.08 -14.89
N ASN D 313 4.70 11.90 -15.77
CA ASN D 313 5.25 10.58 -16.03
C ASN D 313 6.27 10.07 -15.05
N LYS D 314 6.88 10.98 -14.30
CA LYS D 314 7.86 10.64 -13.28
C LYS D 314 7.24 10.68 -11.87
N ASN D 315 6.76 11.86 -11.45
CA ASN D 315 6.20 12.05 -10.12
C ASN D 315 4.84 11.42 -9.83
N LEU D 316 4.03 11.22 -10.88
CA LEU D 316 2.74 10.58 -10.71
C LEU D 316 2.78 9.13 -11.19
N VAL D 317 2.90 8.92 -12.51
CA VAL D 317 2.93 7.55 -13.06
C VAL D 317 4.11 6.70 -12.57
N GLY D 318 5.33 7.24 -12.62
CA GLY D 318 6.48 6.48 -12.15
C GLY D 318 6.38 6.05 -10.69
N SER D 319 5.98 6.98 -9.82
CA SER D 319 5.80 6.69 -8.39
C SER D 319 4.69 5.66 -8.20
N ALA D 320 3.63 5.75 -9.01
CA ALA D 320 2.54 4.77 -8.94
C ALA D 320 3.05 3.37 -9.35
N MET D 321 3.86 3.28 -10.40
CA MET D 321 4.42 2.00 -10.87
C MET D 321 5.34 1.38 -9.80
N ALA D 322 6.03 2.23 -9.04
CA ALA D 322 6.95 1.81 -7.97
C ALA D 322 6.23 1.44 -6.67
N GLY D 323 4.91 1.65 -6.62
CA GLY D 323 4.15 1.33 -5.44
C GLY D 323 4.49 2.24 -4.27
N SER D 324 4.55 3.53 -4.55
CA SER D 324 4.86 4.52 -3.53
C SER D 324 3.63 5.10 -2.82
N ILE D 325 3.77 5.33 -1.53
CA ILE D 325 2.73 5.98 -0.74
C ILE D 325 3.41 7.25 -0.22
N GLY D 326 3.03 8.41 -0.76
CA GLY D 326 3.62 9.65 -0.32
C GLY D 326 4.88 10.12 -1.06
N GLY D 327 5.40 9.32 -1.98
CA GLY D 327 6.60 9.71 -2.72
C GLY D 327 6.35 10.24 -4.14
N TYR D 328 5.41 11.17 -4.29
CA TYR D 328 5.05 11.73 -5.59
C TYR D 328 5.78 13.05 -5.87
N ASN D 329 7.09 12.98 -5.77
CA ASN D 329 7.98 14.12 -5.93
C ASN D 329 9.33 13.64 -6.48
N ALA D 330 10.18 14.57 -6.86
CA ALA D 330 11.50 14.24 -7.40
C ALA D 330 12.55 14.02 -6.29
N HIS D 331 12.71 14.98 -5.39
CA HIS D 331 13.71 14.81 -4.33
C HIS D 331 13.50 15.69 -3.09
N ALA D 332 12.25 15.74 -2.61
CA ALA D 332 11.93 16.50 -1.41
C ALA D 332 12.85 16.14 -0.23
N ALA D 333 13.18 14.85 -0.11
CA ALA D 333 14.05 14.36 0.97
C ALA D 333 15.42 15.04 1.04
N ASN D 334 15.99 15.42 -0.12
CA ASN D 334 17.29 16.11 -0.14
C ASN D 334 17.22 17.47 0.54
N ILE D 335 16.19 18.25 0.19
CA ILE D 335 16.00 19.58 0.76
C ILE D 335 15.66 19.49 2.24
N VAL D 336 14.69 18.65 2.58
CA VAL D 336 14.28 18.46 3.97
C VAL D 336 15.48 18.10 4.83
N THR D 337 16.26 17.12 4.38
CA THR D 337 17.41 16.68 5.14
C THR D 337 18.48 17.75 5.33
N ALA D 338 18.78 18.50 4.27
CA ALA D 338 19.80 19.55 4.35
C ALA D 338 19.40 20.67 5.32
N ILE D 339 18.12 21.06 5.29
CA ILE D 339 17.63 22.08 6.19
C ILE D 339 17.56 21.55 7.61
N TYR D 340 17.11 20.30 7.78
CA TYR D 340 17.01 19.70 9.12
C TYR D 340 18.33 19.62 9.86
N ILE D 341 19.39 19.22 9.16
CA ILE D 341 20.71 19.11 9.78
C ILE D 341 21.26 20.49 10.16
N ALA D 342 21.08 21.46 9.28
CA ALA D 342 21.55 22.83 9.55
C ALA D 342 20.82 23.49 10.72
N CYS D 343 19.52 23.23 10.83
CA CYS D 343 18.67 23.83 11.86
C CYS D 343 18.40 23.06 13.13
N GLY D 344 19.18 22.01 13.39
CA GLY D 344 19.00 21.25 14.61
C GLY D 344 17.76 20.41 14.73
N GLN D 345 17.16 20.01 13.60
CA GLN D 345 15.96 19.18 13.65
C GLN D 345 16.39 17.72 13.78
N ASP D 346 15.42 16.83 13.87
CA ASP D 346 15.70 15.40 13.97
C ASP D 346 15.75 14.89 12.52
N ALA D 347 16.96 14.66 12.02
CA ALA D 347 17.13 14.21 10.64
C ALA D 347 16.49 12.86 10.32
N ALA D 348 16.32 12.01 11.34
CA ALA D 348 15.70 10.72 11.16
C ALA D 348 14.21 10.89 10.79
N GLN D 349 13.64 12.05 11.12
CA GLN D 349 12.25 12.33 10.79
C GLN D 349 12.03 12.67 9.32
N ASN D 350 13.11 12.67 8.55
CA ASN D 350 13.06 12.91 7.12
C ASN D 350 12.18 11.83 6.46
N VAL D 351 12.06 10.67 7.10
CA VAL D 351 11.26 9.58 6.56
C VAL D 351 9.81 10.04 6.25
N GLY D 352 9.12 10.57 7.24
CA GLY D 352 7.77 11.06 7.00
C GLY D 352 7.69 12.52 6.60
N SER D 353 8.63 13.34 7.10
CA SER D 353 8.62 14.76 6.75
C SER D 353 8.78 15.01 5.26
N SER D 354 9.40 14.06 4.57
CA SER D 354 9.65 14.16 3.12
C SER D 354 8.43 13.88 2.25
N ASN D 355 7.36 13.34 2.84
CA ASN D 355 6.11 13.07 2.08
C ASN D 355 5.75 14.31 1.29
N CYS D 356 5.54 14.17 -0.01
CA CYS D 356 5.23 15.33 -0.83
C CYS D 356 4.64 14.96 -2.19
N ILE D 357 3.68 15.76 -2.65
CA ILE D 357 3.13 15.57 -4.00
C ILE D 357 3.36 16.87 -4.75
N THR D 358 4.09 16.77 -5.86
CA THR D 358 4.44 17.89 -6.71
C THR D 358 3.56 17.89 -7.95
N LEU D 359 2.86 19.00 -8.19
CA LEU D 359 1.97 19.11 -9.34
C LEU D 359 2.33 20.34 -10.19
N MET D 360 2.26 20.17 -11.50
CA MET D 360 2.58 21.24 -12.44
C MET D 360 1.48 21.36 -13.46
N GLU D 361 1.22 22.59 -13.87
CA GLU D 361 0.14 22.85 -14.81
C GLU D 361 0.47 24.05 -15.70
N ALA D 362 -0.08 24.05 -16.91
CA ALA D 362 0.13 25.14 -17.85
C ALA D 362 -0.74 26.28 -17.33
N SER D 363 -0.23 27.50 -17.42
CA SER D 363 -0.95 28.65 -16.89
C SER D 363 -0.84 29.88 -17.79
N GLY D 364 -1.67 30.88 -17.50
CA GLY D 364 -1.65 32.10 -18.28
C GLY D 364 -2.36 32.03 -19.62
N PRO D 365 -2.57 33.20 -20.27
CA PRO D 365 -3.24 33.37 -21.56
C PRO D 365 -2.82 32.47 -22.72
N THR D 366 -1.61 31.89 -22.67
CA THR D 366 -1.14 31.02 -23.76
C THR D 366 -0.74 29.62 -23.32
N ASN D 367 -0.96 29.29 -22.05
CA ASN D 367 -0.56 27.97 -21.50
C ASN D 367 0.95 27.82 -21.60
N GLU D 368 1.63 28.96 -21.59
CA GLU D 368 3.08 29.01 -21.68
C GLU D 368 3.76 29.16 -20.32
N ASP D 369 3.03 29.68 -19.34
CA ASP D 369 3.60 29.86 -18.01
C ASP D 369 3.47 28.55 -17.23
N LEU D 370 4.31 28.38 -16.22
CA LEU D 370 4.30 27.16 -15.43
C LEU D 370 3.77 27.35 -14.01
N TYR D 371 2.66 26.70 -13.72
CA TYR D 371 2.10 26.73 -12.38
C TYR D 371 2.63 25.50 -11.66
N ILE D 372 3.19 25.67 -10.47
CA ILE D 372 3.70 24.57 -9.68
C ILE D 372 3.24 24.67 -8.23
N SER D 373 2.99 23.53 -7.61
CA SER D 373 2.59 23.47 -6.22
C SER D 373 3.16 22.21 -5.56
N CYS D 374 3.52 22.32 -4.28
CA CYS D 374 4.03 21.19 -3.50
C CYS D 374 3.18 21.11 -2.25
N THR D 375 2.70 19.91 -1.95
CA THR D 375 1.88 19.69 -0.76
C THR D 375 2.56 18.64 0.10
N MET D 376 2.87 19.04 1.34
CA MET D 376 3.55 18.20 2.30
C MET D 376 2.68 18.13 3.56
N PRO D 377 1.97 17.02 3.75
CA PRO D 377 1.09 16.82 4.90
C PRO D 377 1.72 16.44 6.21
N SER D 378 3.01 16.11 6.23
CA SER D 378 3.60 15.69 7.48
C SER D 378 5.00 16.18 7.83
N ILE D 379 5.16 17.50 7.91
CA ILE D 379 6.44 18.12 8.27
C ILE D 379 6.57 18.17 9.81
N GLU D 380 7.50 17.38 10.35
CA GLU D 380 7.75 17.31 11.79
C GLU D 380 8.91 18.24 12.09
N ILE D 381 8.58 19.39 12.68
CA ILE D 381 9.57 20.44 12.90
C ILE D 381 9.34 21.26 14.18
N GLY D 382 10.38 21.96 14.64
CA GLY D 382 10.30 22.77 15.84
C GLY D 382 11.46 23.76 15.94
N THR D 383 11.28 24.83 16.70
CA THR D 383 12.32 25.84 16.84
C THR D 383 12.84 25.96 18.27
N VAL D 384 12.31 25.13 19.15
CA VAL D 384 12.70 25.07 20.57
C VAL D 384 12.95 23.60 20.94
N GLY D 385 13.96 23.36 21.77
CA GLY D 385 14.26 22.00 22.22
C GLY D 385 15.17 21.16 21.33
N GLY D 386 15.61 20.01 21.85
CA GLY D 386 16.46 19.12 21.09
C GLY D 386 17.72 19.79 20.57
N GLY D 387 18.05 19.52 19.31
CA GLY D 387 19.22 20.09 18.67
C GLY D 387 19.16 21.59 18.48
N THR D 388 17.96 22.20 18.57
CA THR D 388 17.85 23.63 18.39
C THR D 388 18.38 24.41 19.60
N ASN D 389 18.81 23.68 20.64
CA ASN D 389 19.37 24.31 21.84
C ASN D 389 20.87 24.57 21.68
N LEU D 390 21.47 23.99 20.64
CA LEU D 390 22.90 24.16 20.40
C LEU D 390 23.11 25.47 19.63
N LEU D 391 24.22 26.15 19.94
CA LEU D 391 24.52 27.45 19.33
C LEU D 391 24.69 27.51 17.80
N PRO D 392 25.46 26.59 17.22
CA PRO D 392 25.58 26.66 15.75
C PRO D 392 24.23 26.49 15.05
N GLN D 393 23.38 25.58 15.53
CA GLN D 393 22.09 25.39 14.89
C GLN D 393 21.14 26.58 15.15
N GLN D 394 21.32 27.26 16.28
CA GLN D 394 20.51 28.45 16.58
C GLN D 394 20.90 29.57 15.63
N ALA D 395 22.15 29.58 15.18
CA ALA D 395 22.60 30.60 14.25
C ALA D 395 21.85 30.47 12.91
N CYS D 396 21.61 29.22 12.49
CA CYS D 396 20.90 28.97 11.24
C CYS D 396 19.42 29.31 11.38
N LEU D 397 18.84 29.03 12.55
CA LEU D 397 17.44 29.36 12.80
C LEU D 397 17.29 30.90 12.83
N GLN D 398 18.28 31.60 13.39
CA GLN D 398 18.27 33.06 13.46
C GLN D 398 18.37 33.65 12.06
N MET D 399 19.17 33.02 11.20
CA MET D 399 19.31 33.46 9.81
C MET D 399 17.92 33.57 9.16
N LEU D 400 17.04 32.63 9.53
CA LEU D 400 15.69 32.57 9.00
C LEU D 400 14.70 33.41 9.82
N GLY D 401 15.14 33.88 10.98
CA GLY D 401 14.29 34.68 11.85
C GLY D 401 13.26 33.87 12.62
N VAL D 402 13.55 32.60 12.90
CA VAL D 402 12.60 31.74 13.61
C VAL D 402 13.15 31.03 14.83
N GLN D 403 14.28 31.48 15.34
CA GLN D 403 14.88 30.83 16.49
C GLN D 403 14.11 31.01 17.78
N GLY D 404 13.96 29.91 18.52
CA GLY D 404 13.27 29.93 19.78
C GLY D 404 11.77 30.08 19.73
N ALA D 405 11.20 30.30 20.90
CA ALA D 405 9.76 30.46 21.04
C ALA D 405 9.32 31.80 20.47
N CYS D 406 8.14 31.82 19.85
CA CYS D 406 7.58 33.07 19.35
C CYS D 406 6.81 33.52 20.59
N LYS D 407 7.40 34.42 21.36
CA LYS D 407 6.78 34.92 22.59
C LYS D 407 5.39 35.52 22.42
N ASP D 408 5.18 36.25 21.33
CA ASP D 408 3.89 36.89 21.07
C ASP D 408 2.78 35.92 20.66
N ASN D 409 3.16 34.74 20.17
CA ASN D 409 2.17 33.77 19.70
C ASN D 409 2.83 32.39 19.53
N PRO D 410 2.87 31.59 20.60
CA PRO D 410 3.47 30.25 20.60
C PRO D 410 3.05 29.39 19.41
N GLY D 411 4.04 28.90 18.67
CA GLY D 411 3.77 28.07 17.50
C GLY D 411 4.06 28.74 16.17
N GLU D 412 4.07 30.06 16.16
CA GLU D 412 4.29 30.82 14.94
C GLU D 412 5.68 30.65 14.32
N ASN D 413 6.71 30.47 15.16
CA ASN D 413 8.07 30.29 14.64
C ASN D 413 8.18 28.91 13.93
N ALA D 414 7.57 27.89 14.53
CA ALA D 414 7.58 26.53 13.98
C ALA D 414 6.79 26.47 12.66
N ARG D 415 5.66 27.17 12.62
CA ARG D 415 4.83 27.22 11.41
C ARG D 415 5.56 27.94 10.29
N GLN D 416 6.25 29.03 10.61
CA GLN D 416 7.01 29.77 9.61
C GLN D 416 8.12 28.87 9.04
N LEU D 417 8.84 28.16 9.90
CA LEU D 417 9.90 27.26 9.46
C LEU D 417 9.34 26.16 8.52
N ALA D 418 8.18 25.62 8.84
CA ALA D 418 7.54 24.60 8.01
C ALA D 418 7.21 25.16 6.62
N ARG D 419 6.79 26.42 6.55
CA ARG D 419 6.48 27.06 5.27
C ARG D 419 7.77 27.26 4.45
N ILE D 420 8.85 27.61 5.13
CA ILE D 420 10.14 27.80 4.46
C ILE D 420 10.63 26.48 3.86
N VAL D 421 10.44 25.38 4.59
CA VAL D 421 10.83 24.04 4.13
C VAL D 421 10.06 23.67 2.86
N CYS D 422 8.74 23.87 2.90
CA CYS D 422 7.90 23.55 1.77
C CYS D 422 8.24 24.43 0.55
N GLY D 423 8.52 25.71 0.79
CA GLY D 423 8.90 26.59 -0.29
C GLY D 423 10.26 26.24 -0.89
N THR D 424 11.20 25.84 -0.04
CA THR D 424 12.54 25.44 -0.52
C THR D 424 12.47 24.12 -1.31
N VAL D 425 11.64 23.20 -0.84
CA VAL D 425 11.41 21.92 -1.53
C VAL D 425 10.88 22.24 -2.94
N MET D 426 9.91 23.15 -3.03
CA MET D 426 9.35 23.52 -4.32
C MET D 426 10.45 24.09 -5.25
N ALA D 427 11.38 24.88 -4.70
CA ALA D 427 12.49 25.43 -5.48
C ALA D 427 13.38 24.27 -5.97
N GLY D 428 13.62 23.30 -5.09
CA GLY D 428 14.42 22.13 -5.45
C GLY D 428 13.76 21.27 -6.52
N GLU D 429 12.43 21.08 -6.42
CA GLU D 429 11.68 20.31 -7.40
C GLU D 429 11.75 20.97 -8.77
N LEU D 430 11.55 22.28 -8.81
CA LEU D 430 11.59 23.05 -10.05
C LEU D 430 12.92 22.85 -10.78
N SER D 431 14.01 23.02 -10.05
CA SER D 431 15.34 22.91 -10.63
C SER D 431 15.71 21.51 -11.12
N LEU D 432 15.45 20.48 -10.33
CA LEU D 432 15.78 19.13 -10.75
C LEU D 432 14.92 18.67 -11.93
N MET D 433 13.63 18.98 -11.88
CA MET D 433 12.72 18.61 -12.95
C MET D 433 13.14 19.27 -14.25
N ALA D 434 13.59 20.52 -14.17
CA ALA D 434 14.03 21.23 -15.38
C ALA D 434 15.25 20.54 -15.96
N ALA D 435 16.18 20.13 -15.10
CA ALA D 435 17.40 19.44 -15.53
C ALA D 435 17.07 18.09 -16.18
N LEU D 436 16.11 17.36 -15.61
CA LEU D 436 15.73 16.07 -16.16
C LEU D 436 15.01 16.23 -17.48
N ALA D 437 14.21 17.28 -17.59
CA ALA D 437 13.45 17.56 -18.80
C ALA D 437 14.34 18.01 -19.95
N ALA D 438 15.33 18.84 -19.65
CA ALA D 438 16.26 19.36 -20.66
C ALA D 438 17.39 18.39 -21.00
N GLY D 439 17.64 17.44 -20.10
CA GLY D 439 18.73 16.49 -20.33
C GLY D 439 20.09 17.09 -19.96
C10 115 E . -22.42 6.61 -13.40
C15 115 E . -22.62 5.38 -14.02
C14 115 E . -23.17 5.35 -15.33
C13 115 E . -23.51 6.56 -15.97
C12 115 E . -23.30 7.79 -15.32
C11 115 E . -22.75 7.83 -14.03
C8 115 E . -21.82 6.37 -12.04
C9 115 E . -21.74 5.02 -12.01
N1 115 E . -22.23 4.41 -13.25
C83 115 E . -21.96 9.25 -9.53
C82 115 E . -22.36 8.34 -10.51
C81 115 E . -21.44 7.40 -10.99
C86 115 E . -20.12 7.38 -10.49
C85 115 E . -19.74 8.29 -9.51
C84 115 E . -20.66 9.23 -9.03
F1 115 E . -20.28 10.11 -8.07
O1B 115 E . -15.19 5.96 -7.74
O1A 115 E . -15.76 6.49 -9.88
O3 115 E . -18.31 4.61 -7.91
C1 115 E . -15.69 5.65 -8.81
C2 115 E . -16.26 4.27 -9.11
C3 115 E . -17.79 4.22 -9.18
C4 115 E . -18.30 2.81 -9.48
C5 115 E . -19.83 2.73 -9.59
C6 115 E . -20.32 3.40 -10.85
C7 115 E . -21.23 4.36 -10.93
C91 115 E . -22.05 2.93 -13.59
C92 115 E . -23.40 2.23 -13.87
C93 115 E . -21.08 2.74 -14.77
O5 115 E . -20.16 1.37 -9.57
PB ADP F . -13.80 -35.70 10.52
O1B ADP F . -13.80 -34.59 11.55
O2B ADP F . -12.57 -36.65 10.65
O3B ADP F . -15.10 -36.47 10.48
PA ADP F . -14.73 -34.79 7.90
O1A ADP F . -15.53 -36.04 7.59
O2A ADP F . -14.02 -34.20 6.75
O3A ADP F . -13.64 -35.10 9.08
O5' ADP F . -15.71 -33.75 8.61
C5' ADP F . -15.20 -32.47 9.06
C4' ADP F . -16.24 -31.38 9.00
O4' ADP F . -16.17 -30.78 7.63
C3' ADP F . -17.69 -31.86 9.11
O3' ADP F . -18.13 -31.77 10.48
C2' ADP F . -18.48 -30.78 8.29
O2' ADP F . -18.75 -29.55 9.03
C1' ADP F . -17.48 -30.41 7.17
N9 ADP F . -17.72 -31.14 5.85
C8 ADP F . -17.04 -32.19 5.38
N7 ADP F . -17.47 -32.59 4.24
C5 ADP F . -18.52 -31.72 3.93
C6 ADP F . -19.43 -31.60 2.81
N6 ADP F . -19.41 -32.42 1.71
N1 ADP F . -20.35 -30.60 2.86
C2 ADP F . -20.39 -29.80 3.91
N3 ADP F . -19.59 -29.83 4.99
C4 ADP F . -18.67 -30.83 4.94
PB ADP G . -6.23 -36.39 -22.94
O1B ADP G . -7.24 -35.43 -23.53
O2B ADP G . -6.87 -37.35 -21.91
O3B ADP G . -5.42 -37.12 -23.99
PA ADP G . -5.00 -34.02 -21.81
O1A ADP G . -4.93 -33.31 -23.15
O2A ADP G . -3.84 -33.84 -20.91
O3A ADP G . -5.18 -35.62 -22.09
O5' ADP G . -6.38 -33.59 -21.11
C5' ADP G . -6.73 -34.14 -19.82
C4' ADP G . -6.73 -33.08 -18.73
O4' ADP G . -5.55 -32.17 -18.99
C3' ADP G . -7.93 -32.15 -18.74
O3' ADP G . -8.93 -32.63 -17.81
C2' ADP G . -7.35 -30.77 -18.20
O2' ADP G . -7.29 -30.71 -16.74
C1' ADP G . -5.89 -30.80 -18.69
N9 ADP G . -5.64 -29.97 -19.96
C8 ADP G . -5.77 -30.38 -21.22
N7 ADP G . -5.49 -29.45 -22.06
C5 ADP G . -5.15 -28.34 -21.30
C6 ADP G . -4.74 -26.99 -21.59
N6 ADP G . -4.58 -26.52 -22.86
N1 ADP G . -4.48 -26.17 -20.55
C2 ADP G . -4.62 -26.62 -19.32
N3 ADP G . -5.00 -27.85 -18.94
C4 ADP G . -5.25 -28.66 -19.98
C10 115 H . -7.61 -25.55 0.71
C15 115 H . -8.95 -25.27 0.73
C14 115 H . -9.83 -26.10 1.46
C13 115 H . -9.32 -27.22 2.16
C12 115 H . -7.94 -27.49 2.12
C11 115 H . -7.07 -26.66 1.40
C8 115 H . -6.90 -24.53 -0.14
C9 115 H . -7.93 -23.74 -0.52
N1 115 H . -9.21 -24.21 0.03
C83 115 H . -3.40 -25.39 -1.40
C82 115 H . -4.76 -25.49 -1.10
C81 115 H . -5.42 -24.44 -0.46
C86 115 H . -4.70 -23.28 -0.11
C85 115 H . -3.34 -23.18 -0.42
C84 115 H . -2.69 -24.24 -1.06
F1 115 H . -1.36 -24.14 -1.37
O1B 115 H . -3.12 -17.35 0.04
O1A 115 H . -3.91 -19.09 1.29
O3 115 H . -5.05 -19.49 -2.05
C1 115 H . -4.03 -18.10 0.37
C2 115 H . -5.44 -17.99 -0.20
C3 115 H . -5.93 -19.24 -0.94
C4 115 H . -7.36 -19.05 -1.48
C5 115 H . -7.89 -20.28 -2.22
C6 115 H . -8.21 -21.39 -1.25
C7 115 H . -7.73 -22.65 -1.31
C91 115 H . -10.55 -23.57 -0.26
C92 115 H . -11.59 -24.58 -0.74
C93 115 H . -11.06 -22.78 0.95
O5 115 H . -9.04 -19.85 -2.93
C10 115 I . 21.08 16.18 -11.13
C15 115 I . 21.32 17.04 -10.08
C14 115 I . 21.67 18.39 -10.35
C13 115 I . 21.77 18.83 -11.68
C12 115 I . 21.53 17.94 -12.73
C11 115 I . 21.18 16.59 -12.45
C8 115 I . 20.73 14.84 -10.58
C9 115 I . 20.81 15.05 -9.25
N1 115 I . 21.17 16.43 -8.94
C83 115 I . 20.90 11.86 -12.97
C82 115 I . 21.27 13.03 -12.29
C81 115 I . 20.39 13.58 -11.35
C86 115 I . 19.15 12.97 -11.12
C85 115 I . 18.78 11.82 -11.79
C84 115 I . 19.65 11.27 -12.71
F1 115 I . 19.28 10.13 -13.37
O1B 115 I . 14.80 10.03 -8.76
O1A 115 I . 15.25 12.07 -9.66
O3 115 I . 18.05 10.62 -7.80
C1 115 I . 15.27 11.15 -8.65
C2 115 I . 15.93 11.69 -7.39
C3 115 I . 17.47 11.89 -7.54
C4 115 I . 18.11 12.44 -6.25
C5 115 I . 19.60 12.77 -6.41
C6 115 I . 19.80 13.98 -7.29
C7 115 I . 20.56 14.05 -8.37
C91 115 I . 21.28 17.01 -7.52
C92 115 I . 22.64 17.68 -7.28
C93 115 I . 20.12 18.00 -7.23
O5 115 I . 20.11 13.01 -5.11
PB ADP J . 10.12 18.50 22.45
O1B ADP J . 8.69 18.72 22.05
O2B ADP J . 10.59 17.02 22.21
O3B ADP J . 11.08 19.47 21.81
PA ADP J . 11.40 19.40 24.94
O1A ADP J . 12.73 18.78 24.59
O2A ADP J . 10.95 19.25 26.33
O3A ADP J . 10.27 18.70 24.00
O5' ADP J . 11.47 20.96 24.49
C5' ADP J . 10.33 21.86 24.65
C4' ADP J . 10.32 22.41 26.07
O4' ADP J . 10.57 23.90 26.10
C3' ADP J . 9.04 22.19 26.88
O3' ADP J . 9.37 21.72 28.20
C2' ADP J . 8.33 23.59 27.00
O2' ADP J . 7.85 23.86 28.35
C1' ADP J . 9.46 24.62 26.68
N9 ADP J . 9.01 25.80 25.84
C8 ADP J . 9.27 27.08 26.09
N7 ADP J . 8.77 27.88 25.22
C5 ADP J . 8.11 27.05 24.30
C6 ADP J . 7.34 27.28 23.11
N6 ADP J . 7.09 28.53 22.59
N1 ADP J . 6.85 26.20 22.48
C2 ADP J . 7.07 24.99 22.98
N3 ADP J . 7.76 24.68 24.06
C4 ADP J . 8.25 25.76 24.69
C10 115 K . 12.93 6.03 24.73
C15 115 K . 14.22 6.19 24.27
C14 115 K . 15.32 5.80 25.09
C13 115 K . 15.08 5.24 26.35
C12 115 K . 13.76 5.10 26.81
C11 115 K . 12.68 5.49 26.01
C8 115 K . 11.97 6.53 23.69
C9 115 K . 12.82 6.91 22.71
N1 115 K . 14.22 6.69 23.08
C83 115 K . 8.34 7.17 24.78
C82 115 K . 9.75 7.14 24.81
C81 115 K . 10.44 6.57 23.74
C86 115 K . 9.73 6.03 22.66
C85 115 K . 8.34 6.06 22.63
C84 115 K . 7.64 6.62 23.67
F1 115 K . 6.29 6.64 23.64
O1B 115 K . 7.44 4.76 17.56
O1A 115 K . 8.76 3.71 19.10
O3 115 K . 9.31 7.35 18.62
C1 115 K . 8.55 4.56 18.08
C2 115 K . 9.82 5.25 17.62
C3 115 K . 10.31 6.34 18.58
C4 115 K . 11.61 6.99 18.09
C5 115 K . 12.18 8.04 19.06
C6 115 K . 12.80 7.39 20.28
C7 115 K . 12.35 7.44 21.54
C91 115 K . 15.42 7.03 22.21
C92 115 K . 16.41 7.97 22.90
C93 115 K . 16.13 5.74 21.73
O5 115 K . 13.15 8.77 18.35
#